data_6FSA
#
_entry.id   6FSA
#
_cell.length_a   55.118
_cell.length_b   94.319
_cell.length_c   125.411
_cell.angle_alpha   104.76
_cell.angle_beta   92.34
_cell.angle_gamma   100.06
#
_symmetry.space_group_name_H-M   'P 1'
#
loop_
_entity.id
_entity.type
_entity.pdbx_description
1 polymer Myosin-7
2 polymer 'Myosin light chain 3'
3 non-polymer 'MAGNESIUM ION'
4 non-polymer "ADENOSINE-5'-DIPHOSPHATE"
5 non-polymer 'FORMIC ACID'
6 non-polymer 1,2-ETHANEDIOL
7 water water
#
loop_
_entity_poly.entity_id
_entity_poly.type
_entity_poly.pdbx_seq_one_letter_code
_entity_poly.pdbx_strand_id
1 'polypeptide(L)'
;MVDAEMAAFGEAAPYLRKSEKERLEAQTRPFDLKKDVFVPDDKEEFVKATILSREGGKVTAETEHGKTVTVKEDQVLQQN
PPKFDKIEDMAMLTFLHEPAVLYNLKERYASWMIYTYSGLFCVTINPY(MLY)WLPVYNAEVVAAYRGKKRSEAPPHIFS
ISDNAYQYMLTDRENQSILITGESGAGKTVNTKRVIQYFAVIAAIGDRSKKEQATGKGTLEDQIIQANPALEAFGNAKTV
RNDNSSRFGKFIRIHFGATGKLASADIETYLLEKSRVIFQLKAERDYHIFYQILSNKKPELLDMLLITNNPYDYAFISQG
ETTVASIDDAEELMATDNAFDVLGFTTEEKNSMYKLTGAIMHFGNMKFKLKQREEQAEPDGTEEADKSAYLMGLNSADLL
KGLCHPRVKVGNEYVTKGQNVQQVVYAKGALAKAVYERMFNWMVTRINATLETKQPRQYFIGVLDIAGFEIFDFNSFEQL
CINFTNEKLQQFFNHHMFVLEQEEYKKEGIEWEFIDFGMDLQACIDLIEKPMGIMSILEEECMFPKATDMTFKAKLFDNH
LGKSSNFQKPRNIKGKPEAHFSLIHYAGTVDYNIIGWLQKNKDPLNETVVDLYKKSSLKMLSSLFANYAGFDTPIEKGKG
KAKKGSSFQTVSALHRENLNKLMTNLRSTHPHFVRCIIPNETKSPGVIDNPLVMHQLRCNGVLEGIRICRKGFPNRILYG
DFRQRYRILNPAAIPEGQFIDSRKGAEKLLGSLDIDHNQYKFGHTKVFFKAGLLGLLEEMRDERLSRIITRIQAQSRGVL
SRMEFKKLLERRDSLLIIQWNIRAFMGVKNWPWMKLYFKIKPLLKSAETEKEIALMKEEFGRLKEALEKSEARRKELEEK
MVSLLQEKNDLQLQVQAEQDNLADAEERCDQLIKNKIQLEAKVKEMTERLEDEEEMNAELTAKKRKLEDECSELKRDIDD
LELTLAKVEKEKHATENKVKNLTEEMAGLDEIIAKLTKEKKALQEAHQQALDDLQAEEDKVNTLTKAKVKLEQHVDDLEG
SLEQEKKVRMDLERAKRKLEGDLKLTQESIMDLENDKQQLDERLKKKDFELNALNARIEDEQALGSQLQKKLKELQARIE
ELEEELEAERTARAKVEKLRSDLSRELEEISERLEEAGGATSVQIEMNKKREAEFQKMRRDLEEATLQHEATAAALRKKH
ADSVAELSEQIDNLQRVKQKLEKEKSEFKLELDDVTSNMEQIIKAKANLEKMCRTLEDQMNEHRSKAEETQRSVNDLTSQ
RAKLQTENGELSRQLDEKEALISQLTRGKLTYTQQLEDLKRQLEEEVKAKNALAHALQSARHDCDLLREQYEEETEAKAE
LQRVLSKANSEVAQWRTKYETDAIQRTEELEEAKKKLAQRLQDAEEAVEAVNAKCSSLEKTKHRLQNEIEDLMVDVERSN
AAAAALDKKQRNFDKILAEWKQKYEESQSELESSQKEARSLSTELFKLKNAYEESLEHLETFKRENKNLQEEISDLTEQL
GSSGKTIHELEKVRKQLEAEKLELQSALEEAEASLEQEEGKILRAQLEFNQIKAEMERKLAEKDEEMEQAKRNHLRVVDS
LQTSLDAETRSRNEALRVKKKMEGDLNEMEIQLSHANRLAAEAQKQVKSLQSLLKDTQIQLDDAVRANDDLKENIAIVER
RNNLLQAELEELRAVVEQTERSRKLAEQELIETSERVQLLHSQNTSLINQKKKMEADLSQLQTEVEEAVQECRNAEEKAK
KAITDAAMMAEELKKEQDTSAHLERMKKNMEQTIKDLQHRLDEAEQIALKGGKKQLQKLEARVRELENELEAEQKRNAES
VKGMRKSERRIKELTYQTEEDRKNLLRLQDLVDKLQLKVKAYKRQAEEAEEQANTNLSKFRKVQHELDEAEERADIAESQ
VNKLRAKSRDIGTKGLNEE
;
A,B
2 'polypeptide(L)'
;MAPKKPDPKKDEAKAGAKAAAAPAPAPAPPPAPEPSKEPEFDPSKIKIEFTPEQIEEFKEAFTLFDRTPKCEMKITYGQC
GDVLRALGQNPTQAEVLRVLGKPKQEELNSKMMDFDTFLPMLQHISKNKDTGTYEDFVEGLRVFDKEGNGTVMGAELRHV
LATLGEKLTEDEVEKLMAGQEDSNGCINYEAFVKHIMAG
;
D,H
#
# COMPACT_ATOMS: atom_id res chain seq x y z
N VAL A 2 40.02 19.57 -26.05
CA VAL A 2 39.77 20.32 -24.80
C VAL A 2 39.66 21.83 -25.07
N ASP A 3 38.48 22.40 -24.79
CA ASP A 3 38.18 23.81 -24.96
C ASP A 3 38.90 24.65 -23.91
N ALA A 4 39.05 25.95 -24.16
CA ALA A 4 39.73 26.90 -23.27
C ALA A 4 39.17 26.96 -21.85
N GLU A 5 37.82 26.83 -21.70
CA GLU A 5 37.13 26.85 -20.39
C GLU A 5 37.51 25.66 -19.52
N MET A 6 37.99 24.58 -20.18
CA MET A 6 38.39 23.32 -19.56
C MET A 6 39.91 23.14 -19.38
N ALA A 7 40.73 24.08 -19.90
CA ALA A 7 42.19 24.01 -19.82
C ALA A 7 42.73 23.95 -18.38
N ALA A 8 42.07 24.63 -17.42
CA ALA A 8 42.44 24.66 -16.00
C ALA A 8 42.41 23.28 -15.33
N PHE A 9 41.55 22.39 -15.82
CA PHE A 9 41.30 21.06 -15.25
C PHE A 9 42.36 20.01 -15.61
N GLY A 10 43.17 20.27 -16.63
CA GLY A 10 44.25 19.39 -17.04
C GLY A 10 43.77 18.04 -17.51
N GLU A 11 44.36 16.96 -16.99
CA GLU A 11 44.06 15.56 -17.32
C GLU A 11 42.58 15.18 -16.98
N ALA A 12 41.99 15.88 -16.00
CA ALA A 12 40.64 15.67 -15.54
C ALA A 12 39.56 16.12 -16.57
N ALA A 13 39.85 17.18 -17.36
CA ALA A 13 38.95 17.83 -18.32
C ALA A 13 37.92 16.89 -19.02
N PRO A 14 38.29 15.77 -19.71
CA PRO A 14 37.24 14.94 -20.37
C PRO A 14 36.36 14.10 -19.44
N TYR A 15 36.79 13.94 -18.19
CA TYR A 15 36.03 13.18 -17.20
C TYR A 15 35.04 14.10 -16.49
N LEU A 16 35.06 15.40 -16.83
CA LEU A 16 34.24 16.44 -16.22
C LEU A 16 33.30 17.10 -17.19
N ARG A 17 33.77 17.43 -18.41
CA ARG A 17 32.93 18.01 -19.46
C ARG A 17 33.52 17.68 -20.81
N LYS A 18 32.65 17.32 -21.78
CA LYS A 18 33.10 17.03 -23.16
C LYS A 18 33.26 18.36 -23.93
N SER A 19 34.07 18.36 -25.01
CA SER A 19 34.31 19.58 -25.80
C SER A 19 33.07 19.93 -26.63
N GLU A 20 32.91 21.22 -27.00
CA GLU A 20 31.78 21.66 -27.83
C GLU A 20 31.68 20.83 -29.13
N LYS A 21 32.82 20.63 -29.83
CA LYS A 21 32.91 19.81 -31.04
C LYS A 21 32.35 18.40 -30.79
N GLU A 22 32.81 17.73 -29.74
CA GLU A 22 32.43 16.38 -29.30
C GLU A 22 30.94 16.33 -28.95
N ARG A 23 30.41 17.41 -28.36
CA ARG A 23 29.01 17.50 -27.99
C ARG A 23 28.11 17.60 -29.20
N LEU A 24 28.33 18.58 -30.09
CA LEU A 24 27.55 18.76 -31.32
C LEU A 24 27.56 17.51 -32.24
N GLU A 25 28.72 16.84 -32.36
CA GLU A 25 28.85 15.62 -33.16
C GLU A 25 28.10 14.44 -32.55
N ALA A 26 28.09 14.31 -31.21
CA ALA A 26 27.34 13.23 -30.53
C ALA A 26 25.82 13.52 -30.50
N GLN A 27 25.43 14.82 -30.51
CA GLN A 27 24.05 15.30 -30.50
C GLN A 27 23.38 15.32 -31.88
N THR A 28 24.17 15.30 -32.98
CA THR A 28 23.60 15.29 -34.35
C THR A 28 23.05 13.90 -34.62
N ARG A 29 21.73 13.81 -34.54
CA ARG A 29 20.95 12.61 -34.81
C ARG A 29 19.55 13.05 -35.20
N PRO A 30 18.79 12.29 -36.02
CA PRO A 30 17.40 12.71 -36.30
C PRO A 30 16.56 12.61 -35.02
N PHE A 31 15.71 13.62 -34.80
CA PHE A 31 14.87 13.64 -33.62
C PHE A 31 13.52 14.27 -33.93
N ASP A 32 12.45 13.51 -33.65
CA ASP A 32 11.08 13.98 -33.78
C ASP A 32 10.50 14.05 -32.39
N LEU A 33 10.18 15.28 -31.95
CA LEU A 33 9.62 15.59 -30.64
C LEU A 33 8.30 14.87 -30.34
N LYS A 34 7.69 14.26 -31.38
CA LYS A 34 6.43 13.54 -31.30
C LYS A 34 6.52 12.04 -31.62
N LYS A 35 7.67 11.54 -32.10
CA LYS A 35 7.85 10.12 -32.41
C LYS A 35 8.83 9.44 -31.45
N ASP A 36 9.89 10.16 -31.02
CA ASP A 36 10.95 9.67 -30.14
C ASP A 36 10.54 9.76 -28.68
N VAL A 37 10.25 8.59 -28.12
CA VAL A 37 9.71 8.43 -26.77
C VAL A 37 10.43 7.36 -25.93
N PHE A 38 9.90 7.17 -24.73
CA PHE A 38 10.28 6.16 -23.74
C PHE A 38 9.06 5.29 -23.53
N VAL A 39 9.29 3.97 -23.47
CA VAL A 39 8.23 2.99 -23.24
C VAL A 39 8.69 2.08 -22.09
N PRO A 40 7.77 1.53 -21.26
CA PRO A 40 8.21 0.60 -20.20
C PRO A 40 8.86 -0.67 -20.75
N ASP A 41 9.66 -1.36 -19.93
CA ASP A 41 10.33 -2.60 -20.26
C ASP A 41 10.38 -3.48 -19.02
N ASP A 42 10.21 -4.79 -19.22
CA ASP A 42 10.21 -5.77 -18.14
C ASP A 42 11.61 -5.99 -17.57
N LYS A 43 12.63 -6.02 -18.45
CA LYS A 43 14.03 -6.26 -18.07
C LYS A 43 14.87 -4.98 -17.82
N GLU A 44 14.67 -3.95 -18.66
CA GLU A 44 15.41 -2.71 -18.61
C GLU A 44 14.68 -1.53 -17.96
N GLU A 45 13.50 -1.74 -17.37
CA GLU A 45 12.68 -0.69 -16.73
C GLU A 45 11.98 0.24 -17.76
N PHE A 46 12.79 0.84 -18.66
CA PHE A 46 12.39 1.75 -19.75
C PHE A 46 13.36 1.57 -20.90
N VAL A 47 12.87 1.79 -22.12
CA VAL A 47 13.66 1.76 -23.36
C VAL A 47 13.25 2.93 -24.22
N LYS A 48 14.18 3.41 -25.06
CA LYS A 48 13.89 4.46 -26.03
C LYS A 48 13.15 3.77 -27.20
N ALA A 49 12.20 4.50 -27.83
CA ALA A 49 11.42 3.98 -28.95
C ALA A 49 10.96 5.08 -29.88
N THR A 50 10.65 4.71 -31.13
CA THR A 50 10.11 5.60 -32.15
C THR A 50 8.70 5.10 -32.50
N ILE A 51 7.68 5.96 -32.31
CA ILE A 51 6.25 5.68 -32.57
C ILE A 51 5.98 5.38 -34.07
N LEU A 52 5.02 4.45 -34.33
CA LEU A 52 4.62 4.05 -35.68
C LEU A 52 3.13 4.40 -35.92
N SER A 53 2.23 3.90 -35.04
CA SER A 53 0.78 4.13 -35.09
C SER A 53 0.18 4.33 -33.68
N ARG A 54 -0.97 5.01 -33.59
CA ARG A 54 -1.67 5.31 -32.33
C ARG A 54 -3.16 4.94 -32.49
N GLU A 55 -3.43 3.64 -32.74
CA GLU A 55 -4.78 3.12 -33.00
C GLU A 55 -5.52 2.52 -31.79
N GLY A 56 -6.51 3.26 -31.29
CA GLY A 56 -7.41 2.82 -30.22
C GLY A 56 -6.89 2.84 -28.81
N GLY A 57 -6.38 3.99 -28.38
CA GLY A 57 -5.85 4.20 -27.04
C GLY A 57 -4.52 3.54 -26.72
N LYS A 58 -4.00 2.73 -27.66
CA LYS A 58 -2.75 1.98 -27.59
C LYS A 58 -1.77 2.47 -28.68
N VAL A 59 -0.53 2.79 -28.29
CA VAL A 59 0.53 3.25 -29.20
C VAL A 59 1.40 2.06 -29.60
N THR A 60 1.72 1.95 -30.90
CA THR A 60 2.57 0.91 -31.46
C THR A 60 3.90 1.59 -31.82
N ALA A 61 5.03 1.06 -31.30
CA ALA A 61 6.35 1.68 -31.52
C ALA A 61 7.49 0.69 -31.69
N GLU A 62 8.59 1.16 -32.33
CA GLU A 62 9.81 0.37 -32.52
C GLU A 62 10.89 0.88 -31.56
N THR A 63 11.36 0.00 -30.69
CA THR A 63 12.34 0.32 -29.67
C THR A 63 13.76 0.32 -30.23
N GLU A 64 14.74 0.71 -29.39
CA GLU A 64 16.18 0.54 -29.66
C GLU A 64 16.28 -1.01 -29.57
N HIS A 65 17.26 -1.66 -30.19
CA HIS A 65 17.31 -3.14 -30.26
C HIS A 65 16.27 -3.70 -31.27
N GLY A 66 15.68 -2.79 -32.06
CA GLY A 66 14.73 -3.02 -33.16
C GLY A 66 13.44 -3.80 -32.94
N LYS A 67 12.99 -3.95 -31.70
CA LYS A 67 11.76 -4.70 -31.39
C LYS A 67 10.53 -3.81 -31.55
N THR A 68 9.42 -4.42 -31.98
CA THR A 68 8.14 -3.73 -32.19
C THR A 68 7.26 -4.08 -30.99
N VAL A 69 6.71 -3.05 -30.31
CA VAL A 69 5.86 -3.17 -29.11
C VAL A 69 4.58 -2.39 -29.24
N THR A 70 3.60 -2.74 -28.38
CA THR A 70 2.32 -2.05 -28.26
C THR A 70 2.10 -1.80 -26.78
N VAL A 71 1.89 -0.53 -26.40
CA VAL A 71 1.72 -0.09 -25.01
C VAL A 71 0.56 0.92 -24.90
N LYS A 72 0.02 1.12 -23.69
CA LYS A 72 -1.05 2.11 -23.42
C LYS A 72 -0.52 3.52 -23.65
N GLU A 73 -1.39 4.44 -24.10
CA GLU A 73 -1.02 5.83 -24.38
C GLU A 73 -0.44 6.59 -23.18
N ASP A 74 -0.96 6.32 -21.97
CA ASP A 74 -0.50 6.94 -20.72
C ASP A 74 0.89 6.51 -20.35
N GLN A 75 1.24 5.24 -20.68
CA GLN A 75 2.53 4.61 -20.37
C GLN A 75 3.72 5.10 -21.23
N VAL A 76 3.46 5.98 -22.24
CA VAL A 76 4.49 6.55 -23.11
C VAL A 76 4.94 7.88 -22.56
N LEU A 77 6.27 8.05 -22.49
CA LEU A 77 6.88 9.28 -21.99
C LEU A 77 7.73 9.95 -23.05
N GLN A 78 7.79 11.27 -23.02
CA GLN A 78 8.58 12.03 -23.99
C GLN A 78 10.07 12.06 -23.71
N GLN A 79 10.88 12.06 -24.77
CA GLN A 79 12.32 12.18 -24.66
C GLN A 79 12.66 13.66 -24.59
N ASN A 80 13.78 14.00 -23.94
CA ASN A 80 14.26 15.39 -23.97
C ASN A 80 15.03 15.51 -25.28
N PRO A 81 14.96 16.64 -26.01
CA PRO A 81 15.70 16.74 -27.28
C PRO A 81 17.22 16.54 -27.16
N PRO A 82 17.95 16.26 -28.27
CA PRO A 82 19.40 16.03 -28.17
C PRO A 82 20.22 17.17 -27.56
N LYS A 83 19.71 18.40 -27.64
CA LYS A 83 20.22 19.66 -27.04
C LYS A 83 20.57 19.44 -25.55
N PHE A 84 19.75 18.61 -24.87
CA PHE A 84 19.73 18.23 -23.45
C PHE A 84 20.56 16.98 -23.08
N ASP A 85 21.21 16.31 -24.06
CA ASP A 85 22.01 15.12 -23.76
C ASP A 85 23.13 15.41 -22.75
N LYS A 86 23.36 14.45 -21.81
CA LYS A 86 24.41 14.50 -20.78
C LYS A 86 24.46 15.86 -20.06
N ILE A 87 23.29 16.41 -19.76
CA ILE A 87 23.17 17.72 -19.11
C ILE A 87 23.77 17.66 -17.68
N GLU A 88 24.40 18.76 -17.27
CA GLU A 88 25.07 18.93 -15.99
C GLU A 88 24.11 19.04 -14.82
N ASP A 89 23.06 19.83 -14.99
CA ASP A 89 22.01 19.94 -13.98
C ASP A 89 20.67 19.48 -14.58
N MET A 90 20.19 18.33 -14.11
CA MET A 90 18.93 17.73 -14.57
C MET A 90 17.67 18.58 -14.28
N ALA A 91 17.72 19.54 -13.33
CA ALA A 91 16.59 20.47 -13.04
C ALA A 91 16.24 21.31 -14.27
N MET A 92 17.15 21.36 -15.24
CA MET A 92 17.07 22.13 -16.48
C MET A 92 16.40 21.40 -17.63
N LEU A 93 16.15 20.08 -17.46
CA LEU A 93 15.53 19.25 -18.49
C LEU A 93 14.07 19.65 -18.69
N THR A 94 13.56 19.49 -19.93
CA THR A 94 12.17 19.79 -20.25
C THR A 94 11.24 18.77 -19.57
N PHE A 95 11.57 17.48 -19.73
CA PHE A 95 10.84 16.35 -19.14
C PHE A 95 11.70 15.77 -18.01
N LEU A 96 11.15 15.74 -16.79
CA LEU A 96 11.82 15.29 -15.58
C LEU A 96 11.22 14.00 -14.98
N HIS A 97 10.89 13.01 -15.81
CA HIS A 97 10.29 11.76 -15.37
C HIS A 97 11.37 10.68 -15.08
N GLU A 98 10.97 9.43 -14.66
CA GLU A 98 11.93 8.38 -14.33
C GLU A 98 12.96 8.07 -15.45
N PRO A 99 12.56 7.76 -16.73
CA PRO A 99 13.59 7.49 -17.77
C PRO A 99 14.44 8.69 -18.19
N ALA A 100 13.91 9.93 -18.02
CA ALA A 100 14.66 11.16 -18.36
C ALA A 100 15.88 11.31 -17.43
N VAL A 101 15.66 11.07 -16.11
CA VAL A 101 16.70 11.08 -15.06
C VAL A 101 17.68 9.87 -15.28
N LEU A 102 17.14 8.66 -15.43
CA LEU A 102 17.93 7.44 -15.64
C LEU A 102 18.86 7.55 -16.86
N TYR A 103 18.35 7.99 -18.03
CA TYR A 103 19.12 8.09 -19.29
C TYR A 103 20.18 9.17 -19.26
N ASN A 104 19.89 10.38 -18.72
CA ASN A 104 20.87 11.46 -18.58
C ASN A 104 22.05 11.01 -17.71
N LEU A 105 21.77 10.32 -16.59
CA LEU A 105 22.83 9.80 -15.69
C LEU A 105 23.62 8.68 -16.33
N LYS A 106 22.93 7.69 -16.92
CA LYS A 106 23.66 6.55 -17.48
C LYS A 106 24.41 6.91 -18.78
N GLU A 107 24.02 8.00 -19.47
CA GLU A 107 24.68 8.45 -20.70
C GLU A 107 25.97 9.20 -20.39
N ARG A 108 25.99 9.89 -19.24
CA ARG A 108 27.15 10.58 -18.69
C ARG A 108 28.12 9.55 -18.17
N TYR A 109 27.61 8.54 -17.49
CA TYR A 109 28.39 7.46 -16.91
C TYR A 109 29.13 6.67 -17.98
N ALA A 110 28.46 6.41 -19.13
CA ALA A 110 29.04 5.70 -20.29
C ALA A 110 30.26 6.48 -20.83
N SER A 111 30.25 7.82 -20.67
CA SER A 111 31.30 8.78 -21.05
C SER A 111 32.28 9.01 -19.92
N TRP A 112 32.20 8.20 -18.84
CA TRP A 112 33.07 8.28 -17.67
C TRP A 112 32.96 9.62 -16.90
N MET A 113 31.78 10.24 -16.96
CA MET A 113 31.43 11.45 -16.22
C MET A 113 30.50 11.02 -15.11
N ILE A 114 31.09 10.82 -13.92
CA ILE A 114 30.47 10.25 -12.73
C ILE A 114 29.73 11.24 -11.84
N TYR A 115 29.77 12.55 -12.12
CA TYR A 115 29.06 13.55 -11.29
C TYR A 115 28.03 14.30 -12.12
N THR A 116 26.80 14.41 -11.58
CA THR A 116 25.70 15.13 -12.21
C THR A 116 24.93 15.84 -11.12
N TYR A 117 24.40 17.04 -11.39
CA TYR A 117 23.49 17.70 -10.47
C TYR A 117 22.04 17.33 -10.81
N SER A 118 21.16 17.44 -9.84
CA SER A 118 19.69 17.28 -10.01
C SER A 118 19.11 18.26 -8.99
N GLY A 119 18.96 19.52 -9.39
CA GLY A 119 18.53 20.58 -8.48
C GLY A 119 19.64 20.77 -7.47
N LEU A 120 19.34 20.57 -6.18
CA LEU A 120 20.34 20.67 -5.12
C LEU A 120 21.27 19.43 -5.01
N PHE A 121 20.81 18.24 -5.40
CA PHE A 121 21.63 17.02 -5.23
C PHE A 121 22.88 16.92 -6.10
N CYS A 122 24.00 16.41 -5.53
CA CYS A 122 25.18 16.07 -6.30
C CYS A 122 25.10 14.55 -6.41
N VAL A 123 24.72 14.08 -7.57
CA VAL A 123 24.59 12.65 -7.86
C VAL A 123 25.92 12.12 -8.36
N THR A 124 26.34 10.96 -7.81
CA THR A 124 27.56 10.31 -8.24
C THR A 124 27.34 8.78 -8.44
N ILE A 125 27.75 8.26 -9.61
CA ILE A 125 27.67 6.82 -9.87
C ILE A 125 29.07 6.24 -9.75
N ASN A 126 29.22 5.16 -8.97
CA ASN A 126 30.50 4.47 -8.76
C ASN A 126 31.15 3.96 -10.07
N PRO A 127 32.36 4.50 -10.43
CA PRO A 127 33.00 4.05 -11.69
C PRO A 127 33.72 2.70 -11.66
N TYR A 128 34.14 2.23 -10.46
CA TYR A 128 34.90 0.98 -10.26
C TYR A 128 36.21 1.00 -11.05
N TRP A 130 39.67 4.12 -11.11
CA TRP A 130 40.20 5.38 -10.66
C TRP A 130 40.42 6.29 -11.85
N LEU A 131 39.70 7.41 -11.87
CA LEU A 131 39.72 8.44 -12.90
C LEU A 131 40.61 9.59 -12.40
N PRO A 132 41.36 10.29 -13.28
CA PRO A 132 42.25 11.35 -12.80
C PRO A 132 41.55 12.68 -12.46
N VAL A 133 40.49 12.63 -11.61
CA VAL A 133 39.68 13.80 -11.25
C VAL A 133 39.89 14.35 -9.79
N TYR A 134 40.77 13.74 -8.99
CA TYR A 134 40.95 14.16 -7.60
C TYR A 134 42.33 14.77 -7.26
N ASN A 135 43.13 15.07 -8.28
CA ASN A 135 44.49 15.61 -8.10
C ASN A 135 44.53 17.09 -7.67
N ALA A 136 45.74 17.59 -7.30
CA ALA A 136 45.97 18.97 -6.84
C ALA A 136 45.65 20.00 -7.89
N GLU A 137 45.89 19.64 -9.15
CA GLU A 137 45.59 20.41 -10.35
C GLU A 137 44.08 20.70 -10.43
N VAL A 138 43.23 19.72 -10.01
CA VAL A 138 41.76 19.84 -9.98
C VAL A 138 41.33 20.69 -8.78
N VAL A 139 41.95 20.47 -7.58
CA VAL A 139 41.69 21.27 -6.36
C VAL A 139 41.80 22.77 -6.74
N ALA A 140 42.96 23.14 -7.34
CA ALA A 140 43.31 24.48 -7.83
C ALA A 140 42.27 25.04 -8.83
N ALA A 141 41.67 24.16 -9.64
CA ALA A 141 40.69 24.54 -10.66
C ALA A 141 39.28 24.71 -10.10
N TYR A 142 39.03 24.24 -8.84
CA TYR A 142 37.73 24.40 -8.16
C TYR A 142 37.71 25.53 -7.15
N ARG A 143 38.89 26.01 -6.74
CA ARG A 143 39.00 27.08 -5.73
C ARG A 143 38.23 28.35 -6.07
N GLY A 144 37.29 28.71 -5.20
CA GLY A 144 36.49 29.92 -5.28
C GLY A 144 35.42 30.02 -6.33
N LYS A 145 35.21 28.95 -7.09
CA LYS A 145 34.16 28.88 -8.10
C LYS A 145 32.79 28.49 -7.52
N LYS A 146 31.75 29.12 -8.05
CA LYS A 146 30.35 28.81 -7.73
C LYS A 146 30.03 27.54 -8.53
N ARG A 147 28.95 26.84 -8.14
CA ARG A 147 28.53 25.60 -8.75
C ARG A 147 28.45 25.68 -10.27
N SER A 148 27.79 26.72 -10.80
CA SER A 148 27.59 26.91 -12.23
C SER A 148 28.88 27.31 -12.98
N GLU A 149 29.93 27.76 -12.25
CA GLU A 149 31.19 28.17 -12.87
C GLU A 149 32.15 27.01 -13.22
N ALA A 150 31.79 25.76 -12.95
CA ALA A 150 32.62 24.60 -13.32
C ALA A 150 31.72 23.40 -13.52
N PRO A 151 32.21 22.28 -14.15
CA PRO A 151 31.36 21.08 -14.29
C PRO A 151 31.02 20.41 -12.94
N PRO A 152 30.00 19.50 -12.84
CA PRO A 152 29.75 18.84 -11.55
C PRO A 152 30.95 18.06 -11.01
N HIS A 153 31.16 18.11 -9.67
CA HIS A 153 32.21 17.43 -8.96
C HIS A 153 31.93 17.58 -7.48
N ILE A 154 32.40 16.61 -6.67
CA ILE A 154 32.34 16.65 -5.21
C ILE A 154 33.12 17.85 -4.63
N PHE A 155 34.23 18.30 -5.31
CA PHE A 155 35.08 19.45 -4.93
C PHE A 155 34.31 20.78 -4.94
N SER A 156 33.23 20.85 -5.75
CA SER A 156 32.35 22.00 -5.85
C SER A 156 31.52 22.12 -4.59
N ILE A 157 31.08 20.98 -4.03
CA ILE A 157 30.28 20.90 -2.83
C ILE A 157 31.15 21.33 -1.65
N SER A 158 32.37 20.76 -1.57
CA SER A 158 33.39 21.01 -0.55
C SER A 158 33.79 22.47 -0.55
N ASP A 159 34.15 23.01 -1.72
CA ASP A 159 34.59 24.40 -1.82
C ASP A 159 33.48 25.40 -1.52
N ASN A 160 32.26 25.14 -2.02
CA ASN A 160 31.11 26.02 -1.77
C ASN A 160 30.65 26.01 -0.32
N ALA A 161 30.70 24.85 0.34
CA ALA A 161 30.33 24.75 1.75
C ALA A 161 31.30 25.63 2.57
N TYR A 162 32.61 25.52 2.27
CA TYR A 162 33.68 26.29 2.89
C TYR A 162 33.50 27.80 2.63
N GLN A 163 33.23 28.19 1.37
CA GLN A 163 32.99 29.58 1.00
C GLN A 163 31.73 30.18 1.63
N TYR A 164 30.60 29.44 1.64
CA TYR A 164 29.35 29.83 2.28
C TYR A 164 29.56 30.05 3.77
N MET A 165 30.35 29.17 4.42
CA MET A 165 30.64 29.29 5.82
C MET A 165 31.28 30.65 6.10
N LEU A 166 32.31 31.04 5.30
CA LEU A 166 33.04 32.30 5.44
C LEU A 166 32.19 33.53 5.09
N THR A 167 31.40 33.44 4.02
CA THR A 167 30.59 34.54 3.49
C THR A 167 29.31 34.77 4.30
N ASP A 168 28.53 33.70 4.56
CA ASP A 168 27.26 33.78 5.29
C ASP A 168 27.43 33.66 6.80
N ARG A 169 28.67 33.47 7.28
CA ARG A 169 28.98 33.30 8.70
C ARG A 169 28.04 32.27 9.35
N GLU A 170 28.02 31.02 8.84
CA GLU A 170 27.19 29.97 9.42
C GLU A 170 27.66 28.54 9.15
N ASN A 171 27.26 27.61 10.05
CA ASN A 171 27.55 26.19 9.93
C ASN A 171 26.95 25.60 8.66
N GLN A 172 27.60 24.53 8.22
CA GLN A 172 27.25 23.80 7.00
C GLN A 172 27.25 22.33 7.29
N SER A 173 26.53 21.57 6.46
CA SER A 173 26.52 20.12 6.52
C SER A 173 26.56 19.55 5.11
N ILE A 174 27.20 18.41 4.93
CA ILE A 174 27.28 17.68 3.65
C ILE A 174 26.73 16.29 3.98
N LEU A 175 25.55 15.99 3.45
CA LEU A 175 24.84 14.77 3.74
C LEU A 175 25.07 13.78 2.60
N ILE A 176 25.83 12.72 2.88
CA ILE A 176 26.27 11.68 1.91
C ILE A 176 25.59 10.34 2.24
N THR A 177 24.61 9.95 1.42
CA THR A 177 23.87 8.69 1.59
C THR A 177 24.04 7.83 0.35
N GLY A 178 23.50 6.63 0.43
CA GLY A 178 23.62 5.64 -0.63
C GLY A 178 23.79 4.27 -0.02
N GLU A 179 23.63 3.26 -0.86
CA GLU A 179 23.70 1.86 -0.46
C GLU A 179 25.15 1.45 -0.26
N SER A 180 25.38 0.21 0.19
CA SER A 180 26.72 -0.35 0.36
C SER A 180 27.32 -0.54 -1.03
N GLY A 181 28.55 -0.04 -1.19
CA GLY A 181 29.32 -0.09 -2.42
C GLY A 181 29.01 1.04 -3.38
N ALA A 182 28.21 2.03 -2.96
CA ALA A 182 27.85 3.18 -3.79
C ALA A 182 28.94 4.26 -3.88
N GLY A 183 29.78 4.38 -2.85
CA GLY A 183 30.88 5.34 -2.85
C GLY A 183 30.91 6.37 -1.74
N LYS A 184 30.09 6.20 -0.65
CA LYS A 184 30.05 7.17 0.46
C LYS A 184 31.42 7.41 1.08
N THR A 185 32.20 6.34 1.34
CA THR A 185 33.53 6.40 1.96
C THR A 185 34.50 7.17 1.09
N VAL A 186 34.52 6.82 -0.20
CA VAL A 186 35.37 7.45 -1.19
C VAL A 186 35.11 8.97 -1.20
N ASN A 187 33.85 9.40 -1.23
CA ASN A 187 33.48 10.81 -1.29
C ASN A 187 33.62 11.54 0.04
N THR A 188 33.42 10.84 1.18
CA THR A 188 33.60 11.43 2.52
C THR A 188 35.06 11.79 2.71
N LYS A 189 35.95 10.87 2.34
CA LYS A 189 37.41 11.02 2.37
C LYS A 189 37.88 12.15 1.51
N ARG A 190 37.36 12.28 0.27
CA ARG A 190 37.72 13.34 -0.65
C ARG A 190 37.32 14.76 -0.11
N VAL A 191 36.13 14.87 0.49
CA VAL A 191 35.59 16.08 1.13
C VAL A 191 36.48 16.52 2.30
N ILE A 192 36.91 15.56 3.15
CA ILE A 192 37.71 15.82 4.35
C ILE A 192 39.15 16.20 3.95
N GLN A 193 39.73 15.47 3.00
CA GLN A 193 41.07 15.78 2.47
C GLN A 193 41.04 17.18 1.85
N TYR A 194 39.95 17.53 1.13
CA TYR A 194 39.80 18.85 0.51
C TYR A 194 39.91 19.93 1.55
N PHE A 195 39.17 19.83 2.67
CA PHE A 195 39.21 20.81 3.78
C PHE A 195 40.58 20.91 4.42
N ALA A 196 41.31 19.78 4.56
CA ALA A 196 42.66 19.75 5.15
C ALA A 196 43.68 20.48 4.22
N VAL A 197 43.47 20.37 2.90
CA VAL A 197 44.27 20.99 1.85
C VAL A 197 44.04 22.54 1.82
N ILE A 198 42.79 22.99 1.99
CA ILE A 198 42.45 24.40 1.80
C ILE A 198 42.23 25.21 3.10
N ALA A 199 41.94 24.58 4.25
CA ALA A 199 41.70 25.36 5.48
C ALA A 199 42.91 26.18 5.88
N ALA A 200 42.62 27.37 6.46
CA ALA A 200 43.64 28.27 6.98
C ALA A 200 44.33 27.61 8.18
N ILE A 201 45.55 28.05 8.49
CA ILE A 201 46.24 27.51 9.66
C ILE A 201 45.99 28.41 10.89
N GLY A 202 45.48 27.80 11.95
CA GLY A 202 45.19 28.46 13.22
C GLY A 202 46.35 28.40 14.20
N ASP A 203 46.05 28.59 15.51
CA ASP A 203 47.03 28.55 16.61
C ASP A 203 47.57 27.13 16.83
N ARG A 204 48.88 26.93 16.51
CA ARG A 204 49.53 25.63 16.58
C ARG A 204 50.33 25.39 17.88
N SER A 205 50.37 26.38 18.81
CA SER A 205 51.09 26.25 20.09
C SER A 205 50.47 25.12 21.00
N LYS A 206 51.33 24.16 21.38
CA LYS A 206 51.06 22.94 22.13
C LYS A 206 50.33 23.13 23.47
N LYS A 207 49.13 22.51 23.61
CA LYS A 207 48.32 22.52 24.84
C LYS A 207 48.94 21.57 25.88
N GLU A 208 48.57 21.74 27.16
CA GLU A 208 49.10 20.98 28.30
C GLU A 208 48.96 19.44 28.15
N GLN A 209 47.73 18.93 27.93
CA GLN A 209 47.50 17.49 27.78
C GLN A 209 47.36 17.10 26.28
N ALA A 210 48.17 17.76 25.40
CA ALA A 210 48.17 17.52 23.96
C ALA A 210 48.96 16.29 23.56
N THR A 211 48.28 15.35 22.90
CA THR A 211 48.82 14.09 22.40
C THR A 211 48.76 14.09 20.85
N GLY A 212 49.45 13.13 20.24
CA GLY A 212 49.45 12.99 18.79
C GLY A 212 50.67 13.52 18.10
N LYS A 213 50.90 13.00 16.87
CA LYS A 213 51.99 13.32 15.95
C LYS A 213 51.48 14.23 14.83
N GLY A 214 52.28 15.22 14.46
CA GLY A 214 51.98 16.15 13.39
C GLY A 214 50.89 17.16 13.70
N THR A 215 50.20 17.58 12.65
CA THR A 215 49.14 18.60 12.66
C THR A 215 47.72 18.04 12.76
N LEU A 216 46.74 18.93 13.15
CA LEU A 216 45.31 18.57 13.18
C LEU A 216 44.85 18.02 11.79
N GLU A 217 45.40 18.54 10.67
CA GLU A 217 45.12 18.06 9.32
C GLU A 217 45.49 16.55 9.26
N ASP A 218 46.73 16.21 9.64
CA ASP A 218 47.25 14.85 9.69
C ASP A 218 46.35 13.97 10.52
N GLN A 219 45.98 14.46 11.73
CA GLN A 219 45.20 13.69 12.70
C GLN A 219 43.78 13.42 12.25
N ILE A 220 43.06 14.45 11.79
CA ILE A 220 41.74 14.25 11.23
C ILE A 220 41.76 13.11 10.18
N ILE A 221 42.74 13.12 9.26
CA ILE A 221 42.85 12.12 8.18
C ILE A 221 43.24 10.71 8.72
N GLN A 222 44.03 10.66 9.81
CA GLN A 222 44.43 9.39 10.41
C GLN A 222 43.31 8.72 11.22
N ALA A 223 42.20 9.41 11.50
CA ALA A 223 41.01 8.90 12.22
C ALA A 223 40.31 7.81 11.43
N ASN A 224 40.26 7.95 10.08
CA ASN A 224 39.63 7.00 9.19
C ASN A 224 40.34 5.59 9.23
N PRO A 225 41.66 5.37 8.98
CA PRO A 225 42.19 4.00 9.15
C PRO A 225 41.96 3.35 10.53
N ALA A 226 41.90 4.15 11.62
CA ALA A 226 41.67 3.66 12.98
C ALA A 226 40.24 3.10 13.13
N LEU A 227 39.22 3.91 12.73
CA LEU A 227 37.81 3.55 12.76
C LEU A 227 37.51 2.41 11.82
N GLU A 228 38.18 2.37 10.66
CA GLU A 228 38.02 1.33 9.63
C GLU A 228 38.44 -0.05 10.09
N ALA A 229 39.46 -0.17 10.94
CA ALA A 229 39.93 -1.48 11.43
C ALA A 229 38.90 -2.20 12.28
N PHE A 230 38.18 -1.42 13.11
CA PHE A 230 37.18 -1.91 14.08
C PHE A 230 35.74 -1.76 13.67
N GLY A 231 35.45 -0.85 12.76
CA GLY A 231 34.10 -0.62 12.28
C GLY A 231 33.80 -1.05 10.86
N ASN A 232 34.85 -1.33 10.04
CA ASN A 232 34.67 -1.76 8.64
C ASN A 232 34.87 -3.24 8.49
N ALA A 233 34.13 -3.86 7.53
CA ALA A 233 34.16 -5.30 7.22
C ALA A 233 33.86 -5.60 5.74
N LYS A 234 34.28 -6.83 5.27
CA LYS A 234 34.00 -7.28 3.91
C LYS A 234 32.62 -7.90 3.91
N THR A 235 31.76 -7.37 3.06
CA THR A 235 30.39 -7.86 2.89
C THR A 235 30.24 -8.22 1.37
N VAL A 236 29.11 -8.81 0.99
CA VAL A 236 28.86 -9.15 -0.41
C VAL A 236 28.93 -7.85 -1.28
N ARG A 237 28.27 -6.77 -0.82
CA ARG A 237 28.22 -5.50 -1.55
C ARG A 237 29.55 -4.73 -1.64
N ASN A 238 30.38 -4.79 -0.59
CA ASN A 238 31.62 -4.01 -0.54
C ASN A 238 32.67 -4.68 0.30
N ASP A 239 33.92 -4.71 -0.23
CA ASP A 239 35.10 -5.28 0.42
C ASP A 239 35.54 -4.47 1.65
N ASN A 240 35.14 -3.18 1.71
CA ASN A 240 35.49 -2.28 2.79
C ASN A 240 34.25 -1.49 3.20
N SER A 241 33.24 -2.22 3.64
CA SER A 241 31.97 -1.67 4.08
C SER A 241 32.04 -1.15 5.50
N SER A 242 31.57 0.10 5.69
CA SER A 242 31.38 0.77 6.98
C SER A 242 30.10 0.19 7.60
N ARG A 243 30.24 -0.49 8.75
CA ARG A 243 29.14 -1.14 9.47
C ARG A 243 28.63 -0.26 10.60
N PHE A 244 28.80 1.05 10.43
CA PHE A 244 28.36 2.09 11.38
C PHE A 244 28.11 3.35 10.59
N GLY A 245 27.31 4.23 11.14
CA GLY A 245 27.03 5.55 10.54
C GLY A 245 27.91 6.55 11.21
N LYS A 246 28.34 7.57 10.49
CA LYS A 246 29.21 8.54 11.13
C LYS A 246 28.92 9.99 10.72
N PHE A 247 29.01 10.87 11.71
CA PHE A 247 28.86 12.30 11.54
C PHE A 247 30.15 12.97 12.07
N ILE A 248 30.94 13.56 11.17
N ILE A 248 30.94 13.58 11.17
CA ILE A 248 32.16 14.28 11.56
CA ILE A 248 32.19 14.28 11.53
C ILE A 248 31.91 15.79 11.46
C ILE A 248 31.96 15.80 11.44
N ARG A 249 32.03 16.52 12.58
CA ARG A 249 31.87 17.99 12.57
C ARG A 249 33.30 18.55 12.56
N ILE A 250 33.67 19.26 11.48
CA ILE A 250 35.01 19.88 11.40
C ILE A 250 34.80 21.33 11.80
N HIS A 251 35.39 21.71 12.95
CA HIS A 251 35.30 23.05 13.53
C HIS A 251 36.37 23.97 12.96
N PHE A 252 35.95 25.19 12.63
CA PHE A 252 36.76 26.25 12.07
C PHE A 252 36.57 27.47 12.95
N GLY A 253 37.70 28.09 13.26
CA GLY A 253 37.70 29.33 14.00
C GLY A 253 37.48 30.44 13.00
N ALA A 254 37.91 31.66 13.36
CA ALA A 254 37.82 32.87 12.52
C ALA A 254 38.59 32.64 11.22
N THR A 255 38.08 33.15 10.07
CA THR A 255 38.78 33.10 8.77
C THR A 255 39.07 31.66 8.21
N GLY A 256 38.24 30.68 8.52
CA GLY A 256 38.48 29.33 7.98
C GLY A 256 39.67 28.56 8.50
N LYS A 257 40.10 28.90 9.72
CA LYS A 257 41.25 28.35 10.43
C LYS A 257 40.85 27.03 11.06
N LEU A 258 41.46 25.91 10.64
CA LEU A 258 41.08 24.58 11.14
C LEU A 258 41.31 24.53 12.66
N ALA A 259 40.22 24.33 13.46
CA ALA A 259 40.27 24.45 14.93
C ALA A 259 40.26 23.12 15.70
N SER A 260 39.32 22.24 15.37
CA SER A 260 39.15 20.94 15.99
C SER A 260 38.18 20.10 15.13
N ALA A 261 37.95 18.85 15.54
CA ALA A 261 37.01 17.92 14.91
C ALA A 261 36.44 16.98 15.92
N ASP A 262 35.20 16.53 15.70
CA ASP A 262 34.57 15.52 16.54
C ASP A 262 33.70 14.56 15.71
N ILE A 263 33.81 13.27 16.03
CA ILE A 263 33.08 12.19 15.37
C ILE A 263 32.00 11.58 16.30
N GLU A 264 30.78 11.41 15.77
CA GLU A 264 29.63 10.68 16.37
C GLU A 264 29.35 9.43 15.49
N THR A 265 29.31 8.24 16.07
CA THR A 265 29.05 6.96 15.38
C THR A 265 27.65 6.47 15.71
N TYR A 266 27.06 5.69 14.80
CA TYR A 266 25.69 5.22 14.95
C TYR A 266 25.50 3.78 14.49
N LEU A 267 24.63 3.05 15.20
CA LEU A 267 24.18 1.70 14.89
C LEU A 267 25.29 0.78 14.36
N LEU A 268 26.35 0.59 15.15
CA LEU A 268 27.43 -0.30 14.79
C LEU A 268 26.85 -1.74 14.79
N GLU A 269 27.13 -2.51 13.73
CA GLU A 269 26.65 -3.88 13.59
C GLU A 269 27.38 -4.83 14.57
N LYS A 270 26.99 -4.83 15.86
CA LYS A 270 27.56 -5.70 16.92
C LYS A 270 27.52 -7.20 16.53
N SER A 271 26.41 -7.67 15.90
CA SER A 271 26.21 -9.06 15.47
C SER A 271 27.39 -9.65 14.67
N ARG A 272 28.13 -8.81 13.93
CA ARG A 272 29.27 -9.23 13.10
C ARG A 272 30.45 -9.75 13.89
N VAL A 273 30.66 -9.25 15.13
CA VAL A 273 31.78 -9.66 16.00
C VAL A 273 31.84 -11.20 16.11
N ILE A 274 30.66 -11.81 16.32
CA ILE A 274 30.49 -13.24 16.59
C ILE A 274 29.82 -14.05 15.41
N PHE A 275 29.26 -13.36 14.42
CA PHE A 275 28.58 -14.00 13.30
C PHE A 275 28.94 -13.45 11.94
N GLN A 276 29.08 -14.32 10.94
CA GLN A 276 29.33 -13.90 9.53
C GLN A 276 28.52 -14.76 8.60
N LEU A 277 27.91 -14.12 7.58
CA LEU A 277 27.22 -14.82 6.50
C LEU A 277 28.33 -15.50 5.71
N LYS A 278 28.03 -16.62 5.05
CA LYS A 278 28.99 -17.45 4.30
C LYS A 278 29.94 -16.66 3.35
N ALA A 279 29.46 -15.59 2.72
CA ALA A 279 30.26 -14.80 1.77
C ALA A 279 30.79 -13.50 2.40
N GLU A 280 30.89 -13.45 3.74
CA GLU A 280 31.33 -12.23 4.43
C GLU A 280 32.35 -12.50 5.48
N ARG A 281 33.13 -11.46 5.85
CA ARG A 281 34.12 -11.49 6.93
C ARG A 281 33.60 -10.68 8.12
N ASP A 282 34.34 -10.83 9.25
CA ASP A 282 34.16 -10.09 10.49
C ASP A 282 34.95 -8.77 10.29
N TYR A 283 34.97 -7.88 11.30
CA TYR A 283 35.74 -6.64 11.24
C TYR A 283 37.20 -6.89 10.84
N HIS A 284 37.77 -5.97 10.04
CA HIS A 284 39.14 -6.04 9.49
C HIS A 284 40.23 -6.39 10.53
N ILE A 285 40.17 -5.77 11.72
CA ILE A 285 41.15 -5.91 12.80
C ILE A 285 41.61 -7.37 13.05
N PHE A 286 40.70 -8.33 13.10
CA PHE A 286 41.00 -9.75 13.37
C PHE A 286 42.01 -10.35 12.39
N TYR A 287 41.81 -10.08 11.09
CA TYR A 287 42.65 -10.55 9.99
C TYR A 287 43.93 -9.73 9.88
N GLN A 288 43.88 -8.47 10.36
CA GLN A 288 45.03 -7.58 10.40
C GLN A 288 46.00 -8.15 11.43
N ILE A 289 45.50 -8.51 12.62
CA ILE A 289 46.34 -9.11 13.66
C ILE A 289 46.89 -10.48 13.21
N LEU A 290 46.01 -11.37 12.69
CA LEU A 290 46.39 -12.72 12.25
C LEU A 290 47.37 -12.75 11.07
N SER A 291 47.60 -11.60 10.38
CA SER A 291 48.54 -11.50 9.24
C SER A 291 49.99 -11.86 9.62
N ASN A 292 50.33 -11.76 10.92
CA ASN A 292 51.65 -12.00 11.51
C ASN A 292 52.70 -10.98 11.02
N LYS A 293 52.22 -9.77 10.63
CA LYS A 293 53.08 -8.66 10.20
C LYS A 293 53.80 -8.08 11.44
N LYS A 294 53.11 -8.11 12.61
CA LYS A 294 53.66 -7.72 13.91
C LYS A 294 53.59 -9.00 14.74
N PRO A 295 54.62 -9.91 14.62
CA PRO A 295 54.56 -11.20 15.33
C PRO A 295 54.42 -11.14 16.83
N GLU A 296 54.90 -10.05 17.46
CA GLU A 296 54.80 -9.84 18.90
C GLU A 296 53.36 -9.81 19.37
N LEU A 297 52.40 -9.48 18.47
CA LEU A 297 50.96 -9.45 18.78
C LEU A 297 50.35 -10.85 18.96
N LEU A 298 50.82 -11.86 18.19
CA LEU A 298 50.33 -13.25 18.29
C LEU A 298 50.77 -13.81 19.62
N ASP A 299 52.01 -13.54 20.01
CA ASP A 299 52.61 -13.93 21.29
C ASP A 299 51.86 -13.26 22.46
N MET A 300 51.46 -11.97 22.30
CA MET A 300 50.76 -11.20 23.33
C MET A 300 49.31 -11.67 23.53
N LEU A 301 48.62 -12.07 22.44
CA LEU A 301 47.21 -12.51 22.53
C LEU A 301 47.09 -14.02 22.64
N LEU A 302 48.24 -14.72 22.66
CA LEU A 302 48.33 -16.18 22.81
C LEU A 302 47.48 -16.82 21.73
N ILE A 303 47.66 -16.35 20.49
CA ILE A 303 46.89 -16.82 19.34
C ILE A 303 47.80 -17.46 18.30
N THR A 304 47.21 -18.29 17.44
CA THR A 304 47.89 -18.89 16.27
C THR A 304 47.77 -17.86 15.14
N ASN A 305 48.31 -18.15 13.96
CA ASN A 305 48.19 -17.27 12.80
C ASN A 305 47.04 -17.70 11.87
N ASN A 306 46.19 -18.64 12.31
CA ASN A 306 45.08 -19.16 11.51
C ASN A 306 43.70 -18.69 11.91
N PRO A 307 42.99 -17.96 11.01
CA PRO A 307 41.63 -17.52 11.30
C PRO A 307 40.64 -18.66 11.55
N TYR A 308 40.92 -19.84 10.95
CA TYR A 308 40.05 -21.02 11.08
C TYR A 308 40.13 -21.67 12.45
N ASP A 309 41.11 -21.26 13.25
CA ASP A 309 41.23 -21.77 14.63
C ASP A 309 40.26 -21.00 15.56
N TYR A 310 39.60 -19.95 15.05
CA TYR A 310 38.72 -19.12 15.84
C TYR A 310 37.33 -19.07 15.23
N ALA A 311 36.37 -19.74 15.94
CA ALA A 311 34.96 -19.90 15.58
C ALA A 311 34.18 -18.59 15.35
N PHE A 312 34.55 -17.49 16.03
CA PHE A 312 33.85 -16.21 15.85
C PHE A 312 34.12 -15.50 14.52
N ILE A 313 35.27 -15.75 13.90
CA ILE A 313 35.76 -15.00 12.74
C ILE A 313 35.93 -15.80 11.43
N SER A 314 35.68 -17.12 11.46
CA SER A 314 35.92 -17.97 10.28
C SER A 314 34.66 -18.65 9.69
N GLN A 315 33.43 -18.17 10.04
CA GLN A 315 32.16 -18.71 9.55
C GLN A 315 31.87 -18.43 8.06
N GLY A 316 32.45 -17.39 7.49
CA GLY A 316 32.29 -17.07 6.08
C GLY A 316 33.61 -17.07 5.35
N GLU A 317 34.03 -15.90 4.95
CA GLU A 317 35.30 -15.69 4.29
C GLU A 317 36.34 -15.17 5.27
N THR A 318 37.61 -15.28 4.87
CA THR A 318 38.77 -14.99 5.70
C THR A 318 39.77 -14.09 4.96
N THR A 319 39.70 -14.06 3.64
CA THR A 319 40.60 -13.30 2.77
C THR A 319 39.79 -12.42 1.82
N VAL A 320 40.36 -11.25 1.44
CA VAL A 320 39.73 -10.29 0.53
C VAL A 320 40.69 -10.00 -0.60
N ALA A 321 40.16 -10.00 -1.84
CA ALA A 321 40.89 -9.74 -3.08
C ALA A 321 41.67 -8.42 -3.04
N SER A 322 40.95 -7.34 -2.76
CA SER A 322 41.43 -5.96 -2.70
C SER A 322 42.19 -5.59 -1.43
N ILE A 323 42.16 -6.43 -0.38
CA ILE A 323 42.79 -6.13 0.90
C ILE A 323 44.03 -6.96 1.21
N ASP A 324 45.12 -6.25 1.50
CA ASP A 324 46.38 -6.76 2.01
C ASP A 324 46.33 -6.43 3.50
N ASP A 325 45.93 -7.42 4.31
CA ASP A 325 45.74 -7.28 5.77
C ASP A 325 47.03 -6.94 6.53
N ALA A 326 48.18 -7.38 6.00
CA ALA A 326 49.51 -7.14 6.58
C ALA A 326 49.83 -5.62 6.53
N GLU A 327 49.65 -5.01 5.34
CA GLU A 327 49.86 -3.59 5.10
C GLU A 327 48.89 -2.74 5.88
N GLU A 328 47.69 -3.27 6.08
CA GLU A 328 46.57 -2.67 6.76
C GLU A 328 46.81 -2.63 8.27
N LEU A 329 47.43 -3.67 8.85
CA LEU A 329 47.79 -3.66 10.26
C LEU A 329 48.81 -2.53 10.50
N MET A 330 49.82 -2.40 9.60
CA MET A 330 50.83 -1.34 9.66
C MET A 330 50.14 0.05 9.75
N ALA A 331 49.22 0.34 8.79
CA ALA A 331 48.44 1.57 8.72
C ALA A 331 47.56 1.80 9.95
N THR A 332 46.94 0.73 10.50
CA THR A 332 46.08 0.85 11.69
C THR A 332 46.91 1.27 12.91
N ASP A 333 48.02 0.56 13.16
CA ASP A 333 48.91 0.81 14.28
C ASP A 333 49.49 2.22 14.24
N ASN A 334 49.81 2.71 13.01
CA ASN A 334 50.32 4.03 12.70
C ASN A 334 49.31 5.11 13.03
N ALA A 335 48.04 4.89 12.65
CA ALA A 335 46.94 5.84 12.93
C ALA A 335 46.82 6.09 14.43
N PHE A 336 46.91 5.01 15.26
CA PHE A 336 46.81 5.11 16.72
C PHE A 336 47.91 5.92 17.31
N ASP A 337 49.16 5.78 16.78
CA ASP A 337 50.32 6.57 17.21
C ASP A 337 50.20 8.06 16.83
N VAL A 338 49.73 8.34 15.61
CA VAL A 338 49.48 9.69 15.12
C VAL A 338 48.39 10.32 15.99
N LEU A 339 47.36 9.54 16.32
CA LEU A 339 46.25 10.00 17.16
C LEU A 339 46.56 10.06 18.67
N GLY A 340 47.79 9.76 19.03
CA GLY A 340 48.28 9.87 20.39
C GLY A 340 47.91 8.80 21.36
N PHE A 341 47.48 7.62 20.88
CA PHE A 341 47.17 6.49 21.76
C PHE A 341 48.51 6.00 22.34
N THR A 342 48.51 5.61 23.62
CA THR A 342 49.72 5.11 24.31
C THR A 342 49.94 3.62 24.02
N THR A 343 51.13 3.10 24.35
CA THR A 343 51.43 1.68 24.19
C THR A 343 50.43 0.83 24.98
N GLU A 344 50.06 1.29 26.18
CA GLU A 344 49.11 0.61 27.05
C GLU A 344 47.73 0.52 26.40
N GLU A 345 47.21 1.66 25.88
CA GLU A 345 45.92 1.78 25.20
C GLU A 345 45.84 0.86 23.96
N LYS A 346 46.86 0.87 23.12
CA LYS A 346 46.97 0.07 21.89
C LYS A 346 47.00 -1.43 22.21
N ASN A 347 47.92 -1.84 23.11
CA ASN A 347 48.04 -3.23 23.55
C ASN A 347 46.77 -3.74 24.22
N SER A 348 46.07 -2.87 25.00
CA SER A 348 44.81 -3.20 25.66
C SER A 348 43.72 -3.53 24.65
N MET A 349 43.61 -2.73 23.55
CA MET A 349 42.66 -2.93 22.44
C MET A 349 42.96 -4.26 21.75
N TYR A 350 44.24 -4.52 21.42
CA TYR A 350 44.68 -5.78 20.82
C TYR A 350 44.35 -6.96 21.72
N LYS A 351 44.64 -6.86 23.06
CA LYS A 351 44.37 -7.91 24.06
C LYS A 351 42.89 -8.21 24.16
N LEU A 352 42.06 -7.17 24.20
CA LEU A 352 40.60 -7.31 24.25
C LEU A 352 40.05 -7.93 22.96
N THR A 353 40.76 -7.73 21.83
CA THR A 353 40.38 -8.30 20.53
C THR A 353 40.72 -9.81 20.51
N GLY A 354 41.88 -10.15 21.06
CA GLY A 354 42.36 -11.52 21.20
C GLY A 354 41.50 -12.32 22.14
N ALA A 355 41.02 -11.67 23.21
CA ALA A 355 40.16 -12.24 24.26
C ALA A 355 38.80 -12.66 23.67
N ILE A 356 38.21 -11.81 22.80
CA ILE A 356 36.98 -12.05 22.06
C ILE A 356 37.14 -13.34 21.21
N MET A 357 38.29 -13.49 20.54
CA MET A 357 38.62 -14.68 19.72
C MET A 357 38.58 -15.95 20.56
N HIS A 358 39.24 -15.96 21.75
CA HIS A 358 39.27 -17.13 22.64
C HIS A 358 37.91 -17.41 23.23
N PHE A 359 37.09 -16.34 23.48
CA PHE A 359 35.74 -16.44 24.01
C PHE A 359 34.87 -17.37 23.17
N GLY A 360 34.97 -17.25 21.86
CA GLY A 360 34.19 -18.07 20.94
C GLY A 360 34.65 -19.50 20.81
N ASN A 361 35.81 -19.77 21.39
CA ASN A 361 36.43 -21.09 21.38
C ASN A 361 36.17 -21.84 22.66
N MET A 362 35.64 -21.18 23.71
CA MET A 362 35.37 -21.91 24.93
C MET A 362 34.10 -22.76 24.76
N LYS A 363 34.29 -24.09 24.87
CA LYS A 363 33.24 -25.09 24.72
C LYS A 363 32.56 -25.42 26.04
N PHE A 364 31.28 -25.77 25.94
CA PHE A 364 30.50 -26.14 27.12
C PHE A 364 29.73 -27.46 26.91
N LYS A 365 29.58 -28.25 28.00
CA LYS A 365 28.87 -29.54 27.97
C LYS A 365 27.79 -29.64 29.07
N LEU A 366 26.76 -30.48 28.86
CA LEU A 366 25.71 -30.70 29.87
C LEU A 366 26.21 -31.69 30.92
N LYS A 367 26.04 -31.33 32.21
CA LYS A 367 26.38 -32.19 33.35
C LYS A 367 25.53 -33.47 33.23
N GLN A 368 26.10 -34.67 33.52
CA GLN A 368 25.39 -35.96 33.43
C GLN A 368 24.09 -35.95 34.27
N ARG A 369 22.99 -36.44 33.65
CA ARG A 369 21.64 -36.51 34.24
C ARG A 369 21.15 -35.12 34.73
N GLU A 370 21.58 -34.05 33.99
CA GLU A 370 21.29 -32.65 34.28
C GLU A 370 21.11 -31.79 33.03
N GLU A 371 20.33 -30.70 33.18
CA GLU A 371 20.07 -29.71 32.16
C GLU A 371 20.87 -28.42 32.48
N GLN A 372 22.01 -28.59 33.20
CA GLN A 372 22.95 -27.56 33.63
C GLN A 372 24.26 -27.73 32.89
N ALA A 373 24.80 -26.63 32.33
CA ALA A 373 26.06 -26.64 31.58
C ALA A 373 27.25 -26.53 32.49
N GLU A 374 28.39 -27.03 32.01
CA GLU A 374 29.68 -27.00 32.67
C GLU A 374 30.79 -26.88 31.62
N PRO A 375 31.99 -26.35 31.95
CA PRO A 375 33.04 -26.25 30.92
C PRO A 375 33.47 -27.58 30.31
N ASP A 376 33.64 -27.60 28.98
CA ASP A 376 34.17 -28.75 28.25
C ASP A 376 35.59 -28.34 27.80
N GLY A 377 36.48 -28.24 28.78
CA GLY A 377 37.85 -27.76 28.61
C GLY A 377 37.97 -26.38 29.26
N THR A 378 39.19 -25.94 29.55
CA THR A 378 39.41 -24.65 30.23
C THR A 378 40.50 -23.80 29.60
N GLU A 379 41.29 -24.39 28.67
CA GLU A 379 42.44 -23.76 28.01
C GLU A 379 42.12 -22.42 27.36
N GLU A 380 41.03 -22.36 26.58
CA GLU A 380 40.59 -21.14 25.91
C GLU A 380 40.02 -20.11 26.87
N ALA A 381 39.44 -20.55 28.00
CA ALA A 381 38.91 -19.67 29.03
C ALA A 381 40.04 -19.13 29.88
N ASP A 382 41.16 -19.89 29.95
CA ASP A 382 42.35 -19.51 30.69
C ASP A 382 43.04 -18.35 29.94
N LYS A 383 43.15 -18.50 28.61
CA LYS A 383 43.75 -17.51 27.72
C LYS A 383 42.95 -16.19 27.73
N SER A 384 41.60 -16.28 27.79
CA SER A 384 40.66 -15.16 27.82
C SER A 384 40.80 -14.36 29.11
N ALA A 385 40.63 -15.02 30.28
CA ALA A 385 40.76 -14.44 31.61
C ALA A 385 42.13 -13.78 31.80
N TYR A 386 43.18 -14.40 31.29
CA TYR A 386 44.53 -13.86 31.35
C TYR A 386 44.57 -12.49 30.68
N LEU A 387 44.09 -12.40 29.41
CA LEU A 387 44.05 -11.16 28.62
C LEU A 387 43.12 -10.10 29.22
N MET A 388 41.92 -10.52 29.67
CA MET A 388 40.91 -9.65 30.28
C MET A 388 41.16 -9.29 31.75
N GLY A 389 42.28 -9.76 32.33
CA GLY A 389 42.65 -9.48 33.71
C GLY A 389 41.64 -9.97 34.72
N LEU A 390 41.17 -11.21 34.50
CA LEU A 390 40.14 -11.89 35.27
C LEU A 390 40.62 -13.25 35.78
N ASN A 391 39.82 -13.87 36.67
CA ASN A 391 40.05 -15.20 37.23
C ASN A 391 39.25 -16.19 36.38
N SER A 392 39.96 -17.20 35.82
CA SER A 392 39.44 -18.24 34.94
C SER A 392 38.21 -18.93 35.49
N ALA A 393 38.33 -19.46 36.72
CA ALA A 393 37.29 -20.17 37.45
C ALA A 393 36.10 -19.29 37.76
N ASP A 394 36.33 -18.02 38.20
CA ASP A 394 35.27 -17.05 38.51
C ASP A 394 34.47 -16.74 37.26
N LEU A 395 35.17 -16.62 36.12
CA LEU A 395 34.59 -16.34 34.81
C LEU A 395 33.67 -17.50 34.42
N LEU A 396 34.21 -18.74 34.41
CA LEU A 396 33.47 -19.96 34.06
C LEU A 396 32.30 -20.24 35.00
N LYS A 397 32.48 -19.99 36.31
CA LYS A 397 31.45 -20.14 37.34
C LYS A 397 30.35 -19.12 37.11
N GLY A 398 30.73 -17.86 36.85
CA GLY A 398 29.81 -16.77 36.56
C GLY A 398 28.92 -17.00 35.34
N LEU A 399 29.48 -17.68 34.32
CA LEU A 399 28.80 -18.00 33.05
C LEU A 399 27.79 -19.15 33.21
N CYS A 400 28.16 -20.21 33.98
CA CYS A 400 27.30 -21.37 34.22
C CYS A 400 26.28 -21.09 35.31
N HIS A 401 26.71 -20.41 36.38
CA HIS A 401 25.86 -20.16 37.54
C HIS A 401 25.71 -18.65 37.89
N PRO A 402 25.00 -17.86 37.08
CA PRO A 402 24.84 -16.45 37.41
C PRO A 402 23.97 -16.21 38.64
N ARG A 403 24.34 -15.20 39.44
CA ARG A 403 23.62 -14.71 40.63
C ARG A 403 22.57 -13.71 40.13
N VAL A 404 21.33 -13.78 40.65
CA VAL A 404 20.23 -12.88 40.29
C VAL A 404 19.44 -12.39 41.54
N LYS A 405 18.56 -11.38 41.36
CA LYS A 405 17.72 -10.73 42.37
C LYS A 405 16.91 -11.70 43.23
N TYR A 410 20.29 -12.97 45.81
CA TYR A 410 21.02 -14.13 46.33
C TYR A 410 20.79 -15.44 45.52
N VAL A 411 19.69 -15.48 44.73
CA VAL A 411 19.31 -16.64 43.91
C VAL A 411 20.28 -16.90 42.76
N THR A 412 20.98 -18.03 42.81
CA THR A 412 21.89 -18.53 41.79
C THR A 412 21.07 -19.29 40.73
N LYS A 413 20.98 -18.72 39.52
CA LYS A 413 20.24 -19.27 38.39
C LYS A 413 20.98 -20.46 37.75
N GLY A 414 20.26 -21.14 36.86
CA GLY A 414 20.73 -22.31 36.15
C GLY A 414 20.78 -22.04 34.66
N GLN A 415 21.87 -22.44 34.01
CA GLN A 415 22.09 -22.23 32.60
C GLN A 415 22.34 -23.54 31.86
N ASN A 416 21.78 -23.67 30.66
CA ASN A 416 22.04 -24.83 29.80
C ASN A 416 23.17 -24.44 28.81
N VAL A 417 23.51 -25.33 27.86
CA VAL A 417 24.58 -25.07 26.90
C VAL A 417 24.21 -23.91 25.97
N GLN A 418 22.96 -23.85 25.46
CA GLN A 418 22.50 -22.75 24.59
C GLN A 418 22.58 -21.39 25.31
N GLN A 419 22.12 -21.33 26.58
CA GLN A 419 22.09 -20.14 27.43
C GLN A 419 23.47 -19.55 27.71
N VAL A 420 24.48 -20.40 27.95
CA VAL A 420 25.85 -19.93 28.20
C VAL A 420 26.47 -19.42 26.86
N VAL A 421 26.32 -20.20 25.75
CA VAL A 421 26.78 -19.87 24.39
C VAL A 421 26.22 -18.48 23.99
N TYR A 422 24.91 -18.24 24.23
CA TYR A 422 24.28 -16.96 23.95
C TYR A 422 24.87 -15.84 24.84
N ALA A 423 25.02 -16.08 26.15
CA ALA A 423 25.56 -15.09 27.09
C ALA A 423 27.02 -14.70 26.82
N LYS A 424 27.92 -15.66 26.45
CA LYS A 424 29.33 -15.30 26.15
C LYS A 424 29.44 -14.48 24.86
N GLY A 425 28.56 -14.76 23.90
CA GLY A 425 28.47 -14.03 22.66
C GLY A 425 27.97 -12.60 22.92
N ALA A 426 26.94 -12.45 23.79
CA ALA A 426 26.38 -11.14 24.16
C ALA A 426 27.41 -10.29 24.88
N LEU A 427 28.29 -10.95 25.66
CA LEU A 427 29.36 -10.28 26.40
C LEU A 427 30.47 -9.84 25.45
N ALA A 428 30.91 -10.72 24.52
CA ALA A 428 31.92 -10.43 23.50
C ALA A 428 31.52 -9.19 22.67
N LYS A 429 30.24 -9.12 22.26
CA LYS A 429 29.68 -8.01 21.47
C LYS A 429 29.60 -6.70 22.26
N ALA A 430 29.36 -6.76 23.59
CA ALA A 430 29.26 -5.56 24.44
C ALA A 430 30.64 -4.96 24.67
N VAL A 431 31.67 -5.82 24.87
CA VAL A 431 33.07 -5.40 25.05
C VAL A 431 33.55 -4.67 23.77
N TYR A 432 33.30 -5.32 22.61
CA TYR A 432 33.66 -4.78 21.31
C TYR A 432 33.05 -3.39 21.04
N GLU A 433 31.75 -3.24 21.30
CA GLU A 433 31.00 -1.99 21.11
C GLU A 433 31.50 -0.87 22.04
N ARG A 434 31.76 -1.19 23.33
CA ARG A 434 32.25 -0.24 24.34
C ARG A 434 33.68 0.21 24.06
N MET A 435 34.50 -0.67 23.51
CA MET A 435 35.88 -0.39 23.11
C MET A 435 35.91 0.53 21.86
N PHE A 436 34.98 0.33 20.90
CA PHE A 436 34.83 1.13 19.68
C PHE A 436 34.38 2.53 20.07
N ASN A 437 33.40 2.63 20.98
CA ASN A 437 32.89 3.93 21.46
C ASN A 437 33.96 4.68 22.23
N TRP A 438 34.82 3.94 22.98
CA TRP A 438 35.90 4.50 23.78
C TRP A 438 36.95 5.11 22.85
N MET A 439 37.29 4.39 21.78
CA MET A 439 38.26 4.74 20.77
C MET A 439 37.84 6.04 20.05
N VAL A 440 36.54 6.19 19.77
CA VAL A 440 35.97 7.40 19.13
C VAL A 440 36.12 8.58 20.12
N THR A 441 35.86 8.33 21.43
CA THR A 441 35.97 9.31 22.53
C THR A 441 37.42 9.77 22.66
N ARG A 442 38.37 8.82 22.58
CA ARG A 442 39.81 9.01 22.62
C ARG A 442 40.30 9.81 21.41
N ILE A 443 39.89 9.44 20.19
CA ILE A 443 40.21 10.19 18.96
C ILE A 443 39.70 11.65 19.09
N ASN A 444 38.50 11.83 19.61
CA ASN A 444 37.90 13.14 19.78
C ASN A 444 38.71 14.03 20.71
N ALA A 445 39.43 13.43 21.68
CA ALA A 445 40.21 14.16 22.68
C ALA A 445 41.47 14.75 22.04
N THR A 446 42.05 14.04 21.04
CA THR A 446 43.23 14.45 20.30
C THR A 446 42.88 15.50 19.25
N LEU A 447 41.67 15.43 18.63
CA LEU A 447 41.32 16.36 17.55
C LEU A 447 40.93 17.75 18.09
N GLU A 448 41.90 18.43 18.72
CA GLU A 448 41.73 19.71 19.42
C GLU A 448 42.98 20.58 19.29
N THR A 449 42.77 21.91 19.16
CA THR A 449 43.83 22.93 19.13
C THR A 449 43.40 24.11 20.01
N LYS A 450 44.27 25.13 20.21
CA LYS A 450 43.95 26.33 21.00
C LYS A 450 42.99 27.25 20.26
N GLN A 451 42.94 27.18 18.90
CA GLN A 451 42.04 28.00 18.09
C GLN A 451 40.54 27.84 18.49
N PRO A 452 39.90 28.94 18.98
CA PRO A 452 38.49 28.82 19.42
C PRO A 452 37.53 28.47 18.31
N ARG A 453 36.51 27.69 18.64
CA ARG A 453 35.49 27.22 17.70
C ARG A 453 34.50 28.31 17.35
N GLN A 454 34.27 28.52 16.04
CA GLN A 454 33.31 29.52 15.56
C GLN A 454 32.24 28.92 14.69
N TYR A 455 32.65 28.14 13.66
CA TYR A 455 31.74 27.50 12.74
C TYR A 455 32.19 26.09 12.53
N PHE A 456 31.30 25.26 11.98
CA PHE A 456 31.62 23.89 11.65
C PHE A 456 31.01 23.51 10.33
N ILE A 457 31.60 22.49 9.72
CA ILE A 457 31.09 21.81 8.54
C ILE A 457 30.95 20.35 8.96
N GLY A 458 29.69 19.88 9.11
CA GLY A 458 29.33 18.53 9.48
C GLY A 458 29.18 17.62 8.26
N VAL A 459 29.97 16.56 8.20
CA VAL A 459 29.94 15.60 7.10
C VAL A 459 29.30 14.34 7.63
N LEU A 460 28.13 13.99 7.07
CA LEU A 460 27.33 12.83 7.49
C LEU A 460 27.46 11.79 6.42
N ASP A 461 27.89 10.58 6.83
CA ASP A 461 28.11 9.37 6.00
C ASP A 461 27.27 8.26 6.65
N ILE A 462 26.12 7.98 6.07
CA ILE A 462 25.19 7.00 6.63
C ILE A 462 24.47 6.26 5.50
N ALA A 463 24.18 4.97 5.69
CA ALA A 463 23.47 4.16 4.70
C ALA A 463 22.14 4.80 4.36
N GLY A 464 21.83 4.80 3.06
CA GLY A 464 20.59 5.34 2.55
C GLY A 464 19.45 4.36 2.77
N PHE A 465 18.24 4.79 2.45
CA PHE A 465 17.04 4.00 2.55
C PHE A 465 17.11 2.86 1.52
N GLU A 466 17.09 1.62 2.02
CA GLU A 466 17.09 0.43 1.18
C GLU A 466 16.10 -0.60 1.71
N ILE A 467 15.31 -1.20 0.80
CA ILE A 467 14.37 -2.27 1.11
C ILE A 467 15.06 -3.61 0.81
N PHE A 468 15.24 -4.46 1.85
CA PHE A 468 15.85 -5.79 1.74
C PHE A 468 14.75 -6.89 1.73
N ASP A 469 15.16 -8.16 1.54
CA ASP A 469 14.25 -9.33 1.53
C ASP A 469 13.73 -9.54 2.93
N PHE A 470 14.63 -9.43 3.93
CA PHE A 470 14.37 -9.57 5.36
C PHE A 470 14.73 -8.27 6.08
N ASN A 471 13.71 -7.59 6.65
CA ASN A 471 13.85 -6.31 7.37
C ASN A 471 13.44 -6.44 8.83
N SER A 472 14.39 -6.33 9.74
CA SER A 472 14.17 -6.45 11.17
C SER A 472 14.30 -5.07 11.89
N PHE A 473 14.62 -5.05 13.22
CA PHE A 473 14.74 -3.83 14.05
C PHE A 473 15.81 -2.84 13.56
N GLU A 474 17.01 -3.37 13.21
CA GLU A 474 18.16 -2.61 12.71
C GLU A 474 17.74 -1.76 11.51
N GLN A 475 16.97 -2.37 10.58
CA GLN A 475 16.44 -1.76 9.37
C GLN A 475 15.44 -0.67 9.72
N LEU A 476 14.57 -0.88 10.74
CA LEU A 476 13.58 0.12 11.12
C LEU A 476 14.29 1.37 11.62
N CYS A 477 15.37 1.18 12.40
CA CYS A 477 16.25 2.23 12.95
C CYS A 477 16.88 3.08 11.86
N ILE A 478 17.47 2.48 10.83
CA ILE A 478 18.09 3.21 9.74
C ILE A 478 17.05 3.85 8.82
N ASN A 479 15.91 3.16 8.57
CA ASN A 479 14.82 3.65 7.73
C ASN A 479 14.14 4.85 8.37
N PHE A 480 14.03 4.82 9.72
CA PHE A 480 13.49 5.90 10.56
C PHE A 480 14.43 7.10 10.46
N THR A 481 15.77 6.90 10.58
CA THR A 481 16.79 7.95 10.41
C THR A 481 16.65 8.67 9.04
N ASN A 482 16.49 7.89 7.97
CA ASN A 482 16.40 8.38 6.58
C ASN A 482 15.11 9.11 6.30
N GLU A 483 14.01 8.74 7.00
CA GLU A 483 12.70 9.40 6.96
C GLU A 483 12.88 10.85 7.45
N LYS A 484 13.45 10.98 8.65
CA LYS A 484 13.80 12.26 9.26
C LYS A 484 14.71 13.09 8.38
N LEU A 485 15.72 12.48 7.72
CA LEU A 485 16.70 13.11 6.81
C LEU A 485 16.06 13.58 5.53
N GLN A 486 15.10 12.78 4.99
CA GLN A 486 14.36 13.20 3.78
C GLN A 486 13.46 14.38 4.07
N GLN A 487 12.85 14.40 5.28
CA GLN A 487 11.97 15.48 5.74
C GLN A 487 12.78 16.78 5.89
N PHE A 488 14.05 16.65 6.29
CA PHE A 488 15.03 17.75 6.40
C PHE A 488 15.36 18.28 4.98
N PHE A 489 15.55 17.39 3.99
CA PHE A 489 15.72 17.82 2.59
C PHE A 489 14.46 18.55 2.10
N ASN A 490 13.25 17.93 2.28
CA ASN A 490 11.95 18.46 1.84
C ASN A 490 11.63 19.81 2.44
N HIS A 491 11.87 19.98 3.75
CA HIS A 491 11.66 21.26 4.41
C HIS A 491 12.63 22.33 3.85
N HIS A 492 13.92 21.97 3.61
CA HIS A 492 14.93 22.88 3.03
C HIS A 492 14.50 23.37 1.63
N MET A 493 14.07 22.45 0.76
CA MET A 493 13.59 22.77 -0.58
C MET A 493 12.34 23.63 -0.50
N PHE A 494 11.42 23.30 0.42
CA PHE A 494 10.19 24.07 0.68
C PHE A 494 10.47 25.53 0.99
N VAL A 495 11.42 25.77 1.91
CA VAL A 495 11.88 27.10 2.31
C VAL A 495 12.52 27.84 1.15
N LEU A 496 13.34 27.15 0.32
CA LEU A 496 14.00 27.78 -0.82
C LEU A 496 12.95 28.28 -1.84
N GLU A 497 11.94 27.42 -2.14
CA GLU A 497 10.84 27.68 -3.08
C GLU A 497 9.95 28.82 -2.60
N GLN A 498 9.49 28.74 -1.34
CA GLN A 498 8.68 29.76 -0.66
C GLN A 498 9.39 31.14 -0.71
N GLU A 499 10.72 31.16 -0.51
CA GLU A 499 11.57 32.36 -0.58
C GLU A 499 11.63 32.93 -2.01
N GLU A 500 11.60 32.06 -3.03
CA GLU A 500 11.65 32.44 -4.44
C GLU A 500 10.33 32.99 -4.90
N TYR A 501 9.21 32.31 -4.55
CA TYR A 501 7.89 32.80 -4.91
C TYR A 501 7.57 34.13 -4.20
N LYS A 502 7.96 34.30 -2.91
CA LYS A 502 7.75 35.55 -2.17
C LYS A 502 8.46 36.69 -2.86
N LYS A 503 9.78 36.53 -3.12
CA LYS A 503 10.65 37.49 -3.80
C LYS A 503 10.08 37.88 -5.18
N GLU A 504 9.61 36.90 -5.99
CA GLU A 504 9.07 37.22 -7.30
C GLU A 504 7.55 37.58 -7.27
N GLY A 505 6.95 37.55 -6.09
CA GLY A 505 5.56 37.92 -5.87
C GLY A 505 4.54 37.01 -6.50
N ILE A 506 4.70 35.70 -6.31
CA ILE A 506 3.77 34.68 -6.82
C ILE A 506 2.95 34.19 -5.63
N GLU A 507 1.60 34.27 -5.72
CA GLU A 507 0.69 33.88 -4.65
C GLU A 507 0.40 32.36 -4.64
N TRP A 508 1.48 31.57 -4.49
CA TRP A 508 1.45 30.12 -4.40
C TRP A 508 1.26 29.76 -2.92
N GLU A 509 0.36 28.78 -2.66
CA GLU A 509 0.07 28.32 -1.30
C GLU A 509 0.09 26.81 -1.22
N PHE A 510 0.95 26.29 -0.34
CA PHE A 510 1.09 24.86 -0.08
C PHE A 510 1.72 24.60 1.28
N ILE A 511 1.42 23.41 1.81
CA ILE A 511 1.92 22.87 3.06
C ILE A 511 3.39 22.48 2.84
N ASP A 512 4.24 22.68 3.88
CA ASP A 512 5.64 22.31 3.90
C ASP A 512 5.79 20.88 3.31
N PHE A 513 6.73 20.69 2.35
CA PHE A 513 6.95 19.36 1.76
C PHE A 513 7.48 18.36 2.78
N GLY A 514 7.89 18.85 3.95
CA GLY A 514 8.36 18.03 5.05
C GLY A 514 7.20 17.39 5.79
N MET A 515 6.03 18.02 5.70
CA MET A 515 4.81 17.51 6.35
C MET A 515 4.33 16.21 5.71
N ASP A 516 4.79 15.95 4.48
CA ASP A 516 4.48 14.73 3.73
C ASP A 516 5.10 13.46 4.27
N LEU A 517 6.02 13.57 5.22
CA LEU A 517 6.72 12.44 5.83
C LEU A 517 6.38 12.32 7.30
N GLN A 518 5.75 13.36 7.85
CA GLN A 518 5.32 13.45 9.27
C GLN A 518 4.51 12.26 9.78
N ALA A 519 3.48 11.79 9.02
CA ALA A 519 2.63 10.69 9.50
C ALA A 519 3.39 9.40 9.78
N CYS A 520 4.42 9.13 8.99
CA CYS A 520 5.25 7.96 9.14
C CYS A 520 6.16 8.14 10.35
N ILE A 521 6.79 9.31 10.49
CA ILE A 521 7.64 9.69 11.61
C ILE A 521 6.83 9.52 12.91
N ASP A 522 5.62 10.13 12.99
CA ASP A 522 4.67 10.07 14.11
C ASP A 522 4.32 8.62 14.46
N LEU A 523 4.13 7.78 13.45
CA LEU A 523 3.88 6.36 13.68
C LEU A 523 5.04 5.66 14.41
N ILE A 524 6.30 6.05 14.08
CA ILE A 524 7.51 5.43 14.61
C ILE A 524 7.89 6.00 15.98
N GLU A 525 7.95 7.35 16.13
CA GLU A 525 8.47 8.02 17.32
C GLU A 525 7.49 8.55 18.34
N LYS A 526 6.24 8.89 17.95
CA LYS A 526 5.29 9.51 18.88
C LYS A 526 4.82 8.56 20.00
N PRO A 527 4.40 9.11 21.20
CA PRO A 527 3.90 8.25 22.29
C PRO A 527 2.78 7.31 21.81
N MET A 528 2.94 6.03 22.12
CA MET A 528 2.10 4.88 21.78
C MET A 528 2.36 4.43 20.34
N GLY A 529 3.45 4.94 19.72
CA GLY A 529 3.93 4.57 18.40
C GLY A 529 4.69 3.24 18.41
N ILE A 530 5.38 2.90 17.33
CA ILE A 530 6.09 1.61 17.26
C ILE A 530 7.23 1.50 18.29
N MET A 531 8.04 2.58 18.46
CA MET A 531 9.17 2.60 19.39
C MET A 531 8.70 2.61 20.84
N SER A 532 7.68 3.44 21.12
CA SER A 532 7.03 3.58 22.42
C SER A 532 6.44 2.25 22.91
N ILE A 533 5.83 1.47 22.00
CA ILE A 533 5.26 0.14 22.27
C ILE A 533 6.38 -0.87 22.56
N LEU A 534 7.49 -0.86 21.76
CA LEU A 534 8.64 -1.76 21.95
C LEU A 534 9.27 -1.53 23.32
N GLU A 535 9.47 -0.25 23.68
CA GLU A 535 10.01 0.21 24.95
C GLU A 535 9.09 -0.18 26.12
N GLU A 536 7.76 -0.05 25.92
CA GLU A 536 6.73 -0.41 26.92
C GLU A 536 6.71 -1.91 27.14
N GLU A 537 6.74 -2.71 26.06
CA GLU A 537 6.77 -4.18 26.15
C GLU A 537 8.05 -4.73 26.77
N CYS A 538 9.15 -3.94 26.71
CA CYS A 538 10.46 -4.29 27.30
C CYS A 538 10.44 -4.25 28.83
N MET A 539 9.59 -3.38 29.42
CA MET A 539 9.40 -3.21 30.85
C MET A 539 8.65 -4.39 31.52
N PHE A 540 7.92 -5.22 30.73
CA PHE A 540 7.18 -6.40 31.23
C PHE A 540 7.96 -7.70 30.95
N PRO A 541 8.40 -8.43 32.02
CA PRO A 541 9.20 -9.66 31.80
C PRO A 541 8.42 -10.83 31.24
N LYS A 542 7.07 -10.77 31.36
CA LYS A 542 6.14 -11.79 30.89
C LYS A 542 5.87 -11.67 29.37
N ALA A 543 6.36 -10.56 28.75
CA ALA A 543 6.16 -10.27 27.33
C ALA A 543 6.96 -11.17 26.39
N THR A 544 6.40 -11.38 25.19
CA THR A 544 6.97 -12.15 24.08
C THR A 544 6.79 -11.39 22.76
N ASP A 545 7.35 -11.92 21.66
CA ASP A 545 7.23 -11.31 20.33
C ASP A 545 5.75 -11.22 19.90
N MET A 546 4.92 -12.19 20.33
CA MET A 546 3.48 -12.24 20.03
C MET A 546 2.70 -11.19 20.81
N THR A 547 3.08 -10.94 22.08
CA THR A 547 2.43 -9.89 22.90
C THR A 547 2.71 -8.51 22.28
N PHE A 548 3.97 -8.28 21.82
CA PHE A 548 4.42 -7.05 21.13
C PHE A 548 3.69 -6.88 19.80
N LYS A 549 3.70 -7.94 18.93
CA LYS A 549 2.99 -7.94 17.63
C LYS A 549 1.51 -7.56 17.82
N ALA A 550 0.84 -8.17 18.83
CA ALA A 550 -0.56 -7.93 19.17
C ALA A 550 -0.82 -6.48 19.57
N LYS A 551 0.09 -5.88 20.39
CA LYS A 551 0.01 -4.47 20.80
C LYS A 551 0.06 -3.52 19.58
N LEU A 552 1.01 -3.74 18.65
CA LEU A 552 1.15 -2.91 17.44
C LEU A 552 -0.12 -2.91 16.60
N PHE A 553 -0.69 -4.11 16.36
CA PHE A 553 -1.94 -4.31 15.63
C PHE A 553 -3.13 -3.63 16.28
N ASP A 554 -3.39 -3.88 17.59
CA ASP A 554 -4.51 -3.26 18.32
C ASP A 554 -4.42 -1.74 18.38
N ASN A 555 -3.20 -1.20 18.36
CA ASN A 555 -2.96 0.25 18.44
C ASN A 555 -2.91 1.00 17.12
N HIS A 556 -2.55 0.28 16.01
CA HIS A 556 -2.35 0.95 14.72
C HIS A 556 -3.03 0.29 13.47
N LEU A 557 -3.43 -1.02 13.51
CA LEU A 557 -4.03 -1.69 12.33
C LEU A 557 -5.37 -1.07 11.82
N GLY A 558 -5.78 0.09 12.36
CA GLY A 558 -6.99 0.76 11.91
C GLY A 558 -6.94 2.26 11.77
N LYS A 559 -6.34 2.97 12.75
CA LYS A 559 -6.31 4.45 12.72
C LYS A 559 -5.01 5.07 12.19
N SER A 560 -4.03 4.16 11.89
N SER A 560 -3.97 4.31 11.80
CA SER A 560 -2.71 4.39 11.31
CA SER A 560 -2.77 5.04 11.34
C SER A 560 -2.61 3.68 9.96
C SER A 560 -2.83 5.49 9.86
N SER A 561 -2.77 4.50 8.95
CA SER A 561 -2.74 4.33 7.48
C SER A 561 -1.38 3.78 7.09
N ASN A 562 -0.29 4.45 7.59
CA ASN A 562 1.09 4.06 7.28
C ASN A 562 1.43 2.67 7.81
N PHE A 563 0.54 2.10 8.69
CA PHE A 563 0.67 0.76 9.27
C PHE A 563 -0.29 -0.12 8.50
N GLN A 564 0.11 -1.39 8.22
CA GLN A 564 -0.66 -2.35 7.46
C GLN A 564 -0.13 -3.77 7.64
N LYS A 565 -0.86 -4.76 7.13
CA LYS A 565 -0.53 -6.17 7.28
C LYS A 565 0.63 -6.54 6.39
N PRO A 566 1.49 -7.51 6.81
CA PRO A 566 2.64 -7.89 5.98
C PRO A 566 2.18 -8.57 4.69
N ARG A 567 2.54 -7.96 3.56
CA ARG A 567 2.22 -8.45 2.22
C ARG A 567 3.17 -9.61 1.88
N ASN A 568 3.16 -10.68 2.72
CA ASN A 568 4.00 -11.87 2.59
C ASN A 568 3.75 -12.59 1.28
N ILE A 569 4.85 -12.99 0.61
CA ILE A 569 4.85 -13.67 -0.68
C ILE A 569 5.83 -14.82 -0.62
N LYS A 570 5.52 -15.92 -1.36
CA LYS A 570 6.40 -17.09 -1.47
C LYS A 570 7.70 -16.62 -2.15
N GLY A 571 8.81 -16.71 -1.41
CA GLY A 571 10.12 -16.27 -1.83
C GLY A 571 10.78 -15.49 -0.72
N LYS A 572 10.18 -14.34 -0.35
CA LYS A 572 10.62 -13.50 0.76
C LYS A 572 10.30 -14.19 2.10
N PRO A 573 11.18 -14.09 3.14
CA PRO A 573 10.89 -14.77 4.43
C PRO A 573 9.71 -14.16 5.23
N GLU A 574 9.54 -14.66 6.47
CA GLU A 574 8.48 -14.27 7.41
C GLU A 574 8.43 -12.78 7.77
N ALA A 575 7.24 -12.17 7.67
CA ALA A 575 7.00 -10.77 8.03
C ALA A 575 5.81 -10.69 9.00
N HIS A 576 5.79 -9.65 9.86
CA HIS A 576 4.75 -9.46 10.87
C HIS A 576 3.93 -8.22 10.65
N PHE A 577 4.48 -7.22 9.96
CA PHE A 577 3.78 -5.98 9.59
C PHE A 577 4.48 -5.29 8.43
N SER A 578 3.84 -4.26 7.85
N SER A 578 3.84 -4.25 7.87
CA SER A 578 4.39 -3.47 6.76
CA SER A 578 4.37 -3.45 6.77
C SER A 578 4.19 -1.99 7.06
C SER A 578 4.21 -1.98 7.09
N LEU A 579 5.22 -1.16 6.69
CA LEU A 579 5.25 0.30 6.91
C LEU A 579 5.28 1.05 5.56
N ILE A 580 4.54 2.18 5.46
CA ILE A 580 4.48 3.06 4.28
C ILE A 580 5.40 4.29 4.49
N HIS A 581 6.64 4.15 4.03
CA HIS A 581 7.70 5.16 4.04
C HIS A 581 7.65 5.93 2.73
N TYR A 582 8.35 7.08 2.69
CA TYR A 582 8.46 7.96 1.53
C TYR A 582 9.00 7.26 0.28
N ALA A 583 9.86 6.24 0.49
CA ALA A 583 10.57 5.49 -0.54
C ALA A 583 9.92 4.14 -0.90
N GLY A 584 8.75 3.88 -0.32
CA GLY A 584 8.00 2.64 -0.55
C GLY A 584 7.54 1.94 0.70
N THR A 585 7.04 0.69 0.53
CA THR A 585 6.51 -0.13 1.61
C THR A 585 7.54 -1.18 2.01
N VAL A 586 7.83 -1.26 3.33
CA VAL A 586 8.78 -2.20 3.93
C VAL A 586 8.05 -3.20 4.83
N ASP A 587 8.35 -4.48 4.62
CA ASP A 587 7.82 -5.61 5.36
C ASP A 587 8.75 -5.98 6.54
N TYR A 588 8.32 -5.68 7.78
CA TYR A 588 9.10 -5.94 9.00
C TYR A 588 8.77 -7.25 9.73
N ASN A 589 9.82 -7.98 10.15
CA ASN A 589 9.74 -9.19 10.96
C ASN A 589 10.16 -8.78 12.38
N ILE A 590 9.26 -8.99 13.37
CA ILE A 590 9.38 -8.56 14.77
C ILE A 590 10.10 -9.54 15.71
N ILE A 591 10.63 -10.67 15.20
CA ILE A 591 11.29 -11.66 16.03
C ILE A 591 12.57 -11.09 16.65
N GLY A 592 12.66 -11.21 17.97
CA GLY A 592 13.81 -10.82 18.78
C GLY A 592 13.94 -9.36 19.15
N TRP A 593 13.02 -8.50 18.66
CA TRP A 593 13.10 -7.06 18.91
C TRP A 593 13.13 -6.69 20.38
N LEU A 594 12.45 -7.42 21.24
CA LEU A 594 12.43 -7.13 22.68
C LEU A 594 13.79 -7.37 23.31
N GLN A 595 14.45 -8.46 22.90
CA GLN A 595 15.77 -8.87 23.37
C GLN A 595 16.86 -7.92 22.82
N LYS A 596 16.76 -7.57 21.51
CA LYS A 596 17.68 -6.66 20.81
C LYS A 596 17.69 -5.31 21.55
N ASN A 597 16.49 -4.74 21.77
CA ASN A 597 16.29 -3.47 22.46
C ASN A 597 16.79 -3.47 23.91
N LYS A 598 16.57 -4.58 24.64
CA LYS A 598 16.98 -4.72 26.04
C LYS A 598 18.48 -4.94 26.20
N ASP A 599 19.08 -5.73 25.26
CA ASP A 599 20.47 -6.17 25.23
C ASP A 599 20.87 -6.80 26.60
N PRO A 600 20.21 -7.91 27.01
CA PRO A 600 20.54 -8.49 28.32
C PRO A 600 21.93 -9.11 28.40
N LEU A 601 22.66 -8.75 29.46
CA LEU A 601 24.01 -9.23 29.73
C LEU A 601 24.09 -10.00 31.04
N ASN A 602 24.92 -11.07 31.10
CA ASN A 602 25.14 -11.83 32.33
C ASN A 602 25.88 -10.89 33.30
N GLU A 603 25.13 -10.25 34.22
CA GLU A 603 25.64 -9.24 35.17
C GLU A 603 26.59 -9.80 36.24
N THR A 604 26.70 -11.13 36.37
CA THR A 604 27.67 -11.74 37.29
C THR A 604 29.07 -11.63 36.63
N VAL A 605 29.15 -11.82 35.29
CA VAL A 605 30.37 -11.69 34.50
C VAL A 605 30.72 -10.21 34.35
N VAL A 606 29.70 -9.34 34.20
CA VAL A 606 29.90 -7.89 34.11
C VAL A 606 30.54 -7.34 35.40
N ASP A 607 30.13 -7.84 36.59
CA ASP A 607 30.75 -7.45 37.87
C ASP A 607 32.24 -7.83 37.91
N LEU A 608 32.59 -8.97 37.28
CA LEU A 608 33.97 -9.42 37.14
C LEU A 608 34.76 -8.42 36.26
N TYR A 609 34.13 -7.97 35.13
CA TYR A 609 34.68 -6.98 34.20
C TYR A 609 34.97 -5.66 34.94
N LYS A 610 34.04 -5.23 35.81
CA LYS A 610 34.19 -4.02 36.63
C LYS A 610 35.40 -4.09 37.59
N LYS A 611 35.74 -5.31 38.07
CA LYS A 611 36.83 -5.57 39.03
C LYS A 611 38.14 -6.08 38.38
N SER A 612 38.26 -5.95 37.04
CA SER A 612 39.42 -6.42 36.27
C SER A 612 40.74 -5.70 36.60
N SER A 613 41.86 -6.42 36.46
CA SER A 613 43.21 -5.89 36.65
C SER A 613 43.70 -5.14 35.40
N LEU A 614 42.98 -5.28 34.26
CA LEU A 614 43.25 -4.56 33.00
C LEU A 614 42.42 -3.26 33.10
N LYS A 615 43.11 -2.11 33.22
CA LYS A 615 42.48 -0.80 33.38
C LYS A 615 41.39 -0.50 32.33
N MET A 616 41.65 -0.84 31.03
CA MET A 616 40.66 -0.61 29.96
C MET A 616 39.36 -1.32 30.25
N LEU A 617 39.44 -2.63 30.57
CA LEU A 617 38.23 -3.42 30.80
C LEU A 617 37.39 -2.84 31.92
N SER A 618 38.02 -2.48 33.06
CA SER A 618 37.30 -1.90 34.19
C SER A 618 36.73 -0.53 33.87
N SER A 619 37.39 0.25 33.00
CA SER A 619 36.91 1.58 32.56
C SER A 619 35.65 1.50 31.71
N LEU A 620 35.58 0.48 30.77
CA LEU A 620 34.46 0.26 29.82
C LEU A 620 33.16 -0.13 30.50
N PHE A 621 33.25 -0.82 31.65
CA PHE A 621 32.06 -1.28 32.36
C PHE A 621 31.82 -0.55 33.68
N ALA A 622 32.70 0.42 34.00
CA ALA A 622 32.63 1.26 35.20
C ALA A 622 31.23 1.86 35.43
N ASN A 623 30.59 2.36 34.35
CA ASN A 623 29.25 2.96 34.44
C ASN A 623 28.14 2.08 33.82
N TYR A 624 28.32 0.73 33.83
CA TYR A 624 27.33 -0.19 33.27
C TYR A 624 26.09 -0.30 34.15
N ALA A 625 24.91 -0.24 33.52
CA ALA A 625 23.60 -0.36 34.14
C ALA A 625 22.80 -1.40 33.33
N GLY A 626 22.00 -2.21 34.03
CA GLY A 626 21.20 -3.24 33.37
C GLY A 626 19.79 -2.80 33.04
N PHE A 627 18.83 -3.35 33.81
CA PHE A 627 17.37 -3.15 33.77
C PHE A 627 16.99 -1.66 33.81
N THR A 646 17.55 1.61 26.77
CA THR A 646 17.29 0.77 25.58
C THR A 646 17.97 1.28 24.31
N VAL A 647 18.14 0.37 23.34
CA VAL A 647 18.72 0.64 22.01
C VAL A 647 17.89 1.71 21.24
N SER A 648 16.54 1.62 21.27
CA SER A 648 15.61 2.54 20.62
C SER A 648 15.61 3.92 21.29
N ALA A 649 15.84 3.95 22.62
CA ALA A 649 15.91 5.18 23.41
C ALA A 649 17.22 5.92 23.10
N LEU A 650 18.35 5.18 23.02
CA LEU A 650 19.67 5.72 22.64
C LEU A 650 19.61 6.23 21.19
N HIS A 651 19.06 5.43 20.28
CA HIS A 651 18.90 5.83 18.88
C HIS A 651 18.07 7.13 18.76
N ARG A 652 16.95 7.24 19.49
CA ARG A 652 16.08 8.43 19.50
C ARG A 652 16.82 9.69 19.96
N GLU A 653 17.68 9.54 20.96
CA GLU A 653 18.50 10.61 21.55
C GLU A 653 19.58 11.08 20.58
N ASN A 654 20.33 10.13 20.01
CA ASN A 654 21.40 10.41 19.05
C ASN A 654 20.89 11.06 17.78
N LEU A 655 19.70 10.63 17.31
CA LEU A 655 19.03 11.20 16.14
C LEU A 655 18.52 12.61 16.42
N ASN A 656 18.05 12.89 17.65
CA ASN A 656 17.58 14.25 18.02
C ASN A 656 18.75 15.21 18.01
N LYS A 657 19.91 14.75 18.53
CA LYS A 657 21.18 15.46 18.63
C LYS A 657 21.71 15.78 17.23
N LEU A 658 21.67 14.80 16.29
CA LEU A 658 22.07 14.95 14.88
C LEU A 658 21.20 15.99 14.19
N MET A 659 19.88 15.86 14.30
CA MET A 659 18.90 16.74 13.68
C MET A 659 19.04 18.17 14.13
N THR A 660 19.29 18.39 15.44
CA THR A 660 19.52 19.70 16.07
C THR A 660 20.80 20.32 15.47
N ASN A 661 21.84 19.50 15.22
CA ASN A 661 23.08 19.95 14.60
C ASN A 661 22.82 20.33 13.14
N LEU A 662 22.12 19.46 12.37
CA LEU A 662 21.78 19.71 10.96
C LEU A 662 20.92 20.95 10.77
N ARG A 663 19.97 21.20 11.69
CA ARG A 663 19.06 22.35 11.59
C ARG A 663 19.73 23.69 11.92
N SER A 664 21.00 23.68 12.34
CA SER A 664 21.81 24.89 12.61
C SER A 664 22.79 25.15 11.45
N THR A 665 22.65 24.41 10.35
CA THR A 665 23.52 24.47 9.20
C THR A 665 22.82 24.79 7.88
N HIS A 666 23.62 25.18 6.87
CA HIS A 666 23.17 25.30 5.48
C HIS A 666 23.53 23.89 4.88
N PRO A 667 22.53 23.03 4.55
CA PRO A 667 22.86 21.68 4.08
C PRO A 667 23.13 21.56 2.57
N HIS A 668 23.91 20.53 2.22
CA HIS A 668 24.37 20.18 0.87
C HIS A 668 24.23 18.69 0.77
N PHE A 669 23.70 18.18 -0.35
CA PHE A 669 23.31 16.77 -0.44
C PHE A 669 23.99 16.00 -1.54
N VAL A 670 24.61 14.88 -1.18
CA VAL A 670 25.40 14.02 -2.05
C VAL A 670 24.73 12.68 -2.09
N ARG A 671 24.41 12.21 -3.31
CA ARG A 671 23.72 10.96 -3.56
C ARG A 671 24.62 10.01 -4.30
N CYS A 672 25.06 8.94 -3.63
CA CYS A 672 25.93 7.88 -4.17
C CYS A 672 25.12 6.71 -4.73
N ILE A 673 25.38 6.35 -6.01
CA ILE A 673 24.66 5.26 -6.69
C ILE A 673 25.60 4.13 -7.10
N ILE A 674 25.27 2.89 -6.71
CA ILE A 674 26.02 1.69 -7.10
C ILE A 674 25.45 1.26 -8.51
N PRO A 675 26.28 1.18 -9.57
CA PRO A 675 25.72 0.90 -10.91
C PRO A 675 25.28 -0.55 -11.19
N ASN A 676 25.92 -1.50 -10.52
CA ASN A 676 25.71 -2.92 -10.72
C ASN A 676 26.12 -3.69 -9.46
N GLU A 677 25.85 -4.99 -9.43
CA GLU A 677 26.14 -5.93 -8.34
C GLU A 677 27.43 -6.72 -8.56
N THR A 678 28.16 -6.47 -9.65
CA THR A 678 29.33 -7.27 -9.96
C THR A 678 30.66 -6.50 -9.91
N LYS A 679 30.70 -5.24 -9.38
CA LYS A 679 31.93 -4.40 -9.32
C LYS A 679 32.54 -4.17 -10.73
N SER A 680 31.66 -4.18 -11.74
CA SER A 680 32.00 -4.00 -13.15
C SER A 680 32.07 -2.52 -13.53
N PRO A 681 33.24 -2.03 -13.96
CA PRO A 681 33.34 -0.63 -14.40
C PRO A 681 32.54 -0.35 -15.69
N GLY A 682 31.85 0.79 -15.74
CA GLY A 682 31.10 1.24 -16.90
C GLY A 682 29.77 0.56 -17.21
N VAL A 683 29.37 -0.42 -16.40
CA VAL A 683 28.14 -1.22 -16.59
C VAL A 683 27.00 -0.70 -15.70
N ILE A 684 25.83 -0.45 -16.31
CA ILE A 684 24.65 -0.03 -15.56
C ILE A 684 23.54 -1.04 -15.71
N ASP A 685 23.03 -1.46 -14.55
CA ASP A 685 21.88 -2.35 -14.33
C ASP A 685 20.72 -1.34 -14.08
N ASN A 686 19.85 -1.13 -15.09
CA ASN A 686 18.72 -0.17 -15.02
C ASN A 686 17.77 -0.36 -13.81
N PRO A 687 17.26 -1.58 -13.48
CA PRO A 687 16.35 -1.70 -12.32
C PRO A 687 17.00 -1.29 -10.99
N LEU A 688 18.28 -1.64 -10.80
CA LEU A 688 19.05 -1.30 -9.60
C LEU A 688 19.22 0.23 -9.45
N VAL A 689 19.54 0.92 -10.56
CA VAL A 689 19.75 2.36 -10.55
C VAL A 689 18.42 3.06 -10.27
N MET A 690 17.34 2.50 -10.85
CA MET A 690 15.97 2.99 -10.63
C MET A 690 15.49 2.88 -9.20
N HIS A 691 15.73 1.71 -8.55
CA HIS A 691 15.37 1.45 -7.16
C HIS A 691 16.02 2.50 -6.25
N GLN A 692 17.32 2.79 -6.46
CA GLN A 692 18.11 3.80 -5.75
C GLN A 692 17.53 5.21 -5.96
N LEU A 693 17.17 5.59 -7.20
CA LEU A 693 16.56 6.88 -7.52
C LEU A 693 15.22 7.14 -6.79
N ARG A 694 14.44 6.06 -6.61
CA ARG A 694 13.16 6.05 -5.92
C ARG A 694 13.35 6.15 -4.40
N CYS A 695 14.51 5.70 -3.89
CA CYS A 695 14.77 5.66 -2.45
C CYS A 695 15.66 6.76 -1.90
N ASN A 696 16.44 7.46 -2.75
CA ASN A 696 17.47 8.40 -2.30
C ASN A 696 17.09 9.89 -2.24
N GLY A 697 15.91 10.27 -2.68
CA GLY A 697 15.48 11.66 -2.63
C GLY A 697 15.47 12.40 -3.96
N VAL A 698 16.16 11.84 -4.99
CA VAL A 698 16.26 12.47 -6.33
C VAL A 698 14.88 12.63 -6.97
N LEU A 699 14.14 11.52 -7.05
CA LEU A 699 12.77 11.52 -7.58
C LEU A 699 11.80 12.23 -6.64
N GLU A 700 12.02 12.09 -5.31
CA GLU A 700 11.27 12.78 -4.27
C GLU A 700 11.33 14.30 -4.43
N GLY A 701 12.54 14.84 -4.70
CA GLY A 701 12.78 16.27 -4.93
C GLY A 701 12.09 16.78 -6.18
N ILE A 702 11.97 15.92 -7.22
CA ILE A 702 11.29 16.27 -8.47
C ILE A 702 9.78 16.38 -8.18
N ARG A 703 9.23 15.42 -7.42
CA ARG A 703 7.83 15.34 -7.00
C ARG A 703 7.36 16.60 -6.24
N ILE A 704 8.08 17.00 -5.17
CA ILE A 704 7.73 18.13 -4.31
C ILE A 704 7.84 19.47 -5.07
N CYS A 705 8.80 19.60 -6.01
CA CYS A 705 9.02 20.80 -6.84
C CYS A 705 7.92 20.97 -7.88
N ARG A 706 7.40 19.83 -8.40
N ARG A 706 7.40 19.83 -8.41
CA ARG A 706 6.30 19.70 -9.37
CA ARG A 706 6.31 19.75 -9.39
C ARG A 706 5.01 20.34 -8.81
C ARG A 706 5.02 20.40 -8.81
N LYS A 707 4.92 20.45 -7.47
CA LYS A 707 3.80 21.05 -6.75
C LYS A 707 3.77 22.58 -6.86
N GLY A 708 4.95 23.16 -7.17
CA GLY A 708 5.12 24.59 -7.36
C GLY A 708 5.20 24.94 -8.83
N PHE A 709 6.18 25.78 -9.19
CA PHE A 709 6.42 26.20 -10.56
C PHE A 709 7.86 25.80 -10.93
N PRO A 710 8.03 24.52 -11.38
CA PRO A 710 9.37 24.00 -11.67
C PRO A 710 10.18 24.75 -12.74
N ASN A 711 9.48 25.32 -13.75
CA ASN A 711 10.12 26.05 -14.84
C ASN A 711 9.87 27.54 -14.66
N ARG A 712 10.92 28.34 -14.84
CA ARG A 712 10.89 29.78 -14.67
C ARG A 712 11.92 30.44 -15.60
N ILE A 713 11.44 31.31 -16.51
CA ILE A 713 12.24 32.00 -17.52
C ILE A 713 12.14 33.50 -17.33
N LEU A 714 13.27 34.21 -17.51
CA LEU A 714 13.33 35.68 -17.45
C LEU A 714 12.52 36.23 -18.61
N TYR A 715 11.87 37.38 -18.39
CA TYR A 715 11.04 38.06 -19.39
C TYR A 715 11.79 38.29 -20.71
N GLY A 716 13.04 38.78 -20.61
CA GLY A 716 13.94 39.03 -21.73
C GLY A 716 14.22 37.79 -22.55
N ASP A 717 14.57 36.68 -21.86
CA ASP A 717 14.85 35.38 -22.47
C ASP A 717 13.59 34.71 -23.09
N PHE A 718 12.39 34.94 -22.50
CA PHE A 718 11.12 34.38 -23.01
C PHE A 718 10.73 35.05 -24.33
N ARG A 719 10.93 36.38 -24.38
CA ARG A 719 10.67 37.26 -25.52
C ARG A 719 11.58 36.85 -26.70
N GLN A 720 12.84 36.51 -26.40
CA GLN A 720 13.84 36.11 -27.38
C GLN A 720 13.58 34.71 -27.98
N ARG A 721 12.85 33.84 -27.25
CA ARG A 721 12.60 32.46 -27.68
C ARG A 721 11.18 32.20 -28.20
N TYR A 722 10.16 32.81 -27.57
CA TYR A 722 8.76 32.51 -27.91
C TYR A 722 8.00 33.64 -28.66
N ARG A 723 8.70 34.68 -29.23
CA ARG A 723 8.04 35.72 -30.02
C ARG A 723 7.50 35.14 -31.33
N ILE A 724 8.18 34.12 -31.89
CA ILE A 724 7.81 33.40 -33.12
C ILE A 724 6.37 32.82 -33.04
N LEU A 725 5.84 32.60 -31.82
CA LEU A 725 4.49 32.06 -31.58
C LEU A 725 3.38 33.03 -31.98
N ASN A 726 3.59 34.35 -31.78
CA ASN A 726 2.67 35.44 -32.15
C ASN A 726 3.44 36.77 -32.20
N PRO A 727 4.24 37.05 -33.26
CA PRO A 727 5.03 38.30 -33.30
C PRO A 727 4.23 39.60 -33.24
N ALA A 728 2.90 39.52 -33.41
CA ALA A 728 1.99 40.67 -33.34
C ALA A 728 1.83 41.16 -31.91
N ALA A 729 1.82 40.23 -30.93
CA ALA A 729 1.66 40.50 -29.49
C ALA A 729 2.85 41.27 -28.91
N ILE A 730 4.06 41.05 -29.46
CA ILE A 730 5.27 41.77 -29.07
C ILE A 730 5.71 42.54 -30.34
N PRO A 731 5.07 43.68 -30.70
CA PRO A 731 5.48 44.39 -31.93
C PRO A 731 6.96 44.80 -31.96
N GLU A 732 7.59 44.76 -33.16
CA GLU A 732 9.00 45.09 -33.37
C GLU A 732 9.26 46.56 -32.99
N GLY A 733 10.03 46.75 -31.93
CA GLY A 733 10.35 48.06 -31.40
C GLY A 733 11.78 48.24 -30.91
N GLN A 734 12.19 49.51 -30.78
CA GLN A 734 13.51 49.95 -30.29
C GLN A 734 13.51 50.08 -28.75
N PHE A 735 12.30 50.12 -28.12
CA PHE A 735 12.07 50.23 -26.67
C PHE A 735 10.65 49.75 -26.27
N ILE A 736 10.56 48.65 -25.46
CA ILE A 736 9.29 48.04 -24.99
C ILE A 736 9.45 47.29 -23.62
N ASP A 737 8.39 47.33 -22.75
CA ASP A 737 8.31 46.69 -21.42
C ASP A 737 8.02 45.18 -21.55
N SER A 738 9.05 44.34 -21.33
CA SER A 738 9.04 42.88 -21.49
C SER A 738 7.99 42.11 -20.66
N ARG A 739 7.62 42.60 -19.46
CA ARG A 739 6.60 41.91 -18.66
C ARG A 739 5.26 41.95 -19.40
N LYS A 740 4.88 43.14 -19.88
CA LYS A 740 3.66 43.42 -20.64
C LYS A 740 3.62 42.60 -21.95
N GLY A 741 4.76 42.51 -22.64
CA GLY A 741 4.93 41.79 -23.89
C GLY A 741 4.74 40.29 -23.76
N ALA A 742 5.30 39.71 -22.70
CA ALA A 742 5.19 38.29 -22.40
C ALA A 742 3.75 37.98 -21.96
N GLU A 743 3.12 38.94 -21.22
CA GLU A 743 1.73 38.85 -20.75
C GLU A 743 0.75 38.78 -21.91
N LYS A 744 1.05 39.56 -22.97
CA LYS A 744 0.27 39.68 -24.21
C LYS A 744 0.35 38.40 -25.03
N LEU A 745 1.59 37.90 -25.26
CA LEU A 745 1.87 36.70 -26.05
C LEU A 745 1.21 35.45 -25.48
N LEU A 746 1.37 35.18 -24.16
CA LEU A 746 0.79 33.99 -23.53
C LEU A 746 -0.73 34.01 -23.50
N GLY A 747 -1.31 35.20 -23.25
CA GLY A 747 -2.75 35.41 -23.21
C GLY A 747 -3.43 35.20 -24.55
N SER A 748 -2.69 35.48 -25.65
CA SER A 748 -3.16 35.33 -27.02
C SER A 748 -3.20 33.88 -27.51
N LEU A 749 -2.32 33.01 -26.98
CA LEU A 749 -2.24 31.61 -27.41
C LEU A 749 -3.35 30.72 -26.86
N ASP A 750 -3.72 29.68 -27.64
CA ASP A 750 -4.74 28.67 -27.29
C ASP A 750 -4.07 27.69 -26.30
N ILE A 751 -3.93 28.17 -25.05
CA ILE A 751 -3.22 27.47 -23.98
C ILE A 751 -3.98 27.60 -22.65
N ASP A 752 -3.63 26.76 -21.65
CA ASP A 752 -4.23 26.84 -20.32
C ASP A 752 -3.57 28.05 -19.63
N HIS A 753 -4.36 29.11 -19.38
CA HIS A 753 -3.88 30.35 -18.80
C HIS A 753 -3.82 30.33 -17.25
N ASN A 754 -3.98 29.12 -16.67
CA ASN A 754 -3.89 28.85 -15.24
C ASN A 754 -2.65 28.00 -14.97
N GLN A 755 -1.92 27.67 -16.04
CA GLN A 755 -0.70 26.87 -16.01
C GLN A 755 0.58 27.76 -15.97
N TYR A 756 0.41 29.04 -15.64
CA TYR A 756 1.51 30.00 -15.54
C TYR A 756 1.15 31.21 -14.67
N LYS A 757 2.17 31.86 -14.08
CA LYS A 757 2.02 33.05 -13.24
C LYS A 757 3.12 34.05 -13.55
N PHE A 758 2.81 35.35 -13.41
CA PHE A 758 3.74 36.43 -13.71
C PHE A 758 4.46 36.94 -12.48
N GLY A 759 5.79 36.97 -12.56
CA GLY A 759 6.67 37.44 -11.49
C GLY A 759 7.25 38.81 -11.76
N HIS A 760 8.19 39.24 -10.94
CA HIS A 760 8.80 40.55 -11.13
C HIS A 760 9.81 40.55 -12.27
N THR A 761 10.70 39.54 -12.33
CA THR A 761 11.70 39.44 -13.40
C THR A 761 11.52 38.15 -14.24
N LYS A 762 10.60 37.24 -13.83
CA LYS A 762 10.42 35.93 -14.50
C LYS A 762 8.98 35.46 -14.64
N VAL A 763 8.72 34.62 -15.68
CA VAL A 763 7.43 33.94 -15.91
C VAL A 763 7.56 32.58 -15.21
N PHE A 764 6.55 32.22 -14.41
CA PHE A 764 6.51 30.94 -13.69
C PHE A 764 5.57 29.96 -14.36
N PHE A 765 6.06 28.75 -14.64
CA PHE A 765 5.32 27.72 -15.36
C PHE A 765 5.13 26.45 -14.57
N LYS A 766 3.98 25.79 -14.80
CA LYS A 766 3.70 24.48 -14.22
C LYS A 766 4.48 23.47 -15.06
N ALA A 767 4.69 22.25 -14.54
CA ALA A 767 5.40 21.19 -15.27
C ALA A 767 4.61 20.85 -16.54
N GLY A 768 5.30 20.63 -17.64
CA GLY A 768 4.65 20.26 -18.90
C GLY A 768 4.32 21.40 -19.83
N LEU A 769 3.90 22.58 -19.26
CA LEU A 769 3.60 23.77 -20.07
C LEU A 769 4.73 24.11 -21.07
N LEU A 770 6.00 24.03 -20.62
CA LEU A 770 7.15 24.33 -21.49
C LEU A 770 7.38 23.29 -22.59
N GLY A 771 6.97 22.05 -22.34
CA GLY A 771 7.04 20.95 -23.30
C GLY A 771 6.11 21.18 -24.48
N LEU A 772 5.01 21.93 -24.23
CA LEU A 772 3.98 22.34 -25.20
C LEU A 772 4.43 23.60 -25.95
N LEU A 773 4.93 24.64 -25.24
CA LEU A 773 5.44 25.87 -25.83
C LEU A 773 6.56 25.63 -26.84
N GLU A 774 7.32 24.53 -26.65
CA GLU A 774 8.42 24.10 -27.53
C GLU A 774 7.88 23.30 -28.70
N GLU A 775 6.78 22.54 -28.48
CA GLU A 775 6.11 21.74 -29.51
C GLU A 775 5.44 22.70 -30.51
N MET A 776 4.79 23.77 -29.96
CA MET A 776 4.15 24.85 -30.71
C MET A 776 5.19 25.64 -31.49
N ARG A 777 6.37 25.88 -30.88
CA ARG A 777 7.50 26.62 -31.49
C ARG A 777 8.06 25.90 -32.71
N ASP A 778 8.30 24.57 -32.62
CA ASP A 778 8.83 23.79 -33.74
C ASP A 778 7.79 23.59 -34.84
N GLU A 779 6.49 23.56 -34.46
CA GLU A 779 5.36 23.44 -35.37
C GLU A 779 5.23 24.75 -36.17
N ARG A 780 5.51 25.90 -35.52
CA ARG A 780 5.46 27.23 -36.12
C ARG A 780 6.68 27.49 -37.00
N LEU A 781 7.92 27.21 -36.50
CA LEU A 781 9.16 27.39 -37.25
C LEU A 781 9.18 26.56 -38.56
N SER A 782 8.62 25.34 -38.51
CA SER A 782 8.52 24.47 -39.69
C SER A 782 7.51 25.05 -40.70
N ARG A 783 6.38 25.62 -40.20
CA ARG A 783 5.35 26.27 -41.02
C ARG A 783 5.88 27.54 -41.67
N ILE A 784 6.66 28.38 -40.93
CA ILE A 784 7.22 29.64 -41.44
C ILE A 784 8.30 29.37 -42.50
N ILE A 785 9.18 28.37 -42.29
CA ILE A 785 10.24 28.01 -43.26
C ILE A 785 9.58 27.56 -44.57
N THR A 786 8.47 26.80 -44.49
CA THR A 786 7.67 26.32 -45.60
C THR A 786 7.10 27.51 -46.40
N ARG A 787 6.62 28.56 -45.69
CA ARG A 787 6.09 29.80 -46.28
C ARG A 787 7.22 30.66 -46.86
N ILE A 788 8.44 30.62 -46.26
CA ILE A 788 9.61 31.34 -46.76
C ILE A 788 10.03 30.67 -48.09
N GLN A 789 9.99 29.33 -48.13
CA GLN A 789 10.32 28.49 -49.29
C GLN A 789 9.33 28.64 -50.43
N ALA A 790 8.04 28.89 -50.10
CA ALA A 790 6.94 29.06 -51.04
C ALA A 790 6.99 30.46 -51.67
N GLN A 791 7.46 31.45 -50.90
CA GLN A 791 7.66 32.85 -51.30
C GLN A 791 8.95 32.92 -52.13
N SER A 792 9.96 32.10 -51.77
CA SER A 792 11.23 31.99 -52.47
C SER A 792 11.05 31.32 -53.83
N ARG A 793 10.03 30.44 -53.95
CA ARG A 793 9.67 29.77 -55.19
C ARG A 793 9.02 30.76 -56.15
N GLY A 794 8.32 31.75 -55.58
CA GLY A 794 7.64 32.82 -56.31
C GLY A 794 8.59 33.76 -57.01
N VAL A 795 9.74 34.09 -56.39
CA VAL A 795 10.76 34.97 -57.00
C VAL A 795 11.54 34.25 -58.11
N LEU A 796 11.66 32.92 -58.02
CA LEU A 796 12.35 32.09 -59.01
C LEU A 796 11.45 31.92 -60.24
N SER A 797 10.12 31.80 -60.00
CA SER A 797 9.06 31.69 -61.01
C SER A 797 8.88 33.01 -61.76
N ARG A 798 9.00 34.16 -61.05
CA ARG A 798 8.87 35.51 -61.63
C ARG A 798 10.14 35.90 -62.41
N MET A 799 11.29 35.27 -62.10
CA MET A 799 12.57 35.49 -62.77
C MET A 799 12.69 34.67 -64.05
N GLU A 800 11.91 33.59 -64.15
CA GLU A 800 11.86 32.74 -65.34
C GLU A 800 10.61 33.12 -66.17
N PHE A 801 9.97 34.24 -65.80
CA PHE A 801 8.80 34.85 -66.43
C PHE A 801 9.19 36.25 -66.95
N LYS A 802 10.08 36.96 -66.20
CA LYS A 802 10.62 38.26 -66.58
C LYS A 802 11.66 38.06 -67.69
N LYS A 803 12.10 36.79 -67.89
CA LYS A 803 13.03 36.37 -68.93
C LYS A 803 12.26 35.85 -70.15
N LEU A 804 11.06 35.28 -69.92
CA LEU A 804 10.19 34.78 -70.98
C LEU A 804 9.51 35.95 -71.70
N LEU A 805 8.95 36.91 -70.93
CA LEU A 805 8.27 38.12 -71.44
C LEU A 805 9.24 39.04 -72.22
N GLU A 806 10.47 39.23 -71.69
CA GLU A 806 11.52 40.06 -72.30
C GLU A 806 12.45 39.21 -73.18
N VAL B 2 -36.80 -32.53 18.40
CA VAL B 2 -37.12 -31.11 18.66
C VAL B 2 -37.44 -30.86 20.15
N ASP B 3 -36.63 -30.04 20.81
CA ASP B 3 -36.81 -29.62 22.22
C ASP B 3 -38.09 -28.76 22.35
N ALA B 4 -38.65 -28.63 23.57
CA ALA B 4 -39.87 -27.85 23.84
C ALA B 4 -39.72 -26.36 23.48
N GLU B 5 -38.50 -25.77 23.68
CA GLU B 5 -38.22 -24.36 23.36
C GLU B 5 -38.35 -24.08 21.84
N MET B 6 -38.24 -25.15 21.01
N MET B 6 -38.23 -25.14 21.01
CA MET B 6 -38.30 -25.11 19.54
CA MET B 6 -38.29 -25.06 19.55
C MET B 6 -39.65 -25.50 18.95
C MET B 6 -39.61 -25.57 18.95
N ALA B 7 -40.58 -25.97 19.79
CA ALA B 7 -41.91 -26.48 19.35
C ALA B 7 -42.73 -25.46 18.58
N ALA B 8 -42.63 -24.15 18.96
CA ALA B 8 -43.36 -23.05 18.32
C ALA B 8 -42.98 -22.84 16.84
N PHE B 9 -41.75 -23.20 16.47
CA PHE B 9 -41.19 -23.01 15.13
C PHE B 9 -41.66 -24.04 14.09
N GLY B 10 -42.24 -25.15 14.53
CA GLY B 10 -42.77 -26.18 13.64
C GLY B 10 -41.73 -26.82 12.76
N GLU B 11 -42.00 -26.90 11.45
CA GLU B 11 -41.12 -27.47 10.41
C GLU B 11 -39.74 -26.75 10.32
N ALA B 12 -39.72 -25.47 10.71
CA ALA B 12 -38.54 -24.61 10.69
C ALA B 12 -37.48 -24.98 11.75
N ALA B 13 -37.94 -25.49 12.93
CA ALA B 13 -37.12 -25.81 14.10
C ALA B 13 -35.68 -26.33 13.80
N PRO B 14 -35.42 -27.41 12.99
CA PRO B 14 -34.02 -27.85 12.77
C PRO B 14 -33.16 -26.95 11.88
N TYR B 15 -33.78 -26.04 11.15
CA TYR B 15 -33.08 -25.11 10.29
C TYR B 15 -32.70 -23.85 11.06
N LEU B 16 -33.12 -23.79 12.34
CA LEU B 16 -32.90 -22.66 13.24
C LEU B 16 -32.06 -22.98 14.43
N ARG B 17 -32.31 -24.13 15.07
CA ARG B 17 -31.51 -24.60 16.22
C ARG B 17 -31.54 -26.10 16.29
N LYS B 18 -30.39 -26.75 16.56
CA LYS B 18 -30.36 -28.21 16.73
C LYS B 18 -30.81 -28.57 18.17
N SER B 19 -31.27 -29.82 18.39
CA SER B 19 -31.73 -30.24 19.73
C SER B 19 -30.53 -30.39 20.67
N GLU B 20 -30.74 -30.29 22.01
CA GLU B 20 -29.67 -30.46 23.00
C GLU B 20 -28.98 -31.81 22.83
N LYS B 21 -29.76 -32.90 22.64
CA LYS B 21 -29.25 -34.26 22.38
C LYS B 21 -28.30 -34.27 21.18
N GLU B 22 -28.73 -33.71 20.04
CA GLU B 22 -28.01 -33.60 18.78
C GLU B 22 -26.74 -32.75 18.95
N ARG B 23 -26.81 -31.72 19.79
CA ARG B 23 -25.66 -30.86 20.06
C ARG B 23 -24.58 -31.58 20.84
N LEU B 24 -24.92 -32.14 22.01
CA LEU B 24 -23.97 -32.90 22.86
C LEU B 24 -23.30 -34.07 22.12
N GLU B 25 -24.07 -34.81 21.30
CA GLU B 25 -23.56 -35.93 20.50
C GLU B 25 -22.63 -35.48 19.39
N ALA B 26 -22.91 -34.34 18.73
CA ALA B 26 -22.03 -33.80 17.67
C ALA B 26 -20.78 -33.12 18.27
N GLN B 27 -20.88 -32.64 19.51
N GLN B 27 -20.90 -32.64 19.51
CA GLN B 27 -19.79 -31.96 20.20
CA GLN B 27 -19.90 -31.95 20.31
C GLN B 27 -18.81 -32.92 20.88
C GLN B 27 -18.85 -32.91 20.89
N THR B 28 -19.26 -34.15 21.23
CA THR B 28 -18.38 -35.17 21.86
C THR B 28 -17.36 -35.66 20.84
N ARG B 29 -16.14 -35.17 21.00
CA ARG B 29 -14.98 -35.47 20.16
C ARG B 29 -13.73 -35.14 20.96
N PRO B 30 -12.59 -35.80 20.73
CA PRO B 30 -11.37 -35.44 21.49
C PRO B 30 -10.94 -34.02 21.17
N PHE B 31 -10.56 -33.27 22.20
CA PHE B 31 -10.11 -31.90 22.03
C PHE B 31 -9.04 -31.55 23.05
N ASP B 32 -7.88 -31.11 22.55
CA ASP B 32 -6.80 -30.63 23.40
C ASP B 32 -6.64 -29.17 23.11
N LEU B 33 -6.90 -28.32 24.12
CA LEU B 33 -6.81 -26.85 24.04
C LEU B 33 -5.44 -26.32 23.60
N LYS B 34 -4.43 -27.21 23.61
CA LYS B 34 -3.04 -26.91 23.27
C LYS B 34 -2.51 -27.68 22.04
N LYS B 35 -3.31 -28.59 21.45
CA LYS B 35 -2.89 -29.37 20.29
C LYS B 35 -3.79 -29.19 19.06
N ASP B 36 -5.07 -28.86 19.27
CA ASP B 36 -6.10 -28.64 18.25
C ASP B 36 -6.14 -27.16 17.83
N VAL B 37 -5.62 -26.89 16.62
CA VAL B 37 -5.40 -25.53 16.13
C VAL B 37 -5.92 -25.27 14.70
N PHE B 38 -5.57 -24.06 14.20
CA PHE B 38 -5.80 -23.60 12.85
C PHE B 38 -4.43 -23.24 12.29
N VAL B 39 -4.18 -23.63 11.05
CA VAL B 39 -2.93 -23.35 10.37
C VAL B 39 -3.28 -22.72 9.01
N PRO B 40 -2.43 -21.81 8.44
CA PRO B 40 -2.75 -21.26 7.12
C PRO B 40 -2.75 -22.34 6.02
N ASP B 41 -3.40 -22.04 4.90
CA ASP B 41 -3.48 -22.93 3.75
C ASP B 41 -3.50 -22.09 2.49
N ASP B 42 -2.80 -22.58 1.46
CA ASP B 42 -2.70 -21.91 0.17
C ASP B 42 -4.00 -21.96 -0.62
N LYS B 43 -4.73 -23.08 -0.55
CA LYS B 43 -5.99 -23.28 -1.26
C LYS B 43 -7.26 -22.97 -0.44
N GLU B 44 -7.26 -23.38 0.84
CA GLU B 44 -8.40 -23.26 1.74
C GLU B 44 -8.33 -22.10 2.74
N GLU B 45 -7.29 -21.24 2.66
CA GLU B 45 -7.03 -20.09 3.54
C GLU B 45 -6.54 -20.52 4.91
N PHE B 46 -7.31 -21.38 5.59
CA PHE B 46 -7.04 -21.96 6.90
C PHE B 46 -7.58 -23.38 6.93
N VAL B 47 -6.94 -24.25 7.71
CA VAL B 47 -7.37 -25.63 7.93
C VAL B 47 -7.22 -25.95 9.39
N LYS B 48 -8.03 -26.88 9.91
CA LYS B 48 -7.90 -27.36 11.30
C LYS B 48 -6.73 -28.35 11.27
N ALA B 49 -5.94 -28.40 12.34
CA ALA B 49 -4.80 -29.32 12.40
C ALA B 49 -4.47 -29.77 13.82
N THR B 50 -3.73 -30.91 13.95
CA THR B 50 -3.30 -31.44 15.25
C THR B 50 -1.78 -31.42 15.32
N ILE B 51 -1.22 -30.60 16.26
CA ILE B 51 0.21 -30.39 16.51
C ILE B 51 0.88 -31.71 16.93
N LEU B 52 1.94 -32.10 16.19
CA LEU B 52 2.74 -33.30 16.41
C LEU B 52 4.02 -32.95 17.19
N SER B 53 4.82 -31.97 16.68
CA SER B 53 6.06 -31.48 17.31
C SER B 53 6.23 -29.96 17.13
N ARG B 54 7.17 -29.37 17.91
CA ARG B 54 7.53 -27.95 17.84
C ARG B 54 9.03 -27.81 17.56
N GLY B 57 11.38 -22.97 16.42
CA GLY B 57 10.31 -21.98 16.29
C GLY B 57 9.24 -22.29 15.25
N LYS B 58 9.29 -23.52 14.70
CA LYS B 58 8.38 -24.06 13.68
C LYS B 58 7.57 -25.22 14.25
N VAL B 59 6.24 -25.20 14.07
CA VAL B 59 5.31 -26.23 14.51
C VAL B 59 5.06 -27.20 13.34
N THR B 60 5.04 -28.51 13.65
CA THR B 60 4.76 -29.57 12.67
C THR B 60 3.40 -30.16 13.05
N ALA B 61 2.44 -30.18 12.11
CA ALA B 61 1.08 -30.65 12.39
C ALA B 61 0.43 -31.44 11.25
N GLU B 62 -0.60 -32.25 11.59
CA GLU B 62 -1.39 -33.00 10.63
C GLU B 62 -2.75 -32.35 10.49
N THR B 63 -3.07 -31.93 9.26
CA THR B 63 -4.33 -31.26 8.93
C THR B 63 -5.52 -32.21 8.92
N GLU B 64 -6.72 -31.63 8.99
CA GLU B 64 -8.04 -32.29 8.93
C GLU B 64 -8.22 -33.09 7.61
N HIS B 65 -7.28 -32.90 6.65
CA HIS B 65 -7.25 -33.55 5.34
C HIS B 65 -6.17 -34.64 5.23
N GLY B 66 -5.52 -34.95 6.35
CA GLY B 66 -4.51 -35.99 6.41
C GLY B 66 -3.15 -35.61 5.87
N LYS B 67 -2.93 -34.32 5.60
CA LYS B 67 -1.64 -33.84 5.14
C LYS B 67 -0.80 -33.38 6.33
N THR B 68 0.52 -33.57 6.22
CA THR B 68 1.50 -33.19 7.22
C THR B 68 2.13 -31.87 6.74
N VAL B 69 2.15 -30.86 7.61
CA VAL B 69 2.67 -29.51 7.33
C VAL B 69 3.60 -29.02 8.41
N THR B 70 4.43 -28.02 8.05
CA THR B 70 5.32 -27.33 8.97
C THR B 70 5.10 -25.83 8.74
N VAL B 71 4.75 -25.11 9.82
CA VAL B 71 4.43 -23.67 9.79
C VAL B 71 5.08 -22.95 10.97
N LYS B 72 5.22 -21.62 10.89
CA LYS B 72 5.80 -20.79 11.95
C LYS B 72 4.88 -20.82 13.18
N GLU B 73 5.45 -20.76 14.39
CA GLU B 73 4.68 -20.78 15.64
C GLU B 73 3.68 -19.63 15.75
N ASP B 74 4.05 -18.44 15.25
N ASP B 74 4.06 -18.44 15.22
CA ASP B 74 3.19 -17.25 15.28
CA ASP B 74 3.27 -17.20 15.19
C ASP B 74 1.98 -17.36 14.32
C ASP B 74 2.02 -17.35 14.31
N GLN B 75 2.11 -18.14 13.22
CA GLN B 75 1.06 -18.40 12.21
C GLN B 75 -0.03 -19.43 12.65
N VAL B 76 0.09 -19.99 13.85
CA VAL B 76 -0.86 -20.96 14.38
C VAL B 76 -1.88 -20.22 15.26
N LEU B 77 -3.16 -20.54 15.04
CA LEU B 77 -4.27 -19.94 15.79
C LEU B 77 -5.03 -20.99 16.58
N GLN B 78 -5.55 -20.62 17.73
CA GLN B 78 -6.30 -21.55 18.58
C GLN B 78 -7.71 -21.80 18.14
N GLN B 79 -8.19 -23.02 18.35
CA GLN B 79 -9.56 -23.40 18.06
C GLN B 79 -10.41 -23.05 19.27
N ASN B 80 -11.69 -22.78 19.06
CA ASN B 80 -12.60 -22.58 20.18
C ASN B 80 -13.00 -24.00 20.61
N PRO B 81 -13.16 -24.30 21.91
CA PRO B 81 -13.54 -25.68 22.31
C PRO B 81 -14.86 -26.17 21.71
N PRO B 82 -15.14 -27.50 21.69
CA PRO B 82 -16.40 -28.01 21.12
C PRO B 82 -17.70 -27.45 21.69
N LYS B 83 -17.66 -26.98 22.95
CA LYS B 83 -18.69 -26.28 23.72
C LYS B 83 -19.31 -25.15 22.85
N PHE B 84 -18.45 -24.47 22.06
CA PHE B 84 -18.65 -23.31 21.18
C PHE B 84 -19.05 -23.62 19.73
N ASP B 85 -19.16 -24.92 19.35
CA ASP B 85 -19.54 -25.30 17.97
C ASP B 85 -20.88 -24.71 17.56
N LYS B 86 -20.99 -24.24 16.30
CA LYS B 86 -22.21 -23.68 15.69
C LYS B 86 -22.94 -22.68 16.62
N ILE B 87 -22.16 -21.84 17.30
CA ILE B 87 -22.68 -20.83 18.22
C ILE B 87 -23.57 -19.79 17.47
N GLU B 88 -24.63 -19.36 18.13
CA GLU B 88 -25.63 -18.41 17.62
C GLU B 88 -25.12 -17.02 17.51
N ASP B 89 -24.42 -16.55 18.53
CA ASP B 89 -23.75 -15.24 18.50
C ASP B 89 -22.23 -15.42 18.65
N MET B 90 -21.50 -15.16 17.56
CA MET B 90 -20.04 -15.26 17.52
C MET B 90 -19.28 -14.31 18.47
N ALA B 91 -19.91 -13.21 18.94
CA ALA B 91 -19.30 -12.30 19.93
C ALA B 91 -18.97 -13.03 21.23
N MET B 92 -19.55 -14.23 21.41
CA MET B 92 -19.46 -15.08 22.60
C MET B 92 -18.29 -16.07 22.55
N LEU B 93 -17.65 -16.19 21.40
CA LEU B 93 -16.51 -17.09 21.20
C LEU B 93 -15.29 -16.63 21.97
N THR B 94 -14.46 -17.57 22.43
CA THR B 94 -13.23 -17.26 23.18
C THR B 94 -12.20 -16.62 22.23
N PHE B 95 -12.00 -17.23 21.06
CA PHE B 95 -11.08 -16.77 20.03
C PHE B 95 -11.95 -16.25 18.87
N LEU B 96 -11.74 -14.96 18.52
CA LEU B 96 -12.48 -14.26 17.48
C LEU B 96 -11.63 -13.86 16.26
N HIS B 97 -10.76 -14.76 15.80
CA HIS B 97 -9.87 -14.52 14.65
C HIS B 97 -10.53 -14.94 13.32
N GLU B 98 -9.83 -14.78 12.16
CA GLU B 98 -10.42 -15.12 10.85
C GLU B 98 -10.94 -16.57 10.76
N PRO B 99 -10.15 -17.65 11.05
CA PRO B 99 -10.71 -19.02 10.94
C PRO B 99 -11.81 -19.36 11.98
N ALA B 100 -11.81 -18.70 13.16
CA ALA B 100 -12.83 -18.93 14.18
C ALA B 100 -14.22 -18.49 13.68
N VAL B 101 -14.27 -17.30 13.01
CA VAL B 101 -15.47 -16.74 12.38
C VAL B 101 -15.87 -17.60 11.16
N LEU B 102 -14.92 -17.87 10.26
CA LEU B 102 -15.14 -18.67 9.07
C LEU B 102 -15.74 -20.05 9.37
N TYR B 103 -15.14 -20.82 10.33
CA TYR B 103 -15.54 -22.17 10.68
C TYR B 103 -16.89 -22.24 11.40
N ASN B 104 -17.18 -21.32 12.34
CA ASN B 104 -18.48 -21.25 13.02
C ASN B 104 -19.62 -21.04 11.99
N LEU B 105 -19.38 -20.17 10.98
CA LEU B 105 -20.34 -19.91 9.90
C LEU B 105 -20.44 -21.08 8.93
N LYS B 106 -19.33 -21.71 8.54
CA LYS B 106 -19.42 -22.82 7.56
C LYS B 106 -20.01 -24.12 8.15
N GLU B 107 -19.78 -24.35 9.46
CA GLU B 107 -20.29 -25.53 10.18
C GLU B 107 -21.81 -25.43 10.35
N ARG B 108 -22.33 -24.19 10.63
CA ARG B 108 -23.78 -23.93 10.74
C ARG B 108 -24.42 -24.13 9.39
N TYR B 109 -23.76 -23.63 8.35
CA TYR B 109 -24.22 -23.73 6.98
C TYR B 109 -24.31 -25.18 6.52
N ALA B 110 -23.34 -26.03 6.91
CA ALA B 110 -23.31 -27.47 6.61
C ALA B 110 -24.55 -28.16 7.18
N SER B 111 -25.07 -27.63 8.34
CA SER B 111 -26.26 -28.06 9.07
C SER B 111 -27.53 -27.35 8.57
N TRP B 112 -27.43 -26.61 7.47
CA TRP B 112 -28.53 -25.87 6.85
C TRP B 112 -29.11 -24.75 7.75
N MET B 113 -28.26 -24.19 8.63
CA MET B 113 -28.56 -23.06 9.50
C MET B 113 -27.85 -21.87 8.91
N ILE B 114 -28.58 -21.09 8.12
CA ILE B 114 -28.13 -19.97 7.31
C ILE B 114 -28.07 -18.62 8.03
N TYR B 115 -28.51 -18.52 9.28
CA TYR B 115 -28.46 -17.25 10.04
C TYR B 115 -27.60 -17.39 11.28
N THR B 116 -26.68 -16.45 11.47
CA THR B 116 -25.79 -16.39 12.64
C THR B 116 -25.64 -14.95 13.02
N TYR B 117 -25.52 -14.65 14.31
CA TYR B 117 -25.18 -13.31 14.77
C TYR B 117 -23.66 -13.21 14.95
N SER B 118 -23.15 -11.98 14.88
CA SER B 118 -21.76 -11.64 15.15
C SER B 118 -21.84 -10.25 15.75
N GLY B 119 -22.05 -10.20 17.07
CA GLY B 119 -22.31 -8.94 17.77
C GLY B 119 -23.63 -8.40 17.25
N LEU B 120 -23.64 -7.22 16.66
CA LEU B 120 -24.85 -6.64 16.10
C LEU B 120 -25.27 -7.22 14.72
N PHE B 121 -24.32 -7.69 13.92
CA PHE B 121 -24.65 -8.19 12.59
C PHE B 121 -25.50 -9.46 12.52
N CYS B 122 -26.46 -9.51 11.56
CA CYS B 122 -27.20 -10.73 11.27
C CYS B 122 -26.56 -11.22 10.01
N VAL B 123 -25.82 -12.30 10.14
CA VAL B 123 -25.06 -12.83 9.01
C VAL B 123 -25.83 -13.94 8.36
N THR B 124 -25.92 -13.94 7.02
CA THR B 124 -26.66 -14.98 6.34
C THR B 124 -25.89 -15.44 5.10
N ILE B 125 -25.80 -16.75 4.93
CA ILE B 125 -25.11 -17.36 3.80
C ILE B 125 -26.16 -18.00 2.93
N ASN B 126 -26.13 -17.67 1.63
CA ASN B 126 -27.06 -18.17 0.62
C ASN B 126 -27.12 -19.69 0.54
N PRO B 127 -28.29 -20.32 0.85
CA PRO B 127 -28.39 -21.79 0.80
C PRO B 127 -28.53 -22.42 -0.60
N TYR B 128 -28.97 -21.65 -1.60
CA TYR B 128 -29.23 -22.14 -2.96
C TYR B 128 -30.23 -23.30 -2.93
N TRP B 130 -34.54 -23.74 -1.07
CA TRP B 130 -35.59 -23.16 -0.27
C TRP B 130 -35.82 -23.99 0.96
N LEU B 131 -35.56 -23.39 2.14
CA LEU B 131 -35.71 -24.04 3.45
C LEU B 131 -37.06 -23.57 4.04
N PRO B 132 -37.76 -24.43 4.82
CA PRO B 132 -39.08 -24.02 5.36
C PRO B 132 -39.01 -23.09 6.59
N VAL B 133 -38.28 -21.96 6.47
CA VAL B 133 -38.05 -21.01 7.56
C VAL B 133 -38.80 -19.63 7.42
N TYR B 134 -39.56 -19.41 6.33
CA TYR B 134 -40.22 -18.13 6.12
C TYR B 134 -41.77 -18.16 6.19
N ASN B 135 -42.34 -19.28 6.67
CA ASN B 135 -43.79 -19.45 6.73
C ASN B 135 -44.48 -18.64 7.86
N ALA B 136 -45.83 -18.59 7.84
CA ALA B 136 -46.66 -17.87 8.81
C ALA B 136 -46.50 -18.42 10.23
N GLU B 137 -46.28 -19.71 10.33
CA GLU B 137 -45.99 -20.46 11.54
C GLU B 137 -44.73 -19.90 12.21
N VAL B 138 -43.70 -19.50 11.40
CA VAL B 138 -42.44 -18.91 11.87
C VAL B 138 -42.66 -17.46 12.27
N VAL B 139 -43.44 -16.67 11.46
CA VAL B 139 -43.78 -15.27 11.76
C VAL B 139 -44.35 -15.22 13.19
N ALA B 140 -45.37 -16.07 13.47
CA ALA B 140 -46.05 -16.23 14.76
C ALA B 140 -45.10 -16.59 15.90
N ALA B 141 -44.02 -17.34 15.59
CA ALA B 141 -43.04 -17.76 16.57
C ALA B 141 -41.98 -16.72 16.87
N TYR B 142 -41.88 -15.66 16.04
CA TYR B 142 -40.95 -14.53 16.23
C TYR B 142 -41.61 -13.30 16.84
N ARG B 143 -42.95 -13.23 16.80
CA ARG B 143 -43.71 -12.08 17.34
C ARG B 143 -43.40 -11.75 18.78
N GLY B 144 -42.93 -10.51 18.99
CA GLY B 144 -42.65 -9.95 20.31
C GLY B 144 -41.47 -10.47 21.08
N LYS B 145 -40.65 -11.34 20.46
CA LYS B 145 -39.45 -11.88 21.07
C LYS B 145 -38.24 -10.98 20.85
N LYS B 146 -37.40 -10.91 21.90
CA LYS B 146 -36.12 -10.20 21.86
C LYS B 146 -35.15 -11.13 21.14
N ARG B 147 -34.03 -10.58 20.64
CA ARG B 147 -33.05 -11.34 19.88
C ARG B 147 -32.62 -12.64 20.57
N SER B 148 -32.30 -12.56 21.87
CA SER B 148 -31.83 -13.71 22.66
C SER B 148 -32.95 -14.72 23.00
N GLU B 149 -34.24 -14.34 22.81
CA GLU B 149 -35.36 -15.25 23.08
C GLU B 149 -35.68 -16.25 21.97
N ALA B 150 -34.96 -16.20 20.83
CA ALA B 150 -35.18 -17.15 19.74
C ALA B 150 -33.86 -17.34 18.98
N PRO B 151 -33.73 -18.39 18.12
CA PRO B 151 -32.50 -18.56 17.33
C PRO B 151 -32.27 -17.44 16.30
N PRO B 152 -31.05 -17.23 15.71
CA PRO B 152 -30.92 -16.20 14.66
C PRO B 152 -31.85 -16.39 13.45
N HIS B 153 -32.38 -15.27 12.92
CA HIS B 153 -33.29 -15.22 11.78
C HIS B 153 -33.45 -13.76 11.39
N ILE B 154 -33.74 -13.50 10.10
CA ILE B 154 -34.06 -12.18 9.56
C ILE B 154 -35.35 -11.60 10.21
N PHE B 155 -36.32 -12.49 10.61
CA PHE B 155 -37.59 -12.13 11.26
C PHE B 155 -37.39 -11.47 12.63
N SER B 156 -36.25 -11.77 13.28
CA SER B 156 -35.86 -11.21 14.57
C SER B 156 -35.49 -9.74 14.38
N ILE B 157 -34.83 -9.42 13.26
CA ILE B 157 -34.38 -8.09 12.91
C ILE B 157 -35.63 -7.24 12.61
N SER B 158 -36.51 -7.78 11.75
CA SER B 158 -37.79 -7.20 11.32
C SER B 158 -38.69 -6.93 12.52
N ASP B 159 -38.90 -7.94 13.37
CA ASP B 159 -39.79 -7.79 14.52
C ASP B 159 -39.24 -6.82 15.57
N ASN B 160 -37.93 -6.89 15.85
CA ASN B 160 -37.30 -5.99 16.82
C ASN B 160 -37.27 -4.55 16.35
N ALA B 161 -37.05 -4.30 15.05
CA ALA B 161 -37.08 -2.96 14.47
C ALA B 161 -38.47 -2.35 14.69
N TYR B 162 -39.54 -3.11 14.34
CA TYR B 162 -40.95 -2.72 14.55
C TYR B 162 -41.24 -2.46 16.03
N GLN B 163 -40.83 -3.36 16.93
CA GLN B 163 -41.04 -3.19 18.38
C GLN B 163 -40.31 -1.99 18.95
N TYR B 164 -39.01 -1.80 18.61
CA TYR B 164 -38.21 -0.65 19.02
C TYR B 164 -38.85 0.67 18.55
N MET B 165 -39.37 0.69 17.31
CA MET B 165 -40.02 1.85 16.76
C MET B 165 -41.15 2.27 17.66
N LEU B 166 -42.01 1.32 18.05
CA LEU B 166 -43.15 1.62 18.89
C LEU B 166 -42.77 1.99 20.30
N THR B 167 -41.86 1.22 20.92
CA THR B 167 -41.41 1.39 22.30
C THR B 167 -40.55 2.64 22.53
N ASP B 168 -39.50 2.84 21.69
CA ASP B 168 -38.57 3.96 21.81
C ASP B 168 -39.04 5.19 21.05
N ARG B 169 -40.21 5.11 20.36
CA ARG B 169 -40.76 6.23 19.58
C ARG B 169 -39.69 6.84 18.65
N GLU B 170 -39.08 5.99 17.76
CA GLU B 170 -38.07 6.49 16.82
C GLU B 170 -37.89 5.65 15.56
N ASN B 171 -37.42 6.31 14.49
CA ASN B 171 -37.16 5.68 13.21
C ASN B 171 -36.11 4.60 13.34
N GLN B 172 -36.18 3.66 12.41
CA GLN B 172 -35.29 2.51 12.33
C GLN B 172 -34.82 2.35 10.91
N SER B 173 -33.69 1.67 10.76
CA SER B 173 -33.16 1.31 9.44
C SER B 173 -32.64 -0.12 9.49
N ILE B 174 -32.75 -0.84 8.38
CA ILE B 174 -32.24 -2.21 8.21
C ILE B 174 -31.32 -2.11 7.00
N LEU B 175 -30.01 -2.25 7.25
CA LEU B 175 -28.99 -2.11 6.23
C LEU B 175 -28.57 -3.48 5.77
N ILE B 176 -28.94 -3.84 4.51
CA ILE B 176 -28.69 -5.14 3.86
C ILE B 176 -27.68 -5.00 2.72
N THR B 177 -26.44 -5.47 2.95
CA THR B 177 -25.35 -5.40 1.96
C THR B 177 -24.88 -6.79 1.63
N GLY B 178 -23.95 -6.86 0.69
CA GLY B 178 -23.41 -8.10 0.18
C GLY B 178 -23.21 -8.01 -1.32
N GLU B 179 -22.51 -9.00 -1.86
CA GLU B 179 -22.16 -9.09 -3.27
C GLU B 179 -23.35 -9.58 -4.07
N SER B 180 -23.21 -9.62 -5.40
CA SER B 180 -24.25 -10.11 -6.29
C SER B 180 -24.36 -11.63 -6.07
N GLY B 181 -25.62 -12.08 -5.90
CA GLY B 181 -25.96 -13.48 -5.64
C GLY B 181 -25.86 -13.86 -4.19
N ALA B 182 -25.61 -12.90 -3.28
CA ALA B 182 -25.50 -13.18 -1.84
C ALA B 182 -26.86 -13.35 -1.12
N GLY B 183 -27.91 -12.73 -1.66
CA GLY B 183 -29.27 -12.86 -1.11
C GLY B 183 -29.95 -11.61 -0.61
N LYS B 184 -29.44 -10.40 -0.98
CA LYS B 184 -30.03 -9.12 -0.54
C LYS B 184 -31.51 -9.02 -0.90
N THR B 185 -31.89 -9.38 -2.17
CA THR B 185 -33.25 -9.31 -2.68
C THR B 185 -34.21 -10.22 -1.90
N VAL B 186 -33.84 -11.48 -1.72
CA VAL B 186 -34.59 -12.47 -0.98
C VAL B 186 -34.86 -11.95 0.45
N ASN B 187 -33.84 -11.40 1.14
CA ASN B 187 -33.99 -10.90 2.52
C ASN B 187 -34.73 -9.56 2.58
N THR B 188 -34.58 -8.68 1.57
CA THR B 188 -35.29 -7.38 1.52
C THR B 188 -36.79 -7.64 1.41
N LYS B 189 -37.15 -8.58 0.51
CA LYS B 189 -38.52 -9.02 0.26
C LYS B 189 -39.15 -9.63 1.50
N ARG B 190 -38.41 -10.49 2.23
CA ARG B 190 -38.88 -11.13 3.47
C ARG B 190 -39.16 -10.11 4.59
N VAL B 191 -38.29 -9.11 4.74
CA VAL B 191 -38.38 -7.99 5.71
C VAL B 191 -39.66 -7.15 5.42
N ILE B 192 -39.92 -6.85 4.12
CA ILE B 192 -41.03 -6.01 3.69
C ILE B 192 -42.37 -6.77 3.84
N GLN B 193 -42.38 -8.05 3.44
CA GLN B 193 -43.54 -8.92 3.58
C GLN B 193 -43.86 -9.06 5.06
N TYR B 194 -42.82 -9.20 5.93
CA TYR B 194 -43.01 -9.30 7.39
C TYR B 194 -43.77 -8.09 7.92
N PHE B 195 -43.36 -6.86 7.56
CA PHE B 195 -44.03 -5.61 7.97
C PHE B 195 -45.47 -5.53 7.45
N ALA B 196 -45.74 -6.01 6.21
CA ALA B 196 -47.09 -6.01 5.63
C ALA B 196 -48.03 -6.98 6.40
N VAL B 197 -47.46 -8.10 6.87
CA VAL B 197 -48.13 -9.15 7.64
C VAL B 197 -48.43 -8.66 9.07
N ILE B 198 -47.50 -7.87 9.67
CA ILE B 198 -47.73 -7.54 11.09
C ILE B 198 -48.18 -6.08 11.34
N ALA B 199 -47.93 -5.10 10.44
CA ALA B 199 -48.35 -3.71 10.69
C ALA B 199 -49.84 -3.58 10.98
N ALA B 200 -50.20 -2.59 11.83
CA ALA B 200 -51.59 -2.27 12.14
C ALA B 200 -52.26 -1.69 10.89
N ILE B 201 -53.59 -1.75 10.84
CA ILE B 201 -54.29 -1.21 9.69
C ILE B 201 -54.75 0.23 9.99
N GLY B 202 -54.33 1.17 9.14
CA GLY B 202 -54.67 2.58 9.22
C GLY B 202 -56.03 2.85 8.59
N ASP B 203 -56.68 3.94 9.02
CA ASP B 203 -58.04 4.31 8.60
C ASP B 203 -58.01 5.01 7.22
N ARG B 204 -58.37 4.25 6.16
CA ARG B 204 -58.35 4.72 4.76
C ARG B 204 -59.47 5.72 4.47
N THR B 211 -55.92 5.41 -5.73
CA THR B 211 -54.83 5.52 -6.73
C THR B 211 -54.53 4.17 -7.42
N GLY B 212 -54.47 3.08 -6.65
CA GLY B 212 -54.19 1.75 -7.20
C GLY B 212 -55.22 0.70 -6.82
N LYS B 213 -54.89 -0.58 -7.08
CA LYS B 213 -55.73 -1.74 -6.73
C LYS B 213 -55.36 -2.26 -5.35
N GLY B 214 -56.36 -2.52 -4.54
CA GLY B 214 -56.17 -3.07 -3.20
C GLY B 214 -55.61 -2.12 -2.16
N THR B 215 -54.86 -2.69 -1.20
CA THR B 215 -54.29 -1.99 -0.05
C THR B 215 -52.83 -1.53 -0.23
N LEU B 216 -52.37 -0.59 0.63
CA LEU B 216 -50.98 -0.14 0.68
C LEU B 216 -50.01 -1.33 0.87
N GLU B 217 -50.41 -2.37 1.65
CA GLU B 217 -49.61 -3.60 1.81
C GLU B 217 -49.39 -4.21 0.42
N ASP B 218 -50.47 -4.40 -0.38
CA ASP B 218 -50.38 -4.99 -1.73
C ASP B 218 -49.46 -4.19 -2.63
N GLN B 219 -49.63 -2.84 -2.62
CA GLN B 219 -48.91 -1.89 -3.46
C GLN B 219 -47.38 -1.82 -3.13
N ILE B 220 -47.00 -1.75 -1.83
CA ILE B 220 -45.60 -1.83 -1.43
C ILE B 220 -44.97 -3.16 -2.01
N ILE B 221 -45.69 -4.27 -1.93
CA ILE B 221 -45.15 -5.55 -2.44
C ILE B 221 -45.13 -5.57 -3.99
N GLN B 222 -46.08 -4.91 -4.66
CA GLN B 222 -46.13 -4.90 -6.14
C GLN B 222 -45.10 -3.99 -6.78
N ALA B 223 -44.41 -3.12 -6.00
CA ALA B 223 -43.34 -2.22 -6.44
C ALA B 223 -42.12 -3.00 -6.92
N ASN B 224 -41.81 -4.12 -6.25
CA ASN B 224 -40.66 -4.97 -6.58
C ASN B 224 -40.79 -5.60 -8.00
N PRO B 225 -41.82 -6.35 -8.44
CA PRO B 225 -41.83 -6.80 -9.86
C PRO B 225 -41.71 -5.70 -10.91
N ALA B 226 -42.23 -4.48 -10.62
CA ALA B 226 -42.18 -3.34 -11.54
C ALA B 226 -40.72 -2.84 -11.72
N LEU B 227 -40.02 -2.60 -10.60
CA LEU B 227 -38.62 -2.16 -10.56
C LEU B 227 -37.70 -3.23 -11.12
N GLU B 228 -38.00 -4.51 -10.87
CA GLU B 228 -37.23 -5.66 -11.34
C GLU B 228 -37.19 -5.81 -12.85
N ALA B 229 -38.28 -5.45 -13.55
CA ALA B 229 -38.33 -5.58 -15.02
C ALA B 229 -37.33 -4.64 -15.73
N PHE B 230 -37.14 -3.44 -15.18
CA PHE B 230 -36.33 -2.39 -15.74
C PHE B 230 -34.95 -2.24 -15.10
N GLY B 231 -34.86 -2.61 -13.82
CA GLY B 231 -33.63 -2.48 -13.05
C GLY B 231 -32.86 -3.76 -12.82
N ASN B 232 -33.48 -4.93 -13.04
CA ASN B 232 -32.83 -6.22 -12.83
C ASN B 232 -32.42 -6.88 -14.13
N ALA B 233 -31.32 -7.67 -14.11
CA ALA B 233 -30.81 -8.38 -15.29
C ALA B 233 -30.01 -9.66 -14.95
N LYS B 234 -29.83 -10.57 -15.93
CA LYS B 234 -29.04 -11.78 -15.75
C LYS B 234 -27.54 -11.49 -15.91
N THR B 235 -26.79 -11.71 -14.83
CA THR B 235 -25.35 -11.54 -14.79
C THR B 235 -24.75 -12.92 -14.58
N VAL B 236 -23.42 -13.02 -14.62
CA VAL B 236 -22.71 -14.29 -14.36
C VAL B 236 -23.01 -14.77 -12.92
N ARG B 237 -22.97 -13.81 -11.95
CA ARG B 237 -23.18 -14.06 -10.53
C ARG B 237 -24.62 -14.36 -10.09
N ASN B 238 -25.61 -13.75 -10.75
CA ASN B 238 -27.00 -13.90 -10.37
C ASN B 238 -27.91 -13.73 -11.59
N ASP B 239 -28.89 -14.65 -11.79
CA ASP B 239 -29.87 -14.63 -12.89
C ASP B 239 -30.89 -13.50 -12.77
N ASN B 240 -31.05 -12.95 -11.55
CA ASN B 240 -31.97 -11.87 -11.24
C ASN B 240 -31.25 -10.83 -10.38
N SER B 241 -30.19 -10.28 -10.95
CA SER B 241 -29.35 -9.30 -10.30
C SER B 241 -29.94 -7.90 -10.37
N SER B 242 -30.01 -7.21 -9.22
CA SER B 242 -30.42 -5.80 -9.08
C SER B 242 -29.20 -4.95 -9.49
N ARG B 243 -29.36 -4.17 -10.56
CA ARG B 243 -28.31 -3.31 -11.12
C ARG B 243 -28.46 -1.87 -10.63
N PHE B 244 -29.07 -1.70 -9.45
CA PHE B 244 -29.30 -0.41 -8.81
C PHE B 244 -29.39 -0.64 -7.31
N GLY B 245 -29.17 0.42 -6.55
CA GLY B 245 -29.27 0.38 -5.10
C GLY B 245 -30.61 0.95 -4.72
N LYS B 246 -31.20 0.48 -3.64
CA LYS B 246 -32.50 1.03 -3.26
C LYS B 246 -32.68 1.17 -1.74
N PHE B 247 -33.31 2.27 -1.37
CA PHE B 247 -33.67 2.62 0.00
C PHE B 247 -35.18 2.84 0.05
N ILE B 248 -35.90 1.98 0.79
CA ILE B 248 -37.37 2.07 0.96
C ILE B 248 -37.71 2.48 2.38
N ARG B 249 -38.29 3.66 2.50
CA ARG B 249 -38.72 4.10 3.81
C ARG B 249 -40.18 3.70 3.93
N ILE B 250 -40.53 2.86 4.93
CA ILE B 250 -41.92 2.45 5.15
C ILE B 250 -42.40 3.29 6.34
N HIS B 251 -43.41 4.17 6.12
CA HIS B 251 -43.92 5.07 7.16
C HIS B 251 -45.07 4.47 7.93
N PHE B 252 -45.03 4.68 9.24
CA PHE B 252 -46.01 4.17 10.19
C PHE B 252 -46.50 5.28 11.10
N GLY B 253 -47.70 5.09 11.64
CA GLY B 253 -48.32 5.94 12.65
C GLY B 253 -48.00 5.44 14.05
N ALA B 254 -48.47 6.16 15.06
CA ALA B 254 -48.27 5.92 16.51
C ALA B 254 -48.14 4.44 16.99
N THR B 255 -49.16 3.62 16.67
CA THR B 255 -49.31 2.21 17.05
C THR B 255 -48.95 1.22 15.92
N GLY B 256 -48.12 1.62 14.98
CA GLY B 256 -47.66 0.75 13.90
C GLY B 256 -48.56 0.68 12.69
N LYS B 257 -49.47 1.65 12.54
CA LYS B 257 -50.44 1.69 11.44
C LYS B 257 -49.71 2.00 10.17
N LEU B 258 -49.68 1.08 9.18
CA LEU B 258 -48.99 1.30 7.91
C LEU B 258 -49.55 2.57 7.22
N ALA B 259 -48.70 3.63 7.03
CA ALA B 259 -49.14 4.95 6.55
C ALA B 259 -48.85 5.25 5.07
N SER B 260 -47.61 5.04 4.64
CA SER B 260 -47.14 5.30 3.28
C SER B 260 -45.76 4.65 3.08
N ALA B 261 -45.20 4.77 1.88
CA ALA B 261 -43.86 4.31 1.54
C ALA B 261 -43.24 5.18 0.45
N ASP B 262 -41.91 5.27 0.42
CA ASP B 262 -41.16 5.96 -0.64
C ASP B 262 -39.85 5.26 -0.92
N ILE B 263 -39.54 5.11 -2.22
CA ILE B 263 -38.33 4.46 -2.71
C ILE B 263 -37.35 5.47 -3.35
N GLU B 264 -36.06 5.31 -3.05
CA GLU B 264 -34.92 6.04 -3.63
C GLU B 264 -34.06 4.99 -4.31
N THR B 265 -33.65 5.26 -5.55
CA THR B 265 -32.78 4.34 -6.31
C THR B 265 -31.44 5.00 -6.50
N TYR B 266 -30.38 4.18 -6.68
CA TYR B 266 -29.02 4.67 -6.79
C TYR B 266 -28.19 3.91 -7.81
N LEU B 267 -27.32 4.65 -8.51
CA LEU B 267 -26.31 4.15 -9.44
C LEU B 267 -26.78 2.98 -10.31
N LEU B 268 -27.86 3.22 -11.08
CA LEU B 268 -28.39 2.25 -12.02
C LEU B 268 -27.34 2.05 -13.12
N GLU B 269 -27.05 0.79 -13.47
CA GLU B 269 -26.08 0.45 -14.49
C GLU B 269 -26.57 0.80 -15.92
N LYS B 270 -26.48 2.09 -16.32
CA LYS B 270 -26.86 2.59 -17.66
C LYS B 270 -26.20 1.80 -18.81
N SER B 271 -24.89 1.49 -18.69
CA SER B 271 -24.11 0.74 -19.71
C SER B 271 -24.77 -0.54 -20.22
N ARG B 272 -25.56 -1.22 -19.37
CA ARG B 272 -26.26 -2.47 -19.68
C ARG B 272 -27.28 -2.36 -20.81
N VAL B 273 -27.98 -1.19 -20.91
CA VAL B 273 -29.03 -0.92 -21.91
C VAL B 273 -28.55 -1.27 -23.33
N ILE B 274 -27.30 -0.85 -23.64
CA ILE B 274 -26.66 -0.95 -24.96
C ILE B 274 -25.50 -1.98 -25.04
N PHE B 275 -25.00 -2.47 -23.89
CA PHE B 275 -23.88 -3.42 -23.87
C PHE B 275 -24.09 -4.60 -22.93
N GLN B 276 -23.69 -5.80 -23.36
CA GLN B 276 -23.72 -7.01 -22.54
C GLN B 276 -22.47 -7.83 -22.76
N LEU B 277 -21.92 -8.36 -21.66
CA LEU B 277 -20.80 -9.30 -21.68
C LEU B 277 -21.39 -10.60 -22.26
N LYS B 278 -20.56 -11.42 -22.88
CA LYS B 278 -20.98 -12.67 -23.54
C LYS B 278 -21.89 -13.59 -22.69
N ALA B 279 -21.69 -13.65 -21.38
CA ALA B 279 -22.50 -14.52 -20.52
C ALA B 279 -23.60 -13.75 -19.75
N GLU B 280 -24.00 -12.58 -20.27
CA GLU B 280 -24.99 -11.75 -19.59
C GLU B 280 -26.05 -11.25 -20.53
N ARG B 281 -27.22 -10.88 -19.96
CA ARG B 281 -28.36 -10.32 -20.68
C ARG B 281 -28.50 -8.87 -20.25
N ASP B 282 -29.33 -8.14 -21.02
CA ASP B 282 -29.75 -6.77 -20.77
C ASP B 282 -30.88 -6.86 -19.73
N TYR B 283 -31.47 -5.72 -19.34
CA TYR B 283 -32.62 -5.71 -18.43
C TYR B 283 -33.73 -6.65 -18.87
N HIS B 284 -34.41 -7.29 -17.89
CA HIS B 284 -35.46 -8.29 -18.10
C HIS B 284 -36.57 -7.87 -19.09
N ILE B 285 -37.04 -6.61 -18.99
CA ILE B 285 -38.13 -6.04 -19.79
C ILE B 285 -38.07 -6.38 -21.29
N PHE B 286 -36.89 -6.29 -21.93
CA PHE B 286 -36.72 -6.55 -23.37
C PHE B 286 -37.17 -7.95 -23.77
N TYR B 287 -36.76 -8.95 -22.99
CA TYR B 287 -37.07 -10.37 -23.23
C TYR B 287 -38.48 -10.70 -22.77
N GLN B 288 -39.03 -9.91 -21.82
CA GLN B 288 -40.40 -10.04 -21.35
C GLN B 288 -41.32 -9.64 -22.50
N ILE B 289 -41.03 -8.50 -23.15
CA ILE B 289 -41.82 -8.05 -24.30
C ILE B 289 -41.68 -9.03 -25.48
N LEU B 290 -40.44 -9.44 -25.84
CA LEU B 290 -40.16 -10.36 -26.96
C LEU B 290 -40.73 -11.76 -26.80
N SER B 291 -41.20 -12.14 -25.57
CA SER B 291 -41.79 -13.45 -25.28
C SER B 291 -43.05 -13.75 -26.11
N ASN B 292 -43.71 -12.70 -26.61
CA ASN B 292 -44.94 -12.73 -27.41
C ASN B 292 -46.14 -13.25 -26.59
N LYS B 293 -46.08 -13.10 -25.24
CA LYS B 293 -47.14 -13.46 -24.31
C LYS B 293 -48.30 -12.46 -24.48
N LYS B 294 -47.98 -11.18 -24.76
CA LYS B 294 -48.92 -10.12 -25.06
C LYS B 294 -48.58 -9.71 -26.51
N PRO B 295 -49.13 -10.43 -27.53
CA PRO B 295 -48.76 -10.14 -28.94
C PRO B 295 -49.04 -8.73 -29.42
N GLU B 296 -50.04 -8.06 -28.82
CA GLU B 296 -50.39 -6.68 -29.16
C GLU B 296 -49.22 -5.71 -28.94
N LEU B 297 -48.25 -6.10 -28.06
CA LEU B 297 -47.08 -5.28 -27.77
C LEU B 297 -46.05 -5.28 -28.91
N LEU B 298 -45.88 -6.42 -29.63
CA LEU B 298 -44.96 -6.54 -30.76
C LEU B 298 -45.46 -5.66 -31.91
N ASP B 299 -46.78 -5.69 -32.13
CA ASP B 299 -47.48 -4.88 -33.12
C ASP B 299 -47.36 -3.39 -32.80
N MET B 300 -47.45 -3.02 -31.49
CA MET B 300 -47.38 -1.64 -31.03
C MET B 300 -45.98 -1.05 -31.15
N LEU B 301 -44.95 -1.87 -30.88
CA LEU B 301 -43.56 -1.42 -30.92
C LEU B 301 -42.91 -1.64 -32.30
N LEU B 302 -43.64 -2.29 -33.24
CA LEU B 302 -43.22 -2.60 -34.63
C LEU B 302 -41.95 -3.44 -34.53
N ILE B 303 -42.08 -4.52 -33.75
CA ILE B 303 -41.01 -5.39 -33.29
C ILE B 303 -41.21 -6.86 -33.70
N THR B 304 -40.12 -7.56 -34.06
CA THR B 304 -40.18 -9.00 -34.35
C THR B 304 -40.16 -9.71 -32.98
N ASN B 305 -40.26 -11.04 -32.94
CA ASN B 305 -40.20 -11.79 -31.69
C ASN B 305 -38.78 -12.32 -31.43
N ASN B 306 -37.80 -11.91 -32.28
CA ASN B 306 -36.39 -12.34 -32.22
C ASN B 306 -35.46 -11.28 -31.62
N PRO B 307 -34.79 -11.60 -30.47
CA PRO B 307 -33.90 -10.61 -29.83
C PRO B 307 -32.61 -10.33 -30.60
N TYR B 308 -32.17 -11.32 -31.40
CA TYR B 308 -30.95 -11.24 -32.21
C TYR B 308 -31.07 -10.20 -33.32
N ASP B 309 -32.31 -9.77 -33.61
CA ASP B 309 -32.62 -8.74 -34.58
C ASP B 309 -32.34 -7.35 -33.97
N TYR B 310 -31.99 -7.30 -32.65
CA TYR B 310 -31.76 -6.03 -31.94
C TYR B 310 -30.39 -6.02 -31.26
N ALA B 311 -29.45 -5.23 -31.85
CA ALA B 311 -28.03 -5.09 -31.47
C ALA B 311 -27.74 -4.68 -30.03
N PHE B 312 -28.52 -3.76 -29.48
CA PHE B 312 -28.37 -3.24 -28.12
C PHE B 312 -28.61 -4.29 -27.02
N ILE B 313 -29.42 -5.33 -27.32
CA ILE B 313 -29.86 -6.37 -26.38
C ILE B 313 -29.38 -7.79 -26.72
N SER B 314 -28.96 -8.06 -27.98
CA SER B 314 -28.58 -9.40 -28.42
C SER B 314 -27.11 -9.77 -28.19
N GLN B 315 -26.32 -8.87 -27.57
CA GLN B 315 -24.93 -9.16 -27.18
C GLN B 315 -25.04 -10.12 -26.00
N GLY B 316 -24.30 -11.21 -26.06
CA GLY B 316 -24.35 -12.19 -24.98
C GLY B 316 -25.55 -13.10 -25.00
N GLU B 317 -26.16 -13.33 -23.82
CA GLU B 317 -27.26 -14.25 -23.69
C GLU B 317 -28.62 -13.61 -23.92
N THR B 318 -29.60 -14.43 -24.25
CA THR B 318 -30.96 -13.99 -24.61
C THR B 318 -32.03 -14.80 -23.84
N THR B 319 -31.67 -16.01 -23.39
CA THR B 319 -32.54 -16.91 -22.64
C THR B 319 -31.89 -17.26 -21.30
N VAL B 320 -32.71 -17.46 -20.26
CA VAL B 320 -32.24 -17.86 -18.92
C VAL B 320 -33.01 -19.11 -18.53
N ALA B 321 -32.29 -20.13 -18.03
CA ALA B 321 -32.85 -21.41 -17.59
C ALA B 321 -33.94 -21.23 -16.53
N SER B 322 -33.62 -20.48 -15.46
CA SER B 322 -34.47 -20.19 -14.31
C SER B 322 -35.58 -19.15 -14.56
N ILE B 323 -35.51 -18.39 -15.68
CA ILE B 323 -36.49 -17.34 -15.97
C ILE B 323 -37.44 -17.68 -17.12
N ASP B 324 -38.73 -17.60 -16.82
CA ASP B 324 -39.82 -17.76 -17.78
C ASP B 324 -40.26 -16.32 -18.03
N ASP B 325 -39.76 -15.72 -19.13
CA ASP B 325 -40.01 -14.33 -19.50
C ASP B 325 -41.46 -14.01 -19.82
N ALA B 326 -42.22 -15.02 -20.28
CA ALA B 326 -43.65 -14.90 -20.61
C ALA B 326 -44.47 -14.65 -19.33
N GLU B 327 -44.22 -15.47 -18.28
CA GLU B 327 -44.84 -15.37 -16.95
C GLU B 327 -44.43 -14.07 -16.27
N GLU B 328 -43.20 -13.60 -16.57
CA GLU B 328 -42.61 -12.40 -16.01
C GLU B 328 -43.22 -11.14 -16.58
N LEU B 329 -43.61 -11.17 -17.88
CA LEU B 329 -44.29 -10.04 -18.51
C LEU B 329 -45.66 -9.87 -17.86
N MET B 330 -46.39 -10.99 -17.64
CA MET B 330 -47.72 -10.98 -17.01
C MET B 330 -47.67 -10.30 -15.63
N ALA B 331 -46.68 -10.71 -14.79
CA ALA B 331 -46.43 -10.16 -13.46
C ALA B 331 -46.03 -8.69 -13.48
N THR B 332 -45.21 -8.26 -14.48
CA THR B 332 -44.78 -6.87 -14.62
C THR B 332 -45.96 -5.97 -14.92
N ASP B 333 -46.75 -6.35 -15.94
CA ASP B 333 -47.94 -5.60 -16.37
C ASP B 333 -48.96 -5.46 -15.25
N ASN B 334 -49.11 -6.54 -14.42
CA ASN B 334 -49.98 -6.61 -13.25
C ASN B 334 -49.56 -5.65 -12.18
N ALA B 335 -48.25 -5.55 -11.97
CA ALA B 335 -47.62 -4.68 -10.98
C ALA B 335 -47.98 -3.22 -11.25
N PHE B 336 -47.94 -2.80 -12.54
CA PHE B 336 -48.27 -1.44 -13.00
C PHE B 336 -49.72 -1.10 -12.79
N ASP B 337 -50.63 -2.08 -13.00
CA ASP B 337 -52.08 -1.91 -12.78
C ASP B 337 -52.41 -1.77 -11.28
N VAL B 338 -51.78 -2.59 -10.43
CA VAL B 338 -51.94 -2.54 -8.97
C VAL B 338 -51.42 -1.20 -8.47
N LEU B 339 -50.31 -0.73 -9.04
CA LEU B 339 -49.70 0.55 -8.69
C LEU B 339 -50.40 1.79 -9.31
N GLY B 340 -51.49 1.55 -10.04
CA GLY B 340 -52.33 2.61 -10.60
C GLY B 340 -51.85 3.28 -11.85
N PHE B 341 -50.96 2.63 -12.61
CA PHE B 341 -50.45 3.19 -13.87
C PHE B 341 -51.57 3.10 -14.90
N THR B 342 -51.84 4.21 -15.61
CA THR B 342 -52.88 4.26 -16.67
C THR B 342 -52.39 3.52 -17.91
N THR B 343 -53.30 3.20 -18.86
CA THR B 343 -53.00 2.51 -20.14
C THR B 343 -51.96 3.32 -20.95
N GLU B 344 -52.10 4.68 -20.94
CA GLU B 344 -51.20 5.58 -21.64
C GLU B 344 -49.78 5.47 -21.10
N GLU B 345 -49.63 5.50 -19.75
CA GLU B 345 -48.35 5.40 -19.05
C GLU B 345 -47.62 4.07 -19.33
N LYS B 346 -48.35 2.96 -19.26
CA LYS B 346 -47.84 1.62 -19.51
C LYS B 346 -47.37 1.47 -20.97
N ASN B 347 -48.24 1.82 -21.93
CA ASN B 347 -47.94 1.77 -23.36
C ASN B 347 -46.78 2.68 -23.74
N SER B 348 -46.66 3.86 -23.07
CA SER B 348 -45.57 4.80 -23.30
C SER B 348 -44.21 4.21 -22.90
N MET B 349 -44.17 3.44 -21.79
CA MET B 349 -42.96 2.75 -21.29
C MET B 349 -42.56 1.65 -22.23
N TYR B 350 -43.54 0.88 -22.71
CA TYR B 350 -43.30 -0.18 -23.67
C TYR B 350 -42.79 0.41 -24.98
N LYS B 351 -43.40 1.53 -25.46
CA LYS B 351 -43.02 2.19 -26.72
C LYS B 351 -41.61 2.71 -26.63
N LEU B 352 -41.27 3.42 -25.52
CA LEU B 352 -39.93 3.93 -25.30
C LEU B 352 -38.89 2.80 -25.21
N THR B 353 -39.32 1.59 -24.81
CA THR B 353 -38.44 0.41 -24.72
C THR B 353 -38.22 -0.14 -26.13
N GLY B 354 -39.27 -0.15 -26.95
CA GLY B 354 -39.21 -0.57 -28.35
C GLY B 354 -38.35 0.36 -29.19
N ALA B 355 -38.44 1.67 -28.89
CA ALA B 355 -37.70 2.73 -29.54
C ALA B 355 -36.19 2.58 -29.32
N ILE B 356 -35.77 2.24 -28.08
CA ILE B 356 -34.37 1.99 -27.73
C ILE B 356 -33.84 0.79 -28.55
N MET B 357 -34.67 -0.25 -28.74
CA MET B 357 -34.31 -1.42 -29.55
C MET B 357 -34.01 -1.01 -31.00
N HIS B 358 -34.90 -0.20 -31.61
CA HIS B 358 -34.75 0.25 -33.01
C HIS B 358 -33.56 1.19 -33.18
N PHE B 359 -33.32 2.07 -32.16
CA PHE B 359 -32.21 3.04 -32.09
C PHE B 359 -30.85 2.36 -32.31
N GLY B 360 -30.62 1.23 -31.65
CA GLY B 360 -29.39 0.46 -31.79
C GLY B 360 -29.22 -0.26 -33.10
N ASN B 361 -30.26 -0.26 -33.93
CA ASN B 361 -30.28 -0.90 -35.24
C ASN B 361 -30.10 0.08 -36.41
N MET B 362 -30.19 1.41 -36.17
CA MET B 362 -30.02 2.37 -37.26
C MET B 362 -28.52 2.57 -37.58
N LYS B 363 -28.13 2.07 -38.78
CA LYS B 363 -26.78 2.04 -39.33
C LYS B 363 -26.37 3.35 -39.96
N PHE B 364 -25.07 3.63 -39.93
CA PHE B 364 -24.50 4.85 -40.50
C PHE B 364 -23.30 4.56 -41.39
N LYS B 365 -23.14 5.36 -42.47
CA LYS B 365 -22.03 5.24 -43.42
C LYS B 365 -21.30 6.57 -43.67
N LEU B 366 -20.02 6.52 -44.07
CA LEU B 366 -19.24 7.73 -44.39
C LEU B 366 -19.58 8.21 -45.79
N LYS B 367 -19.93 9.51 -45.93
CA LYS B 367 -20.26 10.12 -47.23
C LYS B 367 -19.00 10.05 -48.12
N GLN B 368 -19.17 9.68 -49.42
CA GLN B 368 -18.08 9.52 -50.40
C GLN B 368 -17.15 10.74 -50.47
N ARG B 369 -15.82 10.50 -50.35
CA ARG B 369 -14.74 11.50 -50.31
C ARG B 369 -14.95 12.54 -49.18
N GLU B 370 -15.41 12.06 -48.00
CA GLU B 370 -15.66 12.85 -46.79
C GLU B 370 -15.51 12.00 -45.51
N GLU B 371 -15.26 12.68 -44.37
CA GLU B 371 -15.12 12.07 -43.03
C GLU B 371 -16.37 12.42 -42.17
N GLN B 372 -17.52 12.61 -42.86
CA GLN B 372 -18.84 12.96 -42.33
C GLN B 372 -19.77 11.77 -42.54
N ALA B 373 -20.52 11.41 -41.49
CA ALA B 373 -21.45 10.29 -41.55
C ALA B 373 -22.83 10.70 -42.06
N GLU B 374 -23.52 9.72 -42.63
CA GLU B 374 -24.87 9.84 -43.19
C GLU B 374 -25.64 8.52 -42.94
N PRO B 375 -26.99 8.53 -42.82
CA PRO B 375 -27.69 7.25 -42.56
C PRO B 375 -27.58 6.21 -43.68
N ASP B 376 -27.27 4.97 -43.29
CA ASP B 376 -27.15 3.80 -44.18
C ASP B 376 -28.46 3.01 -44.00
N GLY B 377 -29.54 3.59 -44.51
CA GLY B 377 -30.90 3.10 -44.37
C GLY B 377 -31.68 4.02 -43.44
N THR B 378 -33.01 3.97 -43.48
CA THR B 378 -33.85 4.85 -42.65
C THR B 378 -34.98 4.11 -41.91
N GLU B 379 -35.24 2.84 -42.29
CA GLU B 379 -36.32 2.01 -41.75
C GLU B 379 -36.37 1.93 -40.23
N GLU B 380 -35.22 1.66 -39.58
CA GLU B 380 -35.11 1.57 -38.13
C GLU B 380 -35.22 2.91 -37.44
N ALA B 381 -34.81 4.00 -38.13
CA ALA B 381 -34.92 5.36 -37.61
C ALA B 381 -36.34 5.84 -37.74
N ASP B 382 -37.09 5.29 -38.73
CA ASP B 382 -38.49 5.61 -38.99
C ASP B 382 -39.34 5.02 -37.86
N LYS B 383 -39.04 3.75 -37.49
CA LYS B 383 -39.73 3.03 -36.43
C LYS B 383 -39.51 3.70 -35.07
N SER B 384 -38.28 4.20 -34.81
CA SER B 384 -37.87 4.91 -33.60
C SER B 384 -38.61 6.22 -33.41
N ALA B 385 -38.51 7.12 -34.41
CA ALA B 385 -39.15 8.44 -34.43
C ALA B 385 -40.67 8.32 -34.29
N TYR B 386 -41.26 7.29 -34.92
CA TYR B 386 -42.68 7.02 -34.82
C TYR B 386 -43.06 6.79 -33.36
N LEU B 387 -42.36 5.87 -32.67
CA LEU B 387 -42.60 5.53 -31.26
C LEU B 387 -42.30 6.69 -30.31
N MET B 388 -41.17 7.39 -30.54
CA MET B 388 -40.73 8.54 -29.73
C MET B 388 -41.44 9.86 -30.04
N GLY B 389 -42.41 9.85 -30.96
CA GLY B 389 -43.17 11.04 -31.34
C GLY B 389 -42.31 12.16 -31.89
N LEU B 390 -41.40 11.78 -32.80
CA LEU B 390 -40.40 12.64 -33.42
C LEU B 390 -40.45 12.54 -34.96
N ASN B 391 -39.71 13.43 -35.63
CA ASN B 391 -39.56 13.47 -37.09
C ASN B 391 -38.26 12.72 -37.44
N SER B 392 -38.36 11.66 -38.28
CA SER B 392 -37.23 10.79 -38.67
C SER B 392 -36.03 11.55 -39.26
N ALA B 393 -36.32 12.45 -40.22
CA ALA B 393 -35.32 13.29 -40.89
C ALA B 393 -34.65 14.24 -39.91
N ASP B 394 -35.43 14.90 -39.01
CA ASP B 394 -34.90 15.82 -37.99
C ASP B 394 -34.00 15.07 -37.02
N LEU B 395 -34.39 13.84 -36.67
CA LEU B 395 -33.64 12.96 -35.79
C LEU B 395 -32.29 12.61 -36.43
N LEU B 396 -32.33 12.07 -37.67
CA LEU B 396 -31.13 11.68 -38.43
C LEU B 396 -30.21 12.87 -38.73
N LYS B 397 -30.79 14.04 -39.05
CA LYS B 397 -30.06 15.28 -39.32
C LYS B 397 -29.39 15.75 -38.03
N GLY B 398 -30.13 15.72 -36.92
CA GLY B 398 -29.63 16.11 -35.60
C GLY B 398 -28.47 15.28 -35.10
N LEU B 399 -28.45 13.97 -35.47
CA LEU B 399 -27.41 13.01 -35.11
C LEU B 399 -26.11 13.20 -35.91
N CYS B 400 -26.25 13.44 -37.24
CA CYS B 400 -25.15 13.66 -38.18
C CYS B 400 -24.60 15.06 -38.10
N HIS B 401 -25.46 16.08 -37.91
CA HIS B 401 -25.08 17.49 -37.90
C HIS B 401 -25.61 18.27 -36.66
N PRO B 402 -25.03 18.05 -35.45
CA PRO B 402 -25.54 18.77 -34.26
C PRO B 402 -25.18 20.26 -34.19
N ARG B 403 -26.15 21.08 -33.78
CA ARG B 403 -26.06 22.51 -33.61
C ARG B 403 -25.38 22.78 -32.26
N VAL B 411 -22.51 27.16 -35.96
CA VAL B 411 -22.49 26.32 -34.76
C VAL B 411 -22.74 24.82 -35.12
N THR B 412 -22.93 24.50 -36.43
CA THR B 412 -23.23 23.14 -36.88
C THR B 412 -21.96 22.29 -36.97
N LYS B 413 -21.80 21.37 -36.00
CA LYS B 413 -20.64 20.47 -35.91
C LYS B 413 -20.65 19.35 -36.97
N GLY B 414 -19.54 18.63 -37.05
CA GLY B 414 -19.36 17.51 -37.98
C GLY B 414 -19.13 16.22 -37.24
N GLN B 415 -19.81 15.14 -37.68
CA GLN B 415 -19.70 13.85 -37.01
C GLN B 415 -19.29 12.72 -37.93
N ASN B 416 -18.42 11.82 -37.45
CA ASN B 416 -18.04 10.63 -38.21
C ASN B 416 -18.93 9.46 -37.77
N VAL B 417 -18.68 8.23 -38.29
CA VAL B 417 -19.50 7.06 -37.97
C VAL B 417 -19.37 6.69 -36.47
N GLN B 418 -18.14 6.71 -35.91
CA GLN B 418 -17.90 6.41 -34.49
C GLN B 418 -18.64 7.40 -33.58
N GLN B 419 -18.56 8.71 -33.89
CA GLN B 419 -19.17 9.81 -33.14
C GLN B 419 -20.70 9.73 -33.06
N VAL B 420 -21.36 9.34 -34.17
CA VAL B 420 -22.82 9.21 -34.20
C VAL B 420 -23.22 7.95 -33.39
N VAL B 421 -22.52 6.79 -33.61
CA VAL B 421 -22.72 5.51 -32.91
C VAL B 421 -22.62 5.74 -31.38
N TYR B 422 -21.61 6.50 -30.94
CA TYR B 422 -21.44 6.82 -29.52
C TYR B 422 -22.60 7.71 -29.01
N ALA B 423 -22.99 8.76 -29.78
CA ALA B 423 -24.07 9.68 -29.41
C ALA B 423 -25.45 9.03 -29.34
N LYS B 424 -25.78 8.10 -30.28
CA LYS B 424 -27.07 7.39 -30.27
C LYS B 424 -27.18 6.47 -29.03
N GLY B 425 -26.06 5.83 -28.66
CA GLY B 425 -25.95 4.98 -27.48
C GLY B 425 -26.10 5.77 -26.20
N ALA B 426 -25.45 6.95 -26.15
CA ALA B 426 -25.49 7.91 -25.05
C ALA B 426 -26.91 8.40 -24.81
N LEU B 427 -27.70 8.56 -25.90
CA LEU B 427 -29.09 9.02 -25.87
C LEU B 427 -30.02 7.89 -25.40
N ALA B 428 -29.84 6.66 -25.94
CA ALA B 428 -30.60 5.47 -25.57
C ALA B 428 -30.52 5.22 -24.06
N LYS B 429 -29.31 5.34 -23.48
CA LYS B 429 -29.04 5.15 -22.05
C LYS B 429 -29.67 6.24 -21.18
N ALA B 430 -29.74 7.50 -21.67
CA ALA B 430 -30.30 8.60 -20.92
C ALA B 430 -31.83 8.49 -20.85
N VAL B 431 -32.47 8.05 -21.95
CA VAL B 431 -33.93 7.83 -22.04
C VAL B 431 -34.30 6.73 -21.02
N TYR B 432 -33.59 5.57 -21.07
CA TYR B 432 -33.83 4.45 -20.18
C TYR B 432 -33.71 4.82 -18.69
N GLU B 433 -32.66 5.56 -18.31
CA GLU B 433 -32.42 6.02 -16.94
C GLU B 433 -33.50 7.00 -16.46
N ARG B 434 -33.90 7.95 -17.31
CA ARG B 434 -34.93 8.95 -16.99
C ARG B 434 -36.33 8.34 -16.87
N MET B 435 -36.61 7.28 -17.66
CA MET B 435 -37.85 6.51 -17.65
C MET B 435 -37.95 5.68 -16.34
N PHE B 436 -36.80 5.11 -15.88
CA PHE B 436 -36.70 4.32 -14.65
C PHE B 436 -36.93 5.24 -13.46
N ASN B 437 -36.30 6.42 -13.48
CA ASN B 437 -36.46 7.41 -12.41
C ASN B 437 -37.89 7.95 -12.35
N TRP B 438 -38.56 8.06 -13.54
CA TRP B 438 -39.94 8.54 -13.67
C TRP B 438 -40.90 7.52 -13.03
N MET B 439 -40.65 6.24 -13.31
CA MET B 439 -41.41 5.09 -12.83
C MET B 439 -41.36 5.00 -11.30
N VAL B 440 -40.17 5.28 -10.70
CA VAL B 440 -39.98 5.30 -9.25
C VAL B 440 -40.80 6.45 -8.65
N THR B 441 -40.79 7.62 -9.35
CA THR B 441 -41.51 8.84 -8.96
C THR B 441 -43.01 8.57 -8.97
N ARG B 442 -43.48 7.88 -10.03
CA ARG B 442 -44.85 7.46 -10.24
C ARG B 442 -45.32 6.45 -9.15
N ILE B 443 -44.51 5.41 -8.87
CA ILE B 443 -44.79 4.43 -7.81
C ILE B 443 -44.89 5.20 -6.44
N ASN B 444 -43.99 6.14 -6.20
CA ASN B 444 -44.01 6.93 -4.96
C ASN B 444 -45.26 7.74 -4.78
N ALA B 445 -45.93 8.13 -5.89
CA ALA B 445 -47.15 8.93 -5.85
C ALA B 445 -48.33 8.10 -5.37
N THR B 446 -48.35 6.79 -5.72
CA THR B 446 -49.37 5.82 -5.33
C THR B 446 -49.18 5.40 -3.87
N LEU B 447 -47.91 5.37 -3.43
CA LEU B 447 -47.55 4.95 -2.09
C LEU B 447 -47.63 6.10 -1.11
N GLU B 448 -47.74 7.35 -1.62
CA GLU B 448 -47.91 8.56 -0.83
C GLU B 448 -49.40 8.68 -0.48
N THR B 449 -49.71 8.91 0.79
CA THR B 449 -51.10 9.04 1.25
C THR B 449 -51.22 10.29 2.17
N LYS B 450 -52.43 10.53 2.70
CA LYS B 450 -52.73 11.61 3.65
C LYS B 450 -52.85 11.01 5.08
N GLN B 451 -52.50 9.72 5.21
CA GLN B 451 -52.52 9.04 6.50
C GLN B 451 -51.44 9.60 7.42
N PRO B 452 -51.75 9.80 8.72
CA PRO B 452 -50.73 10.30 9.65
C PRO B 452 -49.60 9.29 9.87
N ARG B 453 -48.41 9.83 10.19
CA ARG B 453 -47.18 9.08 10.43
C ARG B 453 -46.28 9.78 11.46
N GLN B 454 -45.53 8.98 12.23
CA GLN B 454 -44.63 9.48 13.24
C GLN B 454 -43.22 8.93 13.01
N TYR B 455 -43.13 7.68 12.52
CA TYR B 455 -41.88 6.99 12.29
C TYR B 455 -41.86 6.32 11.00
N PHE B 456 -40.65 5.97 10.58
CA PHE B 456 -40.40 5.18 9.39
C PHE B 456 -39.40 4.06 9.76
N ILE B 457 -39.39 2.97 8.95
CA ILE B 457 -38.39 1.93 8.97
C ILE B 457 -37.83 1.98 7.55
N GLY B 458 -36.56 2.40 7.42
CA GLY B 458 -35.84 2.44 6.15
C GLY B 458 -35.08 1.17 5.86
N VAL B 459 -35.37 0.52 4.73
CA VAL B 459 -34.73 -0.72 4.31
C VAL B 459 -33.81 -0.43 3.13
N LEU B 460 -32.50 -0.52 3.37
CA LEU B 460 -31.44 -0.28 2.38
C LEU B 460 -30.96 -1.62 1.82
N ASP B 461 -31.00 -1.76 0.51
CA ASP B 461 -30.54 -2.93 -0.27
C ASP B 461 -29.54 -2.34 -1.27
N ILE B 462 -28.25 -2.51 -0.99
CA ILE B 462 -27.20 -1.94 -1.83
C ILE B 462 -26.00 -2.87 -1.86
N ALA B 463 -25.30 -2.94 -3.00
CA ALA B 463 -24.10 -3.76 -3.15
C ALA B 463 -23.07 -3.39 -2.10
N GLY B 464 -22.46 -4.42 -1.52
CA GLY B 464 -21.43 -4.24 -0.51
C GLY B 464 -20.10 -3.89 -1.14
N PHE B 465 -19.11 -3.59 -0.30
CA PHE B 465 -17.75 -3.26 -0.74
C PHE B 465 -17.13 -4.51 -1.37
N GLU B 466 -16.76 -4.40 -2.63
CA GLU B 466 -16.12 -5.52 -3.32
C GLU B 466 -14.97 -4.99 -4.17
N ILE B 467 -13.81 -5.69 -4.12
CA ILE B 467 -12.62 -5.37 -4.91
C ILE B 467 -12.65 -6.27 -6.16
N PHE B 468 -12.75 -5.66 -7.34
CA PHE B 468 -12.76 -6.35 -8.64
C PHE B 468 -11.35 -6.26 -9.29
N ASP B 469 -11.18 -6.95 -10.45
CA ASP B 469 -9.94 -6.97 -11.23
C ASP B 469 -9.71 -5.58 -11.81
N PHE B 470 -10.79 -4.98 -12.35
CA PHE B 470 -10.85 -3.65 -12.95
C PHE B 470 -11.84 -2.76 -12.18
N ASN B 471 -11.33 -1.71 -11.52
CA ASN B 471 -12.13 -0.77 -10.72
C ASN B 471 -12.07 0.64 -11.29
N SER B 472 -13.17 1.06 -11.94
CA SER B 472 -13.39 2.35 -12.59
C SER B 472 -14.16 3.32 -11.64
N PHE B 473 -14.73 4.44 -12.17
CA PHE B 473 -15.50 5.49 -11.45
C PHE B 473 -16.72 4.95 -10.69
N GLU B 474 -17.50 4.05 -11.34
CA GLU B 474 -18.70 3.41 -10.80
C GLU B 474 -18.38 2.74 -9.46
N GLN B 475 -17.22 2.03 -9.41
CA GLN B 475 -16.69 1.33 -8.25
C GLN B 475 -16.31 2.31 -7.17
N LEU B 476 -15.70 3.46 -7.52
CA LEU B 476 -15.34 4.47 -6.51
C LEU B 476 -16.57 5.00 -5.82
N CYS B 477 -17.65 5.20 -6.58
CA CYS B 477 -18.95 5.67 -6.09
C CYS B 477 -19.57 4.70 -5.08
N ILE B 478 -19.64 3.40 -5.41
CA ILE B 478 -20.18 2.36 -4.51
C ILE B 478 -19.26 2.15 -3.28
N ASN B 479 -17.92 2.23 -3.47
CA ASN B 479 -16.92 2.08 -2.40
C ASN B 479 -16.92 3.27 -1.46
N PHE B 480 -17.19 4.48 -2.00
CA PHE B 480 -17.29 5.67 -1.18
C PHE B 480 -18.57 5.57 -0.34
N THR B 481 -19.69 5.05 -0.94
CA THR B 481 -20.98 4.81 -0.24
C THR B 481 -20.80 3.86 0.98
N ASN B 482 -20.11 2.72 0.74
CA ASN B 482 -19.86 1.68 1.74
C ASN B 482 -18.92 2.13 2.85
N GLU B 483 -17.93 3.01 2.54
CA GLU B 483 -17.01 3.60 3.51
C GLU B 483 -17.80 4.43 4.53
N LYS B 484 -18.74 5.27 4.02
N LYS B 484 -18.73 5.25 4.02
CA LYS B 484 -19.60 6.11 4.85
CA LYS B 484 -19.62 6.10 4.80
C LYS B 484 -20.51 5.21 5.71
C LYS B 484 -20.51 5.22 5.69
N LEU B 485 -21.05 4.13 5.10
CA LEU B 485 -21.92 3.15 5.77
C LEU B 485 -21.17 2.41 6.87
N GLN B 486 -19.88 2.02 6.64
CA GLN B 486 -19.08 1.35 7.66
C GLN B 486 -18.77 2.29 8.82
N GLN B 487 -18.49 3.57 8.54
CA GLN B 487 -18.23 4.57 9.57
C GLN B 487 -19.49 4.75 10.44
N PHE B 488 -20.68 4.68 9.80
CA PHE B 488 -22.00 4.73 10.47
C PHE B 488 -22.16 3.50 11.40
N PHE B 489 -21.73 2.30 10.94
CA PHE B 489 -21.70 1.12 11.81
C PHE B 489 -20.72 1.35 13.00
N ASN B 490 -19.46 1.77 12.72
CA ASN B 490 -18.40 2.03 13.70
C ASN B 490 -18.77 3.07 14.74
N HIS B 491 -19.39 4.18 14.32
CA HIS B 491 -19.86 5.20 15.25
C HIS B 491 -20.98 4.63 16.16
N HIS B 492 -21.92 3.83 15.57
CA HIS B 492 -23.01 3.20 16.33
C HIS B 492 -22.48 2.24 17.42
N MET B 493 -21.51 1.38 17.06
CA MET B 493 -20.87 0.45 17.98
C MET B 493 -20.12 1.23 19.06
N PHE B 494 -19.42 2.32 18.66
CA PHE B 494 -18.68 3.20 19.57
C PHE B 494 -19.59 3.76 20.66
N VAL B 495 -20.76 4.27 20.28
CA VAL B 495 -21.77 4.83 21.18
C VAL B 495 -22.33 3.74 22.10
N LEU B 496 -22.58 2.52 21.56
CA LEU B 496 -23.11 1.41 22.38
C LEU B 496 -22.12 1.02 23.49
N GLU B 497 -20.81 0.92 23.13
CA GLU B 497 -19.68 0.57 24.01
C GLU B 497 -19.47 1.62 25.08
N GLN B 498 -19.38 2.90 24.66
CA GLN B 498 -19.22 4.08 25.52
C GLN B 498 -20.36 4.12 26.57
N GLU B 499 -21.61 3.81 26.15
CA GLU B 499 -22.81 3.72 27.01
C GLU B 499 -22.68 2.57 28.05
N GLU B 500 -22.04 1.46 27.66
CA GLU B 500 -21.85 0.29 28.52
C GLU B 500 -20.77 0.56 29.57
N TYR B 501 -19.62 1.14 29.16
CA TYR B 501 -18.54 1.45 30.07
C TYR B 501 -18.94 2.57 31.07
N LYS B 502 -19.81 3.52 30.64
CA LYS B 502 -20.35 4.60 31.49
C LYS B 502 -21.34 4.03 32.50
N LYS B 503 -22.12 3.00 32.09
CA LYS B 503 -23.12 2.33 32.94
C LYS B 503 -22.44 1.55 34.08
N GLU B 504 -21.29 0.90 33.78
CA GLU B 504 -20.50 0.05 34.68
C GLU B 504 -19.37 0.79 35.44
N GLY B 505 -19.09 2.04 35.07
CA GLY B 505 -18.06 2.86 35.70
C GLY B 505 -16.65 2.48 35.31
N ILE B 506 -16.47 1.98 34.09
CA ILE B 506 -15.18 1.58 33.52
C ILE B 506 -14.53 2.85 32.97
N GLU B 507 -13.26 3.12 33.36
CA GLU B 507 -12.57 4.32 32.90
C GLU B 507 -11.75 4.06 31.62
N TRP B 508 -12.47 3.62 30.56
CA TRP B 508 -11.92 3.38 29.23
C TRP B 508 -12.02 4.69 28.45
N GLU B 509 -10.93 5.05 27.73
CA GLU B 509 -10.88 6.27 26.93
C GLU B 509 -10.33 5.99 25.54
N PHE B 510 -11.13 6.32 24.52
CA PHE B 510 -10.76 6.15 23.11
C PHE B 510 -11.56 7.06 22.19
N ILE B 511 -10.98 7.33 21.01
CA ILE B 511 -11.58 8.09 19.94
C ILE B 511 -12.65 7.22 19.26
N ASP B 512 -13.76 7.85 18.84
CA ASP B 512 -14.83 7.22 18.07
C ASP B 512 -14.21 6.29 17.01
N PHE B 513 -14.76 5.06 16.87
CA PHE B 513 -14.27 4.08 15.89
C PHE B 513 -14.60 4.51 14.45
N GLY B 514 -15.47 5.52 14.33
CA GLY B 514 -15.87 6.12 13.05
C GLY B 514 -14.77 7.00 12.50
N MET B 515 -13.90 7.52 13.41
CA MET B 515 -12.76 8.36 13.03
C MET B 515 -11.71 7.60 12.23
N ASP B 516 -11.63 6.26 12.39
CA ASP B 516 -10.71 5.39 11.68
C ASP B 516 -11.01 5.24 10.19
N LEU B 517 -12.04 5.94 9.70
CA LEU B 517 -12.47 5.91 8.29
C LEU B 517 -12.50 7.33 7.73
N GLN B 518 -12.56 8.35 8.63
CA GLN B 518 -12.61 9.79 8.37
C GLN B 518 -11.60 10.29 7.36
N ALA B 519 -10.34 9.81 7.42
CA ALA B 519 -9.26 10.21 6.53
C ALA B 519 -9.48 9.76 5.10
N CYS B 520 -10.11 8.60 4.91
CA CYS B 520 -10.42 8.09 3.57
C CYS B 520 -11.60 8.88 3.02
N ILE B 521 -12.63 9.10 3.87
CA ILE B 521 -13.83 9.86 3.55
C ILE B 521 -13.42 11.30 3.13
N ASP B 522 -12.55 11.95 3.94
CA ASP B 522 -11.98 13.30 3.67
C ASP B 522 -11.25 13.33 2.33
N LEU B 523 -10.44 12.30 2.04
CA LEU B 523 -9.74 12.18 0.76
C LEU B 523 -10.69 12.18 -0.46
N ILE B 524 -11.88 11.58 -0.33
CA ILE B 524 -12.83 11.45 -1.44
C ILE B 524 -13.75 12.67 -1.55
N GLU B 525 -14.36 13.09 -0.44
CA GLU B 525 -15.39 14.13 -0.42
C GLU B 525 -14.97 15.58 -0.10
N LYS B 526 -13.89 15.80 0.65
CA LYS B 526 -13.50 17.14 1.06
C LYS B 526 -13.03 18.05 -0.12
N PRO B 527 -13.15 19.41 0.02
CA PRO B 527 -12.67 20.31 -1.05
C PRO B 527 -11.20 20.06 -1.41
N MET B 528 -10.95 19.90 -2.70
CA MET B 528 -9.67 19.58 -3.34
C MET B 528 -9.35 18.08 -3.21
N GLY B 529 -10.36 17.27 -2.83
CA GLY B 529 -10.32 15.81 -2.74
C GLY B 529 -10.45 15.17 -4.11
N ILE B 530 -10.59 13.84 -4.20
CA ILE B 530 -10.68 13.15 -5.50
C ILE B 530 -11.89 13.59 -6.34
N MET B 531 -13.10 13.72 -5.71
CA MET B 531 -14.34 14.12 -6.38
C MET B 531 -14.26 15.57 -6.83
N SER B 532 -13.86 16.47 -5.89
CA SER B 532 -13.66 17.91 -6.09
C SER B 532 -12.74 18.19 -7.30
N ILE B 533 -11.66 17.38 -7.44
CA ILE B 533 -10.70 17.44 -8.54
C ILE B 533 -11.36 16.98 -9.85
N LEU B 534 -12.15 15.87 -9.83
CA LEU B 534 -12.84 15.35 -11.02
C LEU B 534 -13.83 16.37 -11.56
N GLU B 535 -14.59 16.99 -10.65
CA GLU B 535 -15.57 18.05 -10.93
C GLU B 535 -14.88 19.30 -11.48
N GLU B 536 -13.72 19.68 -10.91
CA GLU B 536 -12.91 20.83 -11.33
C GLU B 536 -12.35 20.59 -12.73
N GLU B 537 -11.79 19.39 -13.00
CA GLU B 537 -11.25 19.04 -14.30
C GLU B 537 -12.32 18.93 -15.41
N CYS B 538 -13.58 18.71 -15.02
CA CYS B 538 -14.73 18.63 -15.91
C CYS B 538 -15.10 20.00 -16.51
N MET B 539 -14.86 21.08 -15.75
CA MET B 539 -15.10 22.46 -16.14
C MET B 539 -14.15 22.97 -17.24
N PHE B 540 -12.97 22.32 -17.43
CA PHE B 540 -11.99 22.70 -18.45
C PHE B 540 -12.07 21.77 -19.67
N PRO B 541 -12.43 22.31 -20.87
CA PRO B 541 -12.58 21.44 -22.06
C PRO B 541 -11.26 20.93 -22.63
N LYS B 542 -10.14 21.57 -22.26
CA LYS B 542 -8.78 21.22 -22.67
C LYS B 542 -8.20 20.05 -21.84
N ALA B 543 -8.93 19.63 -20.78
CA ALA B 543 -8.53 18.56 -19.87
C ALA B 543 -8.64 17.17 -20.48
N THR B 544 -7.76 16.26 -20.02
CA THR B 544 -7.68 14.85 -20.41
C THR B 544 -7.51 13.99 -19.15
N ASP B 545 -7.51 12.65 -19.33
CA ASP B 545 -7.34 11.70 -18.24
C ASP B 545 -5.97 11.89 -17.55
N MET B 546 -4.94 12.32 -18.33
CA MET B 546 -3.59 12.58 -17.82
C MET B 546 -3.50 13.86 -17.02
N THR B 547 -4.26 14.91 -17.41
CA THR B 547 -4.31 16.17 -16.66
C THR B 547 -4.95 15.92 -15.29
N PHE B 548 -6.03 15.10 -15.26
CA PHE B 548 -6.75 14.69 -14.05
C PHE B 548 -5.84 13.83 -13.15
N LYS B 549 -5.21 12.78 -13.72
CA LYS B 549 -4.26 11.90 -13.00
C LYS B 549 -3.15 12.72 -12.32
N ALA B 550 -2.56 13.68 -13.07
CA ALA B 550 -1.52 14.58 -12.59
C ALA B 550 -1.98 15.43 -11.41
N LYS B 551 -3.21 15.99 -11.49
CA LYS B 551 -3.81 16.79 -10.41
C LYS B 551 -3.94 15.98 -9.11
N LEU B 552 -4.45 14.73 -9.19
CA LEU B 552 -4.65 13.85 -8.03
C LEU B 552 -3.32 13.60 -7.31
N PHE B 553 -2.27 13.25 -8.09
CA PHE B 553 -0.91 13.00 -7.60
C PHE B 553 -0.29 14.23 -6.93
N ASP B 554 -0.27 15.40 -7.61
CA ASP B 554 0.28 16.64 -7.05
C ASP B 554 -0.43 17.12 -5.78
N ASN B 555 -1.72 16.77 -5.64
CA ASN B 555 -2.54 17.18 -4.51
C ASN B 555 -2.60 16.25 -3.29
N HIS B 556 -2.46 14.90 -3.44
CA HIS B 556 -2.64 14.00 -2.26
C HIS B 556 -1.51 13.05 -1.92
N LEU B 557 -0.64 12.71 -2.91
CA LEU B 557 0.51 11.86 -2.67
C LEU B 557 1.43 12.55 -1.63
N GLY B 558 1.80 11.80 -0.60
CA GLY B 558 2.55 12.30 0.53
C GLY B 558 1.64 12.87 1.60
N LYS B 559 0.97 13.99 1.27
CA LYS B 559 0.07 14.79 2.10
C LYS B 559 -1.04 13.97 2.77
N SER B 560 -1.73 13.15 1.96
CA SER B 560 -2.85 12.30 2.37
C SER B 560 -2.41 10.83 2.42
N SER B 561 -2.37 10.30 3.64
CA SER B 561 -1.87 8.96 3.97
C SER B 561 -2.57 7.78 3.24
N ASN B 562 -3.88 7.90 2.87
CA ASN B 562 -4.76 6.91 2.21
C ASN B 562 -4.64 6.90 0.69
N PHE B 563 -4.06 7.97 0.12
CA PHE B 563 -3.80 8.06 -1.33
C PHE B 563 -2.41 7.49 -1.53
N GLN B 564 -2.30 6.48 -2.40
CA GLN B 564 -1.06 5.81 -2.73
C GLN B 564 -1.03 5.56 -4.18
N LYS B 565 0.16 5.18 -4.67
CA LYS B 565 0.46 4.78 -6.03
C LYS B 565 -0.18 3.42 -6.27
N PRO B 566 -0.39 2.99 -7.52
CA PRO B 566 -1.00 1.67 -7.72
C PRO B 566 -0.13 0.48 -7.27
N ARG B 567 -0.72 -0.71 -7.36
CA ARG B 567 -0.10 -2.01 -7.05
C ARG B 567 -0.38 -2.84 -8.32
N ASN B 568 0.35 -2.52 -9.39
CA ASN B 568 0.16 -3.18 -10.67
C ASN B 568 0.81 -4.56 -10.76
N ILE B 569 0.07 -5.48 -11.41
CA ILE B 569 0.39 -6.88 -11.68
C ILE B 569 0.02 -7.18 -13.17
N LYS B 570 -0.12 -8.46 -13.56
CA LYS B 570 -0.51 -8.80 -14.93
C LYS B 570 -1.60 -9.86 -14.96
N PRO B 573 -5.09 -4.85 -18.15
CA PRO B 573 -6.11 -4.23 -17.28
C PRO B 573 -5.49 -3.69 -15.98
N GLU B 574 -4.79 -2.52 -16.07
CA GLU B 574 -4.09 -1.93 -14.92
C GLU B 574 -4.53 -0.50 -14.51
N ALA B 575 -4.18 -0.13 -13.26
CA ALA B 575 -4.57 1.06 -12.51
C ALA B 575 -3.61 2.26 -12.48
N HIS B 576 -4.21 3.46 -12.27
CA HIS B 576 -3.58 4.77 -12.20
C HIS B 576 -3.30 5.22 -10.77
N PHE B 577 -4.05 4.72 -9.79
CA PHE B 577 -3.85 5.02 -8.37
C PHE B 577 -4.49 3.94 -7.50
N SER B 578 -4.25 3.99 -6.18
N SER B 578 -4.23 3.98 -6.18
CA SER B 578 -4.77 3.07 -5.19
CA SER B 578 -4.77 3.03 -5.21
C SER B 578 -5.30 3.80 -3.97
C SER B 578 -5.28 3.77 -3.96
N LEU B 579 -6.36 3.25 -3.34
CA LEU B 579 -7.00 3.85 -2.17
C LEU B 579 -7.06 2.96 -0.94
N ILE B 580 -6.60 3.48 0.19
CA ILE B 580 -6.63 2.70 1.40
C ILE B 580 -7.98 2.88 2.10
N HIS B 581 -8.90 1.97 1.77
CA HIS B 581 -10.24 1.87 2.33
C HIS B 581 -10.17 0.92 3.54
N TYR B 582 -11.23 0.93 4.36
CA TYR B 582 -11.37 0.10 5.56
C TYR B 582 -11.29 -1.41 5.25
N ALA B 583 -11.69 -1.81 4.03
CA ALA B 583 -11.78 -3.19 3.56
C ALA B 583 -10.59 -3.63 2.69
N GLY B 584 -9.60 -2.75 2.61
CA GLY B 584 -8.38 -3.01 1.84
C GLY B 584 -8.00 -1.91 0.87
N THR B 585 -7.03 -2.22 0.02
CA THR B 585 -6.52 -1.31 -0.99
C THR B 585 -7.14 -1.69 -2.34
N VAL B 586 -7.81 -0.70 -2.98
CA VAL B 586 -8.46 -0.80 -4.29
C VAL B 586 -7.63 -0.02 -5.32
N ASP B 587 -7.33 -0.67 -6.45
CA ASP B 587 -6.57 -0.14 -7.56
C ASP B 587 -7.53 0.46 -8.62
N TYR B 588 -7.57 1.81 -8.72
CA TYR B 588 -8.44 2.52 -9.65
C TYR B 588 -7.80 2.93 -10.99
N ASN B 589 -8.53 2.69 -12.08
CA ASN B 589 -8.18 3.09 -13.44
C ASN B 589 -9.05 4.32 -13.77
N ILE B 590 -8.41 5.46 -14.08
CA ILE B 590 -9.03 6.78 -14.29
C ILE B 590 -9.53 7.05 -15.73
N ILE B 591 -9.40 6.08 -16.66
CA ILE B 591 -9.79 6.27 -18.05
C ILE B 591 -11.31 6.51 -18.18
N GLY B 592 -11.65 7.63 -18.83
CA GLY B 592 -13.02 8.04 -19.15
C GLY B 592 -13.81 8.72 -18.05
N TRP B 593 -13.23 8.87 -16.86
CA TRP B 593 -13.92 9.48 -15.71
C TRP B 593 -14.48 10.87 -15.98
N LEU B 594 -13.78 11.68 -16.77
CA LEU B 594 -14.22 13.03 -17.10
C LEU B 594 -15.50 13.00 -17.93
N GLN B 595 -15.55 12.09 -18.93
CA GLN B 595 -16.68 11.89 -19.83
C GLN B 595 -17.86 11.26 -19.08
N LYS B 596 -17.59 10.25 -18.21
CA LYS B 596 -18.59 9.56 -17.39
C LYS B 596 -19.32 10.57 -16.51
N ASN B 597 -18.54 11.39 -15.78
CA ASN B 597 -19.05 12.44 -14.89
C ASN B 597 -19.84 13.52 -15.61
N LYS B 598 -19.39 13.94 -16.81
CA LYS B 598 -20.05 14.97 -17.63
C LYS B 598 -21.34 14.45 -18.29
N ASP B 599 -21.32 13.17 -18.74
CA ASP B 599 -22.37 12.47 -19.47
C ASP B 599 -22.84 13.32 -20.68
N PRO B 600 -21.94 13.60 -21.65
CA PRO B 600 -22.34 14.45 -22.78
C PRO B 600 -23.36 13.83 -23.71
N LEU B 601 -24.44 14.58 -23.96
CA LEU B 601 -25.54 14.20 -24.83
C LEU B 601 -25.65 15.13 -26.02
N ASN B 602 -26.03 14.58 -27.21
CA ASN B 602 -26.24 15.40 -28.41
C ASN B 602 -27.48 16.25 -28.13
N GLU B 603 -27.27 17.51 -27.72
CA GLU B 603 -28.31 18.46 -27.32
C GLU B 603 -29.24 18.90 -28.47
N THR B 604 -28.88 18.58 -29.74
CA THR B 604 -29.78 18.89 -30.85
C THR B 604 -30.93 17.87 -30.76
N VAL B 605 -30.57 16.57 -30.58
CA VAL B 605 -31.52 15.47 -30.45
C VAL B 605 -32.33 15.63 -29.17
N VAL B 606 -31.70 16.10 -28.08
CA VAL B 606 -32.38 16.37 -26.80
C VAL B 606 -33.47 17.44 -26.97
N ASP B 607 -33.20 18.50 -27.77
CA ASP B 607 -34.21 19.54 -28.06
C ASP B 607 -35.43 18.94 -28.80
N LEU B 608 -35.18 17.93 -29.66
CA LEU B 608 -36.22 17.19 -30.36
C LEU B 608 -37.06 16.40 -29.33
N TYR B 609 -36.39 15.74 -28.35
CA TYR B 609 -37.02 14.99 -27.25
C TYR B 609 -37.94 15.92 -26.44
N LYS B 610 -37.47 17.14 -26.13
CA LYS B 610 -38.23 18.15 -25.40
C LYS B 610 -39.52 18.56 -26.13
N LYS B 611 -39.52 18.54 -27.49
CA LYS B 611 -40.63 18.93 -28.37
C LYS B 611 -41.45 17.76 -28.91
N SER B 612 -41.29 16.55 -28.32
CA SER B 612 -41.98 15.33 -28.74
C SER B 612 -43.51 15.37 -28.58
N SER B 613 -44.21 14.63 -29.45
CA SER B 613 -45.66 14.49 -29.41
C SER B 613 -46.09 13.41 -28.39
N LEU B 614 -45.12 12.60 -27.88
CA LEU B 614 -45.31 11.59 -26.84
C LEU B 614 -45.06 12.31 -25.51
N LYS B 615 -46.12 12.52 -24.71
CA LYS B 615 -46.09 13.27 -23.45
C LYS B 615 -44.98 12.83 -22.48
N MET B 616 -44.76 11.51 -22.32
CA MET B 616 -43.74 10.97 -21.41
C MET B 616 -42.34 11.43 -21.82
N LEU B 617 -41.96 11.24 -23.11
CA LEU B 617 -40.65 11.68 -23.60
C LEU B 617 -40.41 13.16 -23.30
N SER B 618 -41.36 14.05 -23.65
CA SER B 618 -41.22 15.48 -23.39
C SER B 618 -41.12 15.80 -21.90
N SER B 619 -41.78 15.00 -21.04
CA SER B 619 -41.73 15.15 -19.57
C SER B 619 -40.35 14.80 -19.01
N LEU B 620 -39.70 13.72 -19.54
CA LEU B 620 -38.39 13.18 -19.12
C LEU B 620 -37.24 14.14 -19.39
N PHE B 621 -37.34 14.96 -20.45
CA PHE B 621 -36.27 15.88 -20.81
C PHE B 621 -36.64 17.34 -20.58
N ALA B 622 -37.85 17.59 -20.05
CA ALA B 622 -38.38 18.92 -19.72
C ALA B 622 -37.39 19.78 -18.93
N ASN B 623 -36.74 19.18 -17.91
CA ASN B 623 -35.77 19.89 -17.08
C ASN B 623 -34.30 19.50 -17.36
N TYR B 624 -33.98 19.16 -18.64
CA TYR B 624 -32.63 18.79 -19.03
C TYR B 624 -31.71 19.99 -19.04
N ALA B 625 -30.48 19.79 -18.49
CA ALA B 625 -29.39 20.76 -18.38
C ALA B 625 -28.12 20.13 -18.97
N GLY B 626 -27.24 20.96 -19.53
CA GLY B 626 -25.98 20.52 -20.10
C GLY B 626 -24.87 21.55 -20.01
N GLN B 645 -25.95 19.69 -13.04
CA GLN B 645 -25.26 18.84 -12.05
C GLN B 645 -24.58 17.57 -12.65
N THR B 646 -23.35 17.30 -12.20
CA THR B 646 -22.48 16.18 -12.64
C THR B 646 -22.78 14.86 -11.83
N VAL B 647 -22.47 13.66 -12.41
CA VAL B 647 -22.72 12.33 -11.80
C VAL B 647 -22.21 12.24 -10.33
N SER B 648 -21.00 12.75 -10.06
CA SER B 648 -20.38 12.78 -8.74
C SER B 648 -21.08 13.75 -7.80
N ALA B 649 -21.63 14.86 -8.36
CA ALA B 649 -22.37 15.87 -7.61
C ALA B 649 -23.73 15.30 -7.19
N LEU B 650 -24.42 14.60 -8.12
CA LEU B 650 -25.71 13.93 -7.86
C LEU B 650 -25.49 12.82 -6.82
N HIS B 651 -24.44 11.98 -6.99
CA HIS B 651 -24.10 10.95 -6.04
C HIS B 651 -23.83 11.51 -4.64
N ARG B 652 -23.09 12.61 -4.53
CA ARG B 652 -22.76 13.29 -3.26
C ARG B 652 -24.02 13.76 -2.54
N GLU B 653 -24.99 14.29 -3.29
CA GLU B 653 -26.27 14.80 -2.80
C GLU B 653 -27.16 13.65 -2.28
N ASN B 654 -27.31 12.59 -3.09
CA ASN B 654 -28.11 11.41 -2.75
C ASN B 654 -27.57 10.68 -1.54
N LEU B 655 -26.24 10.60 -1.41
CA LEU B 655 -25.56 9.98 -0.28
C LEU B 655 -25.71 10.83 0.99
N ASN B 656 -25.71 12.17 0.86
CA ASN B 656 -25.90 13.05 2.03
C ASN B 656 -27.30 12.88 2.58
N LYS B 657 -28.28 12.79 1.68
CA LYS B 657 -29.72 12.59 1.94
C LYS B 657 -29.94 11.23 2.64
N LEU B 658 -29.30 10.15 2.16
CA LEU B 658 -29.36 8.80 2.75
C LEU B 658 -28.78 8.81 4.16
N MET B 659 -27.58 9.37 4.33
CA MET B 659 -26.87 9.44 5.62
C MET B 659 -27.65 10.20 6.66
N THR B 660 -28.28 11.32 6.27
CA THR B 660 -29.13 12.16 7.13
C THR B 660 -30.36 11.35 7.57
N ASN B 661 -30.91 10.52 6.68
CA ASN B 661 -32.03 9.64 7.02
C ASN B 661 -31.57 8.56 8.01
N LEU B 662 -30.44 7.89 7.72
CA LEU B 662 -29.88 6.85 8.58
C LEU B 662 -29.51 7.35 9.98
N ARG B 663 -28.99 8.58 10.08
CA ARG B 663 -28.57 9.17 11.36
C ARG B 663 -29.75 9.60 12.24
N SER B 664 -30.98 9.50 11.74
CA SER B 664 -32.22 9.79 12.50
C SER B 664 -32.90 8.49 12.95
N THR B 665 -32.23 7.34 12.72
CA THR B 665 -32.75 6.01 13.00
C THR B 665 -31.90 5.19 13.99
N HIS B 666 -32.50 4.13 14.53
CA HIS B 666 -31.81 3.08 15.30
C HIS B 666 -31.47 2.02 14.20
N PRO B 667 -30.18 1.83 13.84
CA PRO B 667 -29.87 0.92 12.73
C PRO B 667 -29.69 -0.55 13.14
N HIS B 668 -29.90 -1.43 12.15
CA HIS B 668 -29.85 -2.89 12.27
C HIS B 668 -29.15 -3.36 11.02
N PHE B 669 -28.20 -4.31 11.16
CA PHE B 669 -27.30 -4.67 10.06
C PHE B 669 -27.35 -6.10 9.64
N VAL B 670 -27.59 -6.34 8.36
CA VAL B 670 -27.75 -7.65 7.73
C VAL B 670 -26.65 -7.82 6.72
N ARG B 671 -25.88 -8.91 6.85
CA ARG B 671 -24.73 -9.24 6.03
C ARG B 671 -24.99 -10.49 5.25
N CYS B 672 -25.17 -10.36 3.92
CA CYS B 672 -25.42 -11.46 2.96
C CYS B 672 -24.10 -11.99 2.36
N ILE B 673 -23.87 -13.29 2.46
CA ILE B 673 -22.66 -13.95 1.95
C ILE B 673 -22.98 -14.98 0.88
N ILE B 674 -22.34 -14.86 -0.30
CA ILE B 674 -22.47 -15.84 -1.40
C ILE B 674 -21.45 -16.99 -1.07
N PRO B 675 -21.88 -18.26 -0.94
CA PRO B 675 -20.93 -19.30 -0.50
C PRO B 675 -19.93 -19.78 -1.55
N ASN B 676 -20.32 -19.72 -2.83
CA ASN B 676 -19.54 -20.24 -3.94
C ASN B 676 -19.96 -19.53 -5.23
N GLU B 677 -19.23 -19.78 -6.33
CA GLU B 677 -19.42 -19.22 -7.66
C GLU B 677 -20.23 -20.13 -8.59
N THR B 678 -20.66 -21.30 -8.11
CA THR B 678 -21.34 -22.26 -8.98
C THR B 678 -22.84 -22.49 -8.65
N LYS B 679 -23.46 -21.65 -7.78
CA LYS B 679 -24.88 -21.76 -7.35
C LYS B 679 -25.17 -23.13 -6.72
N SER B 680 -24.13 -23.74 -6.13
CA SER B 680 -24.15 -25.06 -5.50
C SER B 680 -24.65 -24.98 -4.06
N PRO B 681 -25.79 -25.65 -3.75
CA PRO B 681 -26.28 -25.67 -2.36
C PRO B 681 -25.35 -26.43 -1.40
N GLY B 682 -25.14 -25.88 -0.20
CA GLY B 682 -24.33 -26.51 0.84
C GLY B 682 -22.81 -26.47 0.69
N VAL B 683 -22.28 -25.91 -0.41
CA VAL B 683 -20.85 -25.83 -0.71
C VAL B 683 -20.25 -24.48 -0.32
N ILE B 684 -19.14 -24.49 0.41
CA ILE B 684 -18.44 -23.27 0.79
C ILE B 684 -17.02 -23.24 0.21
N ASP B 685 -16.69 -22.12 -0.51
CA ASP B 685 -15.36 -21.79 -1.06
C ASP B 685 -14.77 -20.82 -0.06
N ASN B 686 -13.86 -21.32 0.79
CA ASN B 686 -13.21 -20.58 1.87
C ASN B 686 -12.61 -19.22 1.46
N PRO B 687 -11.79 -19.08 0.38
CA PRO B 687 -11.24 -17.75 0.04
C PRO B 687 -12.32 -16.70 -0.26
N LEU B 688 -13.39 -17.11 -0.97
CA LEU B 688 -14.52 -16.26 -1.31
C LEU B 688 -15.26 -15.76 -0.06
N VAL B 689 -15.52 -16.66 0.90
CA VAL B 689 -16.24 -16.32 2.13
C VAL B 689 -15.37 -15.38 2.99
N MET B 690 -14.04 -15.62 2.99
CA MET B 690 -13.08 -14.79 3.73
C MET B 690 -12.93 -13.39 3.17
N HIS B 691 -12.92 -13.26 1.81
CA HIS B 691 -12.86 -11.96 1.12
C HIS B 691 -14.05 -11.10 1.55
N GLN B 692 -15.27 -11.70 1.58
CA GLN B 692 -16.54 -11.08 2.00
C GLN B 692 -16.48 -10.66 3.46
N LEU B 693 -15.97 -11.53 4.37
CA LEU B 693 -15.82 -11.21 5.81
C LEU B 693 -14.91 -10.00 6.08
N ARG B 694 -13.85 -9.86 5.24
CA ARG B 694 -12.88 -8.77 5.30
C ARG B 694 -13.48 -7.47 4.78
N CYS B 695 -14.47 -7.56 3.87
CA CYS B 695 -15.08 -6.40 3.22
C CYS B 695 -16.42 -5.94 3.75
N ASN B 696 -17.17 -6.81 4.49
CA ASN B 696 -18.54 -6.51 4.89
C ASN B 696 -18.76 -5.90 6.28
N GLY B 697 -17.72 -5.73 7.10
CA GLY B 697 -17.86 -5.14 8.42
C GLY B 697 -17.76 -6.11 9.59
N VAL B 698 -17.90 -7.42 9.32
CA VAL B 698 -17.89 -8.47 10.35
C VAL B 698 -16.55 -8.47 11.11
N LEU B 699 -15.44 -8.57 10.34
CA LEU B 699 -14.08 -8.54 10.90
C LEU B 699 -13.73 -7.15 11.45
N GLU B 700 -14.23 -6.10 10.76
CA GLU B 700 -14.09 -4.71 11.19
C GLU B 700 -14.68 -4.45 12.58
N GLY B 701 -15.90 -4.99 12.83
CA GLY B 701 -16.60 -4.90 14.11
C GLY B 701 -15.86 -5.62 15.22
N ILE B 702 -15.17 -6.73 14.90
CA ILE B 702 -14.37 -7.49 15.86
C ILE B 702 -13.16 -6.65 16.28
N ARG B 703 -12.49 -6.02 15.30
CA ARG B 703 -11.33 -5.14 15.46
C ARG B 703 -11.59 -3.96 16.40
N ILE B 704 -12.66 -3.18 16.14
CA ILE B 704 -13.00 -1.97 16.91
C ILE B 704 -13.43 -2.31 18.32
N CYS B 705 -14.05 -3.49 18.51
CA CYS B 705 -14.50 -3.95 19.82
C CYS B 705 -13.31 -4.39 20.67
N ARG B 706 -12.32 -5.05 20.02
CA ARG B 706 -11.06 -5.53 20.63
C ARG B 706 -10.28 -4.40 21.35
N LYS B 707 -10.47 -3.14 20.88
CA LYS B 707 -9.85 -1.93 21.44
C LYS B 707 -10.36 -1.56 22.85
N GLY B 708 -11.59 -1.97 23.17
CA GLY B 708 -12.20 -1.80 24.48
C GLY B 708 -12.00 -3.05 25.30
N PHE B 709 -13.08 -3.52 25.94
CA PHE B 709 -13.08 -4.74 26.73
C PHE B 709 -14.08 -5.76 26.12
N PRO B 710 -13.61 -6.58 25.12
CA PRO B 710 -14.53 -7.48 24.40
C PRO B 710 -15.25 -8.54 25.23
N ASN B 711 -14.60 -9.05 26.28
CA ASN B 711 -15.16 -10.07 27.16
C ASN B 711 -15.57 -9.43 28.48
N ARG B 712 -16.77 -9.77 28.95
CA ARG B 712 -17.34 -9.25 30.19
C ARG B 712 -18.27 -10.29 30.83
N ILE B 713 -17.94 -10.71 32.06
CA ILE B 713 -18.68 -11.73 32.82
C ILE B 713 -19.23 -11.15 34.10
N LEU B 714 -20.47 -11.54 34.48
CA LEU B 714 -21.10 -11.12 35.74
C LEU B 714 -20.29 -11.67 36.91
N TYR B 715 -20.19 -10.92 38.03
CA TYR B 715 -19.46 -11.32 39.24
C TYR B 715 -19.88 -12.70 39.79
N GLY B 716 -21.20 -12.95 39.79
CA GLY B 716 -21.80 -14.20 40.23
C GLY B 716 -21.37 -15.38 39.37
N ASP B 717 -21.42 -15.19 38.03
CA ASP B 717 -21.04 -16.19 37.02
C ASP B 717 -19.53 -16.44 37.01
N PHE B 718 -18.72 -15.38 37.32
CA PHE B 718 -17.26 -15.46 37.37
C PHE B 718 -16.83 -16.28 38.58
N ARG B 719 -17.54 -16.11 39.72
CA ARG B 719 -17.28 -16.84 40.97
C ARG B 719 -17.59 -18.33 40.78
N GLN B 720 -18.70 -18.65 40.09
CA GLN B 720 -19.17 -20.00 39.81
C GLN B 720 -18.24 -20.79 38.86
N ARG B 721 -17.45 -20.09 38.04
CA ARG B 721 -16.56 -20.75 37.08
C ARG B 721 -15.07 -20.75 37.46
N TYR B 722 -14.54 -19.61 37.91
CA TYR B 722 -13.09 -19.51 38.15
C TYR B 722 -12.64 -19.64 39.65
N ARG B 723 -13.53 -20.11 40.57
CA ARG B 723 -13.14 -20.32 41.98
C ARG B 723 -12.10 -21.44 42.09
N ILE B 724 -12.19 -22.46 41.21
CA ILE B 724 -11.28 -23.61 41.13
C ILE B 724 -9.79 -23.17 40.97
N LEU B 725 -9.54 -21.95 40.45
CA LEU B 725 -8.20 -21.39 40.24
C LEU B 725 -7.47 -21.10 41.55
N ASN B 726 -8.21 -20.65 42.59
CA ASN B 726 -7.69 -20.34 43.94
C ASN B 726 -8.87 -20.29 44.94
N PRO B 727 -9.42 -21.46 45.37
CA PRO B 727 -10.59 -21.44 46.28
C PRO B 727 -10.38 -20.73 47.62
N ALA B 728 -9.10 -20.47 47.99
CA ALA B 728 -8.72 -19.79 49.22
C ALA B 728 -9.15 -18.33 49.23
N ALA B 729 -9.22 -17.70 48.04
CA ALA B 729 -9.63 -16.30 47.86
C ALA B 729 -11.14 -16.03 48.13
N ILE B 730 -11.92 -17.09 48.42
CA ILE B 730 -13.37 -17.01 48.68
C ILE B 730 -13.76 -17.78 49.98
N PRO B 731 -14.62 -17.15 50.79
CA PRO B 731 -15.54 -17.90 51.65
C PRO B 731 -16.53 -18.77 50.88
N ASP B 737 -19.50 -7.30 48.04
CA ASP B 737 -20.00 -8.67 48.10
C ASP B 737 -19.21 -9.60 47.16
N SER B 738 -19.86 -10.14 46.09
CA SER B 738 -19.25 -11.03 45.09
C SER B 738 -18.09 -10.37 44.32
N ARG B 739 -18.11 -9.02 44.22
CA ARG B 739 -17.09 -8.22 43.56
C ARG B 739 -15.71 -8.43 44.20
N LYS B 740 -15.66 -8.40 45.54
CA LYS B 740 -14.46 -8.58 46.34
C LYS B 740 -13.79 -9.95 46.11
N GLY B 741 -14.61 -11.00 45.99
CA GLY B 741 -14.15 -12.36 45.71
C GLY B 741 -13.45 -12.49 44.37
N ALA B 742 -13.91 -11.73 43.36
CA ALA B 742 -13.34 -11.70 42.01
C ALA B 742 -12.01 -10.93 42.03
N GLU B 743 -11.99 -9.82 42.81
CA GLU B 743 -10.83 -8.94 43.00
C GLU B 743 -9.71 -9.71 43.69
N LYS B 744 -10.07 -10.50 44.72
CA LYS B 744 -9.14 -11.32 45.47
C LYS B 744 -8.53 -12.41 44.58
N LEU B 745 -9.39 -13.17 43.87
CA LEU B 745 -9.00 -14.26 43.00
C LEU B 745 -8.07 -13.83 41.85
N LEU B 746 -8.45 -12.77 41.11
CA LEU B 746 -7.66 -12.28 39.98
C LEU B 746 -6.31 -11.69 40.41
N GLY B 747 -6.32 -10.97 41.54
CA GLY B 747 -5.12 -10.36 42.11
C GLY B 747 -4.10 -11.39 42.56
N SER B 748 -4.57 -12.56 43.01
CA SER B 748 -3.74 -13.66 43.48
C SER B 748 -3.04 -14.45 42.37
N LEU B 749 -3.65 -14.52 41.17
CA LEU B 749 -3.10 -15.30 40.06
C LEU B 749 -1.92 -14.61 39.35
N ASP B 750 -0.99 -15.42 38.81
CA ASP B 750 0.19 -14.97 38.06
C ASP B 750 -0.24 -14.62 36.64
N ILE B 751 -0.84 -13.42 36.49
CA ILE B 751 -1.40 -12.84 35.27
C ILE B 751 -1.09 -11.33 35.17
N ASP B 752 -1.19 -10.75 33.95
CA ASP B 752 -1.01 -9.32 33.71
C ASP B 752 -2.20 -8.62 34.37
N HIS B 753 -1.98 -7.90 35.47
CA HIS B 753 -3.07 -7.30 36.24
C HIS B 753 -3.73 -6.06 35.60
N ASN B 754 -3.11 -5.51 34.54
CA ASN B 754 -3.68 -4.37 33.80
C ASN B 754 -4.39 -4.85 32.51
N GLN B 755 -4.77 -6.14 32.49
CA GLN B 755 -5.47 -6.80 31.39
C GLN B 755 -6.98 -7.01 31.72
N TYR B 756 -7.44 -6.41 32.83
CA TYR B 756 -8.84 -6.50 33.29
C TYR B 756 -9.23 -5.29 34.16
N LYS B 757 -10.55 -4.96 34.19
CA LYS B 757 -11.09 -3.85 34.97
C LYS B 757 -12.37 -4.26 35.67
N PHE B 758 -12.62 -3.68 36.85
CA PHE B 758 -13.80 -4.03 37.65
C PHE B 758 -14.94 -3.05 37.45
N GLY B 759 -16.12 -3.59 37.15
CA GLY B 759 -17.34 -2.82 36.95
C GLY B 759 -18.31 -2.95 38.10
N HIS B 760 -19.53 -2.42 37.94
CA HIS B 760 -20.59 -2.50 38.97
C HIS B 760 -21.05 -3.95 39.11
N THR B 761 -21.54 -4.53 38.00
CA THR B 761 -22.09 -5.88 37.91
C THR B 761 -21.22 -6.87 37.09
N LYS B 762 -20.14 -6.40 36.43
CA LYS B 762 -19.30 -7.26 35.58
C LYS B 762 -17.81 -7.04 35.70
N VAL B 763 -17.03 -8.07 35.30
CA VAL B 763 -15.56 -8.05 35.24
C VAL B 763 -15.25 -7.82 33.76
N PHE B 764 -14.49 -6.77 33.44
CA PHE B 764 -14.16 -6.44 32.05
C PHE B 764 -12.78 -6.95 31.70
N PHE B 765 -12.67 -7.70 30.59
CA PHE B 765 -11.42 -8.35 30.17
C PHE B 765 -10.95 -7.90 28.80
N LYS B 766 -9.62 -7.86 28.61
CA LYS B 766 -9.00 -7.59 27.32
C LYS B 766 -9.11 -8.88 26.52
N ALA B 767 -8.95 -8.81 25.19
CA ALA B 767 -9.13 -9.94 24.29
C ALA B 767 -8.55 -11.29 24.75
N GLY B 768 -7.24 -11.48 24.73
CA GLY B 768 -6.62 -12.77 25.06
C GLY B 768 -6.70 -13.37 26.46
N LEU B 769 -7.13 -12.59 27.47
CA LEU B 769 -7.16 -12.95 28.90
C LEU B 769 -8.02 -14.17 29.24
N LEU B 770 -9.24 -14.25 28.67
CA LEU B 770 -10.15 -15.36 28.94
C LEU B 770 -9.69 -16.70 28.36
N GLY B 771 -8.90 -16.65 27.28
CA GLY B 771 -8.31 -17.83 26.64
C GLY B 771 -7.29 -18.49 27.53
N LEU B 772 -6.65 -17.68 28.40
CA LEU B 772 -5.65 -18.06 29.40
C LEU B 772 -6.34 -18.58 30.68
N LEU B 773 -7.35 -17.84 31.19
CA LEU B 773 -8.12 -18.22 32.39
C LEU B 773 -8.78 -19.59 32.22
N GLU B 774 -9.10 -19.99 30.97
CA GLU B 774 -9.70 -21.28 30.62
C GLU B 774 -8.64 -22.36 30.49
N GLU B 775 -7.43 -21.97 30.04
CA GLU B 775 -6.27 -22.86 29.89
C GLU B 775 -5.80 -23.26 31.30
N MET B 776 -5.75 -22.27 32.21
CA MET B 776 -5.38 -22.41 33.62
C MET B 776 -6.43 -23.29 34.33
N ARG B 777 -7.73 -23.09 34.01
CA ARG B 777 -8.86 -23.82 34.58
C ARG B 777 -8.82 -25.32 34.24
N ASP B 778 -8.57 -25.66 32.96
CA ASP B 778 -8.48 -27.07 32.53
C ASP B 778 -7.21 -27.74 33.04
N GLU B 779 -6.12 -26.96 33.23
CA GLU B 779 -4.86 -27.44 33.76
C GLU B 779 -5.02 -27.77 35.24
N ARG B 780 -5.84 -26.96 35.96
CA ARG B 780 -6.16 -27.12 37.38
C ARG B 780 -7.13 -28.28 37.60
N LEU B 781 -8.26 -28.33 36.84
CA LEU B 781 -9.28 -29.38 36.94
C LEU B 781 -8.70 -30.77 36.67
N SER B 782 -7.75 -30.88 35.71
CA SER B 782 -7.08 -32.14 35.37
C SER B 782 -6.14 -32.56 36.52
N ARG B 783 -5.45 -31.58 37.14
CA ARG B 783 -4.54 -31.76 38.27
C ARG B 783 -5.32 -32.22 39.52
N ILE B 784 -6.51 -31.61 39.79
CA ILE B 784 -7.34 -31.93 40.96
C ILE B 784 -8.00 -33.32 40.82
N ILE B 785 -8.50 -33.68 39.61
CA ILE B 785 -9.14 -34.99 39.35
C ILE B 785 -8.11 -36.10 39.59
N THR B 786 -6.84 -35.86 39.19
CA THR B 786 -5.70 -36.76 39.37
C THR B 786 -5.47 -37.01 40.88
N ARG B 787 -5.56 -35.94 41.70
CA ARG B 787 -5.40 -35.98 43.16
C ARG B 787 -6.64 -36.61 43.83
N ILE B 788 -7.85 -36.40 43.25
CA ILE B 788 -9.14 -36.91 43.69
C ILE B 788 -9.16 -38.45 43.59
N GLN B 789 -8.57 -39.01 42.50
CA GLN B 789 -8.49 -40.46 42.29
C GLN B 789 -7.26 -41.09 42.97
N ALA B 790 -6.16 -40.30 43.21
CA ALA B 790 -4.98 -40.78 43.96
C ALA B 790 -5.37 -40.99 45.44
N GLN B 791 -6.33 -40.18 45.93
CA GLN B 791 -6.89 -40.24 47.27
C GLN B 791 -7.91 -41.38 47.31
N SER B 792 -8.62 -41.61 46.18
CA SER B 792 -9.59 -42.70 46.03
C SER B 792 -8.87 -44.06 45.94
N ARG B 793 -7.62 -44.06 45.47
CA ARG B 793 -6.77 -45.25 45.38
C ARG B 793 -6.30 -45.64 46.79
N GLY B 794 -6.13 -44.63 47.65
CA GLY B 794 -5.74 -44.78 49.04
C GLY B 794 -6.77 -45.48 49.91
N VAL B 795 -8.07 -45.21 49.68
CA VAL B 795 -9.15 -45.86 50.44
C VAL B 795 -9.36 -47.31 50.00
N LEU B 796 -9.02 -47.63 48.73
CA LEU B 796 -9.12 -48.98 48.16
C LEU B 796 -7.98 -49.88 48.67
N SER B 797 -6.72 -49.38 48.71
CA SER B 797 -5.57 -50.15 49.22
C SER B 797 -5.02 -49.55 50.51
N ILE C 46 -17.36 25.14 -56.68
CA ILE C 46 -17.10 26.36 -55.92
C ILE C 46 -17.53 27.61 -56.70
N LYS C 47 -18.07 28.61 -55.98
CA LYS C 47 -18.52 29.88 -56.55
C LYS C 47 -17.33 30.71 -57.03
N ILE C 48 -17.40 31.18 -58.30
CA ILE C 48 -16.36 32.02 -58.90
C ILE C 48 -16.67 33.49 -58.61
N GLU C 49 -15.68 34.23 -58.10
CA GLU C 49 -15.83 35.64 -57.71
C GLU C 49 -14.97 36.62 -58.54
N PHE C 50 -14.37 36.14 -59.65
CA PHE C 50 -13.58 37.01 -60.53
C PHE C 50 -14.45 37.62 -61.62
N THR C 51 -14.24 38.93 -61.91
CA THR C 51 -14.98 39.70 -62.93
C THR C 51 -14.75 39.15 -64.35
N PRO C 52 -15.73 39.28 -65.30
CA PRO C 52 -15.51 38.76 -66.67
C PRO C 52 -14.26 39.27 -67.39
N GLU C 53 -13.85 40.52 -67.11
CA GLU C 53 -12.64 41.15 -67.68
C GLU C 53 -11.38 40.46 -67.13
N GLN C 54 -11.43 39.97 -65.87
CA GLN C 54 -10.34 39.28 -65.20
C GLN C 54 -10.21 37.83 -65.64
N ILE C 55 -11.33 37.18 -66.07
CA ILE C 55 -11.36 35.80 -66.57
C ILE C 55 -10.49 35.72 -67.84
N GLU C 56 -10.59 36.75 -68.71
CA GLU C 56 -9.80 36.86 -69.95
C GLU C 56 -8.32 37.15 -69.66
N GLU C 57 -8.03 37.83 -68.54
CA GLU C 57 -6.67 38.15 -68.10
C GLU C 57 -5.95 36.89 -67.62
N PHE C 58 -6.72 35.91 -67.10
CA PHE C 58 -6.21 34.63 -66.64
C PHE C 58 -6.06 33.69 -67.85
N LYS C 59 -7.01 33.78 -68.80
CA LYS C 59 -7.05 33.02 -70.05
C LYS C 59 -5.88 33.41 -70.96
N GLU C 60 -5.46 34.71 -70.94
CA GLU C 60 -4.32 35.18 -71.74
C GLU C 60 -2.99 34.69 -71.15
N ALA C 61 -2.90 34.58 -69.81
CA ALA C 61 -1.72 34.08 -69.12
C ALA C 61 -1.59 32.56 -69.32
N PHE C 62 -2.74 31.85 -69.30
CA PHE C 62 -2.87 30.40 -69.49
C PHE C 62 -2.28 29.94 -70.84
N THR C 63 -2.47 30.75 -71.91
CA THR C 63 -1.98 30.51 -73.28
C THR C 63 -0.44 30.55 -73.37
N LEU C 64 0.21 31.45 -72.58
CA LEU C 64 1.68 31.61 -72.51
C LEU C 64 2.39 30.34 -72.00
N PHE C 65 1.67 29.52 -71.21
CA PHE C 65 2.14 28.27 -70.63
C PHE C 65 1.89 27.04 -71.52
N ASP C 66 1.06 27.21 -72.57
CA ASP C 66 0.72 26.16 -73.53
C ASP C 66 1.89 25.90 -74.48
N ARG C 67 2.65 24.83 -74.18
CA ARG C 67 3.85 24.42 -74.92
C ARG C 67 3.52 23.58 -76.17
N THR C 68 2.23 23.15 -76.31
CA THR C 68 1.73 22.32 -77.42
C THR C 68 1.75 23.01 -78.79
N PRO C 69 2.25 22.33 -79.86
CA PRO C 69 2.20 22.94 -81.21
C PRO C 69 0.78 22.93 -81.80
N LYS C 70 -0.10 22.05 -81.27
CA LYS C 70 -1.51 21.89 -81.64
C LYS C 70 -2.38 23.03 -81.06
N CYS C 71 -1.85 23.78 -80.07
CA CYS C 71 -2.48 24.91 -79.37
C CYS C 71 -3.88 24.58 -78.83
N GLU C 72 -3.99 23.41 -78.16
CA GLU C 72 -5.24 22.89 -77.57
C GLU C 72 -5.66 23.68 -76.33
N MET C 73 -4.72 24.49 -75.77
CA MET C 73 -4.86 25.29 -74.54
C MET C 73 -5.03 24.34 -73.34
N LYS C 74 -4.05 23.44 -73.19
CA LYS C 74 -3.99 22.42 -72.14
C LYS C 74 -2.57 22.33 -71.59
N ILE C 75 -2.44 22.43 -70.26
CA ILE C 75 -1.15 22.38 -69.56
C ILE C 75 -1.05 21.15 -68.66
N THR C 76 0.18 20.64 -68.43
CA THR C 76 0.43 19.46 -67.57
C THR C 76 0.16 19.80 -66.11
N TYR C 77 -0.23 18.78 -65.31
CA TYR C 77 -0.50 18.88 -63.88
C TYR C 77 0.74 19.34 -63.09
N GLY C 78 1.93 19.18 -63.68
CA GLY C 78 3.22 19.58 -63.11
C GLY C 78 3.52 21.05 -63.27
N GLN C 79 3.26 21.62 -64.48
CA GLN C 79 3.49 23.04 -64.76
C GLN C 79 2.39 23.94 -64.19
N CYS C 80 1.31 23.32 -63.65
CA CYS C 80 0.13 23.95 -63.04
C CYS C 80 0.49 25.02 -61.99
N GLY C 81 1.48 24.70 -61.14
CA GLY C 81 1.96 25.58 -60.08
C GLY C 81 2.58 26.86 -60.60
N ASP C 82 3.43 26.78 -61.64
CA ASP C 82 4.11 27.91 -62.29
C ASP C 82 3.13 28.95 -62.83
N VAL C 83 1.91 28.50 -63.21
CA VAL C 83 0.82 29.35 -63.71
C VAL C 83 0.29 30.19 -62.54
N LEU C 84 -0.04 29.52 -61.41
CA LEU C 84 -0.56 30.13 -60.18
C LEU C 84 0.46 31.13 -59.59
N ARG C 85 1.77 30.82 -59.69
CA ARG C 85 2.85 31.67 -59.21
C ARG C 85 3.02 32.92 -60.08
N ALA C 86 2.82 32.77 -61.40
CA ALA C 86 2.88 33.87 -62.37
C ALA C 86 1.69 34.80 -62.20
N LEU C 87 0.55 34.27 -61.71
CA LEU C 87 -0.70 35.00 -61.45
C LEU C 87 -0.68 35.77 -60.11
N GLY C 88 0.53 36.06 -59.61
CA GLY C 88 0.77 36.82 -58.39
C GLY C 88 0.47 36.10 -57.08
N GLN C 89 0.36 34.77 -57.12
CA GLN C 89 0.09 33.96 -55.92
C GLN C 89 1.33 33.18 -55.49
N ASN C 90 1.40 32.79 -54.20
CA ASN C 90 2.54 32.04 -53.67
C ASN C 90 2.09 30.76 -52.92
N PRO C 91 1.72 29.67 -53.63
CA PRO C 91 1.28 28.46 -52.92
C PRO C 91 2.41 27.48 -52.59
N THR C 92 2.19 26.66 -51.55
CA THR C 92 3.14 25.62 -51.12
C THR C 92 2.98 24.40 -52.03
N GLN C 93 4.03 23.55 -52.13
CA GLN C 93 4.02 22.32 -52.95
C GLN C 93 2.91 21.35 -52.51
N ALA C 94 2.55 21.38 -51.20
CA ALA C 94 1.47 20.58 -50.59
C ALA C 94 0.10 21.09 -51.06
N GLU C 95 -0.09 22.43 -51.08
CA GLU C 95 -1.32 23.10 -51.54
C GLU C 95 -1.52 22.86 -53.04
N VAL C 96 -0.39 22.78 -53.80
CA VAL C 96 -0.33 22.53 -55.25
C VAL C 96 -0.88 21.11 -55.54
N LEU C 97 -0.38 20.10 -54.80
CA LEU C 97 -0.80 18.70 -54.95
C LEU C 97 -2.19 18.43 -54.35
N ARG C 98 -2.66 19.28 -53.41
CA ARG C 98 -3.97 19.13 -52.77
C ARG C 98 -5.14 19.48 -53.68
N VAL C 99 -5.03 20.60 -54.44
CA VAL C 99 -6.09 21.06 -55.36
C VAL C 99 -6.26 20.12 -56.56
N LEU C 100 -5.18 19.44 -56.99
CA LEU C 100 -5.21 18.50 -58.12
C LEU C 100 -5.80 17.11 -57.74
N GLY C 101 -6.27 16.97 -56.50
CA GLY C 101 -6.86 15.74 -55.97
C GLY C 101 -5.85 14.64 -55.75
N LYS C 102 -4.64 15.01 -55.27
CA LYS C 102 -3.49 14.14 -54.99
C LYS C 102 -3.03 13.37 -56.26
N PRO C 103 -2.26 14.02 -57.17
CA PRO C 103 -1.83 13.31 -58.39
C PRO C 103 -0.57 12.46 -58.20
N LYS C 104 -0.39 11.47 -59.10
CA LYS C 104 0.77 10.58 -59.11
C LYS C 104 1.94 11.26 -59.85
N GLN C 105 3.16 10.70 -59.74
CA GLN C 105 4.38 11.24 -60.36
C GLN C 105 4.31 11.23 -61.90
N GLU C 106 3.58 10.24 -62.48
CA GLU C 106 3.40 10.12 -63.94
C GLU C 106 2.27 11.04 -64.44
N GLU C 107 1.27 11.33 -63.57
CA GLU C 107 0.13 12.21 -63.88
C GLU C 107 0.57 13.68 -64.04
N LEU C 108 1.65 14.08 -63.35
CA LEU C 108 2.18 15.44 -63.41
C LEU C 108 2.91 15.76 -64.72
N ASN C 109 3.47 14.73 -65.39
CA ASN C 109 4.20 14.88 -66.65
C ASN C 109 3.35 14.58 -67.89
N SER C 110 2.37 13.66 -67.77
CA SER C 110 1.52 13.22 -68.88
C SER C 110 0.10 13.81 -68.89
N LYS C 111 -0.67 13.70 -67.77
CA LYS C 111 -2.06 14.19 -67.67
C LYS C 111 -2.17 15.70 -67.92
N MET C 112 -3.02 16.06 -68.89
CA MET C 112 -3.27 17.44 -69.33
C MET C 112 -4.46 18.07 -68.61
N MET C 113 -4.63 19.41 -68.75
CA MET C 113 -5.71 20.15 -68.09
C MET C 113 -6.14 21.41 -68.84
N ASP C 114 -7.47 21.59 -68.99
CA ASP C 114 -8.09 22.74 -69.65
C ASP C 114 -8.30 23.94 -68.70
N PHE C 115 -8.62 25.12 -69.25
CA PHE C 115 -8.86 26.35 -68.49
C PHE C 115 -10.15 26.32 -67.65
N ASP C 116 -11.18 25.58 -68.09
CA ASP C 116 -12.45 25.45 -67.39
C ASP C 116 -12.33 24.66 -66.08
N THR C 117 -11.29 23.80 -65.98
CA THR C 117 -10.98 22.99 -64.80
C THR C 117 -9.91 23.65 -63.90
N PHE C 118 -9.09 24.57 -64.48
CA PHE C 118 -8.04 25.31 -63.77
C PHE C 118 -8.62 26.44 -62.92
N LEU C 119 -9.66 27.13 -63.43
CA LEU C 119 -10.33 28.25 -62.78
C LEU C 119 -10.90 27.92 -61.37
N PRO C 120 -11.64 26.80 -61.12
CA PRO C 120 -12.13 26.53 -59.73
C PRO C 120 -11.00 26.27 -58.72
N MET C 121 -9.79 25.96 -59.21
CA MET C 121 -8.60 25.71 -58.40
C MET C 121 -7.87 27.00 -58.03
N LEU C 122 -7.83 27.99 -58.97
CA LEU C 122 -7.25 29.32 -58.76
C LEU C 122 -8.09 30.10 -57.73
N GLN C 123 -9.41 29.82 -57.70
CA GLN C 123 -10.40 30.39 -56.77
C GLN C 123 -10.09 29.92 -55.33
N HIS C 124 -9.62 28.66 -55.18
CA HIS C 124 -9.26 28.04 -53.90
C HIS C 124 -7.96 28.60 -53.32
N ILE C 125 -6.95 28.87 -54.17
CA ILE C 125 -5.65 29.41 -53.77
C ILE C 125 -5.77 30.90 -53.38
N SER C 126 -6.60 31.68 -54.13
CA SER C 126 -6.85 33.11 -53.89
C SER C 126 -7.53 33.40 -52.56
N LYS C 127 -8.40 32.48 -52.09
CA LYS C 127 -9.12 32.61 -50.82
C LYS C 127 -8.20 32.47 -49.60
N ASN C 128 -7.01 31.85 -49.77
CA ASN C 128 -6.00 31.67 -48.71
C ASN C 128 -5.34 33.00 -48.37
N LYS C 129 -5.45 33.41 -47.10
CA LYS C 129 -4.90 34.67 -46.58
C LYS C 129 -3.67 34.45 -45.69
N ASP C 130 -3.54 33.24 -45.11
CA ASP C 130 -2.43 32.85 -44.23
C ASP C 130 -1.16 32.52 -45.03
N THR C 131 -0.46 33.57 -45.51
CA THR C 131 0.79 33.48 -46.28
C THR C 131 2.03 33.80 -45.43
N GLY C 132 1.79 34.32 -44.22
CA GLY C 132 2.83 34.70 -43.27
C GLY C 132 3.24 36.14 -43.41
N THR C 133 3.16 36.89 -42.28
CA THR C 133 3.53 38.30 -42.18
C THR C 133 5.05 38.45 -42.31
N TYR C 134 5.54 39.69 -42.53
CA TYR C 134 6.97 40.04 -42.61
C TYR C 134 7.67 39.60 -41.32
N GLU C 135 7.04 39.94 -40.16
CA GLU C 135 7.49 39.61 -38.80
C GLU C 135 7.69 38.11 -38.60
N ASP C 136 6.75 37.28 -39.13
CA ASP C 136 6.78 35.82 -39.07
C ASP C 136 8.01 35.28 -39.81
N PHE C 137 8.28 35.85 -41.00
CA PHE C 137 9.38 35.48 -41.88
C PHE C 137 10.75 35.82 -41.26
N VAL C 138 10.86 37.02 -40.65
CA VAL C 138 12.08 37.50 -39.97
C VAL C 138 12.37 36.64 -38.72
N GLU C 139 11.32 36.34 -37.93
CA GLU C 139 11.41 35.52 -36.72
C GLU C 139 11.92 34.11 -36.96
N GLY C 140 11.54 33.52 -38.10
CA GLY C 140 11.96 32.18 -38.51
C GLY C 140 13.44 32.08 -38.79
N LEU C 141 14.02 33.13 -39.41
CA LEU C 141 15.43 33.20 -39.73
C LEU C 141 16.25 33.63 -38.52
N ARG C 142 15.63 34.40 -37.58
CA ARG C 142 16.23 34.89 -36.34
C ARG C 142 16.72 33.74 -35.44
N VAL C 143 16.03 32.59 -35.48
CA VAL C 143 16.34 31.35 -34.76
C VAL C 143 17.76 30.88 -35.14
N PHE C 144 18.14 31.06 -36.43
CA PHE C 144 19.43 30.66 -36.98
C PHE C 144 20.54 31.73 -36.80
N ASP C 145 20.20 32.88 -36.17
CA ASP C 145 21.13 33.96 -35.86
C ASP C 145 21.66 33.74 -34.42
N LYS C 146 22.67 32.86 -34.30
CA LYS C 146 23.30 32.43 -33.04
C LYS C 146 23.92 33.59 -32.24
N GLU C 147 24.60 34.52 -32.94
CA GLU C 147 25.25 35.70 -32.36
C GLU C 147 24.28 36.76 -31.84
N GLY C 148 23.11 36.87 -32.47
CA GLY C 148 22.08 37.86 -32.13
C GLY C 148 22.46 39.26 -32.54
N ASN C 149 23.16 39.37 -33.70
CA ASN C 149 23.63 40.63 -34.28
C ASN C 149 22.64 41.17 -35.33
N GLY C 150 22.17 40.27 -36.21
CA GLY C 150 21.24 40.58 -37.28
C GLY C 150 21.68 40.00 -38.62
N THR C 151 22.53 38.96 -38.57
CA THR C 151 23.07 38.29 -39.76
C THR C 151 23.29 36.78 -39.52
N VAL C 152 22.86 35.95 -40.51
CA VAL C 152 23.00 34.48 -40.49
C VAL C 152 24.06 34.07 -41.55
N MET C 153 24.97 33.14 -41.18
CA MET C 153 26.04 32.63 -42.05
C MET C 153 25.48 31.97 -43.32
N GLY C 154 26.14 32.24 -44.45
CA GLY C 154 25.80 31.78 -45.78
C GLY C 154 25.47 30.31 -45.93
N ALA C 155 26.44 29.44 -45.57
CA ALA C 155 26.32 27.99 -45.65
C ALA C 155 25.13 27.44 -44.86
N GLU C 156 24.79 28.08 -43.71
CA GLU C 156 23.68 27.70 -42.84
C GLU C 156 22.33 27.91 -43.56
N LEU C 157 22.10 29.10 -44.14
CA LEU C 157 20.87 29.43 -44.87
C LEU C 157 20.68 28.53 -46.10
N ARG C 158 21.80 28.13 -46.75
CA ARG C 158 21.82 27.23 -47.90
C ARG C 158 21.31 25.86 -47.47
N HIS C 159 21.73 25.39 -46.28
CA HIS C 159 21.35 24.10 -45.70
C HIS C 159 19.92 24.09 -45.18
N VAL C 160 19.50 25.18 -44.48
CA VAL C 160 18.16 25.34 -43.89
C VAL C 160 17.07 25.22 -44.95
N LEU C 161 17.16 26.01 -46.03
CA LEU C 161 16.18 26.03 -47.12
C LEU C 161 16.18 24.76 -47.97
N ALA C 162 17.25 23.94 -47.90
CA ALA C 162 17.38 22.70 -48.65
C ALA C 162 17.09 21.42 -47.85
N THR C 163 16.97 21.51 -46.50
CA THR C 163 16.68 20.36 -45.62
C THR C 163 15.36 20.50 -44.87
N LEU C 164 15.14 21.65 -44.21
CA LEU C 164 13.94 21.95 -43.43
C LEU C 164 12.76 22.31 -44.33
N GLY C 165 11.56 21.89 -43.93
CA GLY C 165 10.31 22.11 -44.64
C GLY C 165 10.29 21.54 -46.05
N GLU C 166 9.57 22.22 -46.96
CA GLU C 166 9.47 21.81 -48.37
C GLU C 166 10.75 22.22 -49.10
N LYS C 167 11.79 21.37 -48.95
CA LYS C 167 13.16 21.49 -49.48
C LYS C 167 13.28 22.11 -50.87
N LEU C 168 14.30 22.97 -51.05
CA LEU C 168 14.63 23.62 -52.32
C LEU C 168 15.86 22.92 -52.92
N THR C 169 15.83 22.70 -54.26
CA THR C 169 16.91 22.05 -55.04
C THR C 169 18.22 22.85 -54.91
N GLU C 170 19.38 22.17 -55.04
CA GLU C 170 20.71 22.81 -54.97
C GLU C 170 20.82 23.98 -55.94
N ASP C 171 20.14 23.88 -57.11
CA ASP C 171 20.07 24.93 -58.14
C ASP C 171 19.10 26.03 -57.71
N GLU C 172 17.96 25.66 -57.04
CA GLU C 172 16.96 26.61 -56.54
C GLU C 172 17.55 27.47 -55.42
N VAL C 173 18.46 26.88 -54.61
CA VAL C 173 19.18 27.52 -53.51
C VAL C 173 20.19 28.55 -54.09
N GLU C 174 21.04 28.11 -55.05
CA GLU C 174 22.05 28.93 -55.72
C GLU C 174 21.44 30.13 -56.46
N LYS C 175 20.30 29.90 -57.15
CA LYS C 175 19.55 30.93 -57.89
C LYS C 175 18.94 31.98 -56.95
N LEU C 176 18.54 31.55 -55.74
CA LEU C 176 17.97 32.43 -54.72
C LEU C 176 19.05 33.36 -54.13
N MET C 177 20.28 32.85 -53.95
CA MET C 177 21.39 33.63 -53.41
C MET C 177 22.20 34.31 -54.52
N ALA C 178 21.48 34.90 -55.51
CA ALA C 178 22.03 35.61 -56.68
C ALA C 178 22.78 36.87 -56.25
N GLY C 179 22.11 37.70 -55.45
CA GLY C 179 22.64 38.95 -54.91
C GLY C 179 23.71 38.77 -53.86
N GLN C 180 24.12 37.49 -53.64
CA GLN C 180 25.15 36.99 -52.74
C GLN C 180 25.05 37.51 -51.27
N GLU C 181 26.15 37.33 -50.52
CA GLU C 181 26.33 37.67 -49.11
C GLU C 181 27.49 38.68 -48.96
N ASP C 182 27.87 39.02 -47.72
CA ASP C 182 28.96 39.95 -47.39
C ASP C 182 30.36 39.30 -47.61
N SER C 183 31.44 40.05 -47.26
CA SER C 183 32.86 39.64 -47.38
C SER C 183 33.18 38.34 -46.65
N ASN C 184 32.53 38.12 -45.49
CA ASN C 184 32.67 36.91 -44.66
C ASN C 184 31.50 35.96 -44.96
N GLY C 185 30.37 36.56 -45.33
CA GLY C 185 29.11 35.90 -45.65
C GLY C 185 28.51 35.05 -44.54
N CYS C 186 27.70 35.59 -43.59
CA CYS C 186 27.18 36.95 -43.35
C CYS C 186 26.14 37.41 -44.39
N ILE C 187 24.88 36.92 -44.23
CA ILE C 187 23.70 37.29 -45.02
C ILE C 187 22.79 38.08 -44.09
N ASN C 188 22.47 39.32 -44.45
CA ASN C 188 21.59 40.16 -43.63
C ASN C 188 20.13 39.75 -43.83
N TYR C 189 19.59 38.95 -42.87
CA TYR C 189 18.18 38.55 -42.89
C TYR C 189 17.36 39.82 -42.58
N GLU C 190 16.03 39.79 -42.78
CA GLU C 190 15.18 40.98 -42.59
C GLU C 190 15.30 41.87 -43.84
N ALA C 191 16.52 41.97 -44.41
CA ALA C 191 16.83 42.66 -45.66
C ALA C 191 16.62 41.65 -46.80
N PHE C 192 16.84 40.35 -46.50
CA PHE C 192 16.62 39.22 -47.40
C PHE C 192 15.11 38.95 -47.51
N VAL C 193 14.34 39.28 -46.45
CA VAL C 193 12.88 39.13 -46.41
C VAL C 193 12.25 40.17 -47.33
N LYS C 194 12.85 41.38 -47.37
CA LYS C 194 12.42 42.49 -48.24
C LYS C 194 12.65 42.11 -49.71
N HIS C 195 13.77 41.42 -49.98
CA HIS C 195 14.22 40.94 -51.29
C HIS C 195 13.29 39.88 -51.90
N ILE C 196 12.87 38.86 -51.10
CA ILE C 196 12.02 37.74 -51.54
C ILE C 196 10.51 38.09 -51.52
N MET C 197 10.12 39.19 -50.89
CA MET C 197 8.70 39.58 -50.84
C MET C 197 8.36 40.74 -51.82
N ALA C 198 9.37 41.19 -52.58
CA ALA C 198 9.25 42.25 -53.60
C ALA C 198 9.61 41.74 -55.01
N GLY C 199 10.41 40.67 -55.08
CA GLY C 199 10.84 40.05 -56.33
C GLY C 199 9.74 39.32 -57.07
N PHE D 50 12.77 -40.04 59.95
CA PHE D 50 11.87 -40.85 60.78
C PHE D 50 12.60 -41.41 62.00
N THR D 51 11.93 -41.41 63.17
CA THR D 51 12.46 -41.91 64.45
C THR D 51 12.74 -43.43 64.41
N PRO D 52 13.73 -43.97 65.18
CA PRO D 52 14.01 -45.43 65.10
C PRO D 52 12.83 -46.35 65.39
N GLU D 53 11.90 -45.90 66.27
CA GLU D 53 10.67 -46.62 66.64
C GLU D 53 9.70 -46.67 65.45
N GLN D 54 9.71 -45.62 64.61
CA GLN D 54 8.88 -45.51 63.40
C GLN D 54 9.44 -46.34 62.23
N ILE D 55 10.78 -46.56 62.21
CA ILE D 55 11.48 -47.36 61.19
C ILE D 55 10.96 -48.81 61.25
N GLU D 56 10.75 -49.32 62.49
CA GLU D 56 10.21 -50.66 62.76
C GLU D 56 8.72 -50.77 62.41
N GLU D 57 7.97 -49.64 62.43
CA GLU D 57 6.55 -49.57 62.08
C GLU D 57 6.37 -49.84 60.57
N PHE D 58 7.27 -49.24 59.75
CA PHE D 58 7.29 -49.41 58.29
C PHE D 58 7.79 -50.81 57.95
N LYS D 59 8.77 -51.33 58.73
CA LYS D 59 9.34 -52.66 58.56
C LYS D 59 8.30 -53.75 58.86
N GLU D 60 7.40 -53.50 59.84
CA GLU D 60 6.30 -54.39 60.24
C GLU D 60 5.25 -54.47 59.11
N ALA D 61 4.96 -53.31 58.48
CA ALA D 61 4.00 -53.20 57.38
C ALA D 61 4.57 -53.82 56.10
N PHE D 62 5.90 -53.68 55.88
CA PHE D 62 6.66 -54.20 54.74
C PHE D 62 6.58 -55.73 54.63
N THR D 63 6.54 -56.42 55.79
CA THR D 63 6.45 -57.88 55.88
C THR D 63 5.09 -58.40 55.42
N LEU D 64 3.99 -57.65 55.71
CA LEU D 64 2.62 -58.00 55.33
C LEU D 64 2.41 -58.07 53.80
N PHE D 65 3.25 -57.34 53.04
CA PHE D 65 3.23 -57.27 51.58
C PHE D 65 4.08 -58.35 50.90
N ASP D 66 4.82 -59.18 51.67
CA ASP D 66 5.62 -60.26 51.09
C ASP D 66 4.73 -61.39 50.55
N ARG D 67 4.78 -61.60 49.22
CA ARG D 67 3.99 -62.60 48.49
C ARG D 67 4.83 -63.80 48.03
N THR D 68 6.17 -63.64 47.99
CA THR D 68 7.14 -64.67 47.57
C THR D 68 7.12 -65.92 48.48
N PRO D 69 7.25 -67.15 47.91
CA PRO D 69 7.23 -68.36 48.75
C PRO D 69 8.54 -68.60 49.50
N LYS D 70 9.65 -68.01 49.00
CA LYS D 70 10.99 -68.08 49.59
C LYS D 70 11.14 -67.17 50.82
N CYS D 71 10.17 -66.24 51.03
CA CYS D 71 10.10 -65.27 52.12
C CYS D 71 11.40 -64.47 52.32
N GLU D 72 11.95 -63.95 51.20
CA GLU D 72 13.18 -63.16 51.14
C GLU D 72 12.96 -61.75 51.72
N MET D 73 11.69 -61.35 51.90
CA MET D 73 11.20 -60.05 52.36
C MET D 73 11.65 -58.96 51.39
N LYS D 74 11.17 -59.12 50.14
CA LYS D 74 11.37 -58.29 48.96
C LYS D 74 10.03 -58.24 48.22
N ILE D 75 9.62 -57.03 47.81
CA ILE D 75 8.36 -56.80 47.10
C ILE D 75 8.59 -56.30 45.67
N THR D 76 7.66 -56.62 44.73
CA THR D 76 7.75 -56.19 43.33
C THR D 76 7.59 -54.67 43.19
N TYR D 77 8.20 -54.09 42.14
CA TYR D 77 8.12 -52.66 41.81
C TYR D 77 6.68 -52.20 41.53
N GLY D 78 5.79 -53.15 41.22
CA GLY D 78 4.38 -52.94 40.96
C GLY D 78 3.53 -52.79 42.21
N GLN D 79 3.76 -53.67 43.20
CA GLN D 79 3.03 -53.64 44.47
C GLN D 79 3.54 -52.55 45.42
N CYS D 80 4.66 -51.88 45.05
CA CYS D 80 5.34 -50.80 45.77
C CYS D 80 4.40 -49.68 46.21
N GLY D 81 3.48 -49.29 45.32
CA GLY D 81 2.49 -48.25 45.56
C GLY D 81 1.51 -48.57 46.67
N ASP D 82 0.99 -49.82 46.68
CA ASP D 82 0.04 -50.33 47.68
C ASP D 82 0.60 -50.25 49.10
N VAL D 83 1.94 -50.34 49.24
CA VAL D 83 2.66 -50.25 50.51
C VAL D 83 2.57 -48.80 51.01
N LEU D 84 2.92 -47.83 50.14
CA LEU D 84 2.91 -46.38 50.40
C LEU D 84 1.49 -45.90 50.74
N ARG D 85 0.46 -46.47 50.08
CA ARG D 85 -0.94 -46.15 50.31
C ARG D 85 -1.44 -46.68 51.66
N ALA D 86 -0.95 -47.87 52.06
CA ALA D 86 -1.27 -48.50 53.34
C ALA D 86 -0.61 -47.73 54.50
N LEU D 87 0.54 -47.07 54.21
CA LEU D 87 1.31 -46.26 55.17
C LEU D 87 0.72 -44.83 55.37
N GLY D 88 -0.57 -44.68 55.05
CA GLY D 88 -1.32 -43.43 55.21
C GLY D 88 -1.01 -42.33 54.22
N GLN D 89 -0.37 -42.67 53.10
CA GLN D 89 -0.01 -41.70 52.06
C GLN D 89 -0.88 -41.88 50.81
N ASN D 90 -1.04 -40.83 49.99
CA ASN D 90 -1.86 -40.88 48.78
C ASN D 90 -1.08 -40.39 47.54
N PRO D 91 -0.19 -41.22 46.94
CA PRO D 91 0.56 -40.74 45.76
C PRO D 91 -0.12 -41.03 44.42
N THR D 92 0.19 -40.23 43.39
CA THR D 92 -0.33 -40.41 42.03
C THR D 92 0.49 -41.51 41.33
N GLN D 93 -0.09 -42.16 40.29
CA GLN D 93 0.58 -43.21 39.51
C GLN D 93 1.87 -42.70 38.85
N ALA D 94 1.93 -41.39 38.52
CA ALA D 94 3.08 -40.70 37.94
C ALA D 94 4.20 -40.56 38.99
N GLU D 95 3.84 -40.18 40.24
CA GLU D 95 4.76 -40.04 41.37
C GLU D 95 5.33 -41.41 41.77
N VAL D 96 4.51 -42.47 41.62
CA VAL D 96 4.84 -43.88 41.89
C VAL D 96 5.95 -44.34 40.93
N LEU D 97 5.78 -44.08 39.62
CA LEU D 97 6.74 -44.44 38.57
C LEU D 97 7.98 -43.53 38.57
N ARG D 98 7.88 -42.31 39.13
CA ARG D 98 8.98 -41.34 39.20
C ARG D 98 10.06 -41.72 40.21
N VAL D 99 9.66 -42.17 41.43
CA VAL D 99 10.59 -42.55 42.50
C VAL D 99 11.37 -43.83 42.17
N LEU D 100 10.76 -44.75 41.37
CA LEU D 100 11.38 -46.01 40.95
C LEU D 100 12.41 -45.84 39.80
N GLY D 101 12.65 -44.60 39.39
CA GLY D 101 13.57 -44.23 38.33
C GLY D 101 13.09 -44.62 36.94
N LYS D 102 11.76 -44.47 36.71
CA LYS D 102 11.03 -44.79 35.47
C LYS D 102 11.19 -46.30 35.09
N PRO D 103 10.41 -47.21 35.74
CA PRO D 103 10.55 -48.64 35.41
C PRO D 103 9.74 -49.08 34.19
N LYS D 104 10.15 -50.20 33.59
CA LYS D 104 9.48 -50.81 32.43
C LYS D 104 8.30 -51.66 32.92
N GLN D 105 7.40 -52.07 31.99
CA GLN D 105 6.21 -52.88 32.29
C GLN D 105 6.57 -54.28 32.85
N GLU D 106 7.72 -54.84 32.42
CA GLU D 106 8.22 -56.15 32.88
C GLU D 106 8.95 -56.02 34.23
N GLU D 107 9.56 -54.85 34.51
CA GLU D 107 10.28 -54.55 35.76
C GLU D 107 9.33 -54.46 36.96
N LEU D 108 8.06 -54.07 36.72
CA LEU D 108 7.03 -53.93 37.77
C LEU D 108 6.51 -55.29 38.27
N ASN D 109 6.55 -56.33 37.42
CA ASN D 109 6.08 -57.67 37.75
C ASN D 109 7.21 -58.62 38.20
N SER D 110 8.43 -58.44 37.67
CA SER D 110 9.57 -59.31 37.94
C SER D 110 10.60 -58.73 38.94
N LYS D 111 11.12 -57.49 38.69
CA LYS D 111 12.15 -56.85 39.54
C LYS D 111 11.68 -56.65 41.00
N MET D 112 12.47 -57.19 41.94
CA MET D 112 12.22 -57.16 43.38
C MET D 112 12.89 -55.97 44.07
N MET D 113 12.51 -55.72 45.34
CA MET D 113 13.05 -54.60 46.12
C MET D 113 13.06 -54.85 47.63
N ASP D 114 14.19 -54.51 48.28
CA ASP D 114 14.39 -54.65 49.74
C ASP D 114 13.92 -53.41 50.51
N PHE D 115 13.85 -53.50 51.85
CA PHE D 115 13.41 -52.43 52.74
C PHE D 115 14.41 -51.26 52.84
N ASP D 116 15.72 -51.54 52.68
CA ASP D 116 16.80 -50.53 52.73
C ASP D 116 16.75 -49.58 51.53
N THR D 117 16.16 -50.03 50.41
CA THR D 117 15.99 -49.25 49.18
C THR D 117 14.61 -48.59 49.09
N PHE D 118 13.60 -49.14 49.83
CA PHE D 118 12.23 -48.62 49.89
C PHE D 118 12.12 -47.37 50.76
N LEU D 119 12.87 -47.34 51.89
CA LEU D 119 12.90 -46.25 52.86
C LEU D 119 13.28 -44.86 52.25
N PRO D 120 14.35 -44.70 51.41
CA PRO D 120 14.63 -43.35 50.84
C PRO D 120 13.54 -42.84 49.89
N MET D 121 12.66 -43.74 49.38
CA MET D 121 11.53 -43.39 48.49
C MET D 121 10.34 -42.90 49.31
N LEU D 122 10.05 -43.58 50.45
CA LEU D 122 8.96 -43.22 51.37
C LEU D 122 9.21 -41.83 51.96
N GLN D 123 10.50 -41.46 52.13
CA GLN D 123 10.98 -40.16 52.60
C GLN D 123 10.63 -39.06 51.58
N HIS D 124 10.68 -39.39 50.27
CA HIS D 124 10.38 -38.50 49.15
C HIS D 124 8.87 -38.22 49.01
N ILE D 125 8.02 -39.25 49.24
CA ILE D 125 6.56 -39.13 49.15
C ILE D 125 6.00 -38.34 50.36
N SER D 126 6.56 -38.58 51.56
CA SER D 126 6.17 -37.92 52.82
C SER D 126 6.41 -36.40 52.81
N LYS D 127 7.48 -35.95 52.12
CA LYS D 127 7.84 -34.54 52.00
C LYS D 127 6.85 -33.73 51.14
N ASN D 128 6.07 -34.41 50.28
CA ASN D 128 5.06 -33.79 49.42
C ASN D 128 3.87 -33.32 50.28
N LYS D 129 3.58 -32.02 50.21
CA LYS D 129 2.49 -31.39 50.96
C LYS D 129 1.31 -30.99 50.06
N ASP D 130 1.58 -30.78 48.75
CA ASP D 130 0.57 -30.40 47.75
C ASP D 130 -0.28 -31.58 47.30
N THR D 131 -1.24 -32.00 48.16
CA THR D 131 -2.16 -33.12 47.91
C THR D 131 -3.56 -32.64 47.50
N GLY D 132 -3.82 -31.34 47.65
CA GLY D 132 -5.09 -30.74 47.33
C GLY D 132 -5.99 -30.63 48.54
N THR D 133 -6.47 -29.40 48.82
CA THR D 133 -7.35 -29.07 49.94
C THR D 133 -8.75 -29.68 49.71
N TYR D 134 -9.58 -29.73 50.78
CA TYR D 134 -10.96 -30.23 50.74
C TYR D 134 -11.75 -29.41 49.71
N GLU D 135 -11.59 -28.07 49.75
CA GLU D 135 -12.22 -27.09 48.85
C GLU D 135 -11.89 -27.37 47.39
N ASP D 136 -10.62 -27.71 47.08
CA ASP D 136 -10.14 -28.04 45.73
C ASP D 136 -10.86 -29.28 45.20
N PHE D 137 -11.02 -30.30 46.05
CA PHE D 137 -11.66 -31.58 45.75
C PHE D 137 -13.16 -31.42 45.48
N VAL D 138 -13.85 -30.59 46.30
CA VAL D 138 -15.29 -30.30 46.18
C VAL D 138 -15.56 -29.49 44.90
N GLU D 139 -14.70 -28.48 44.60
CA GLU D 139 -14.78 -27.62 43.42
C GLU D 139 -14.68 -28.39 42.10
N GLY D 140 -13.84 -29.42 42.08
CA GLY D 140 -13.64 -30.27 40.92
C GLY D 140 -14.87 -31.08 40.55
N LEU D 141 -15.60 -31.57 41.56
CA LEU D 141 -16.83 -32.36 41.37
C LEU D 141 -18.02 -31.44 41.10
N ARG D 142 -17.96 -30.18 41.61
CA ARG D 142 -19.00 -29.15 41.46
C ARG D 142 -19.25 -28.81 39.97
N VAL D 143 -18.19 -28.89 39.13
CA VAL D 143 -18.20 -28.68 37.69
C VAL D 143 -19.21 -29.64 37.02
N PHE D 144 -19.29 -30.88 37.55
CA PHE D 144 -20.17 -31.94 37.05
C PHE D 144 -21.60 -31.90 37.65
N ASP D 145 -21.87 -30.93 38.54
CA ASP D 145 -23.18 -30.71 39.16
C ASP D 145 -23.92 -29.65 38.29
N LYS D 146 -24.55 -30.12 37.19
CA LYS D 146 -25.27 -29.33 36.20
C LYS D 146 -26.45 -28.52 36.79
N GLU D 147 -27.22 -29.16 37.69
CA GLU D 147 -28.39 -28.57 38.35
C GLU D 147 -28.03 -27.48 39.38
N GLY D 148 -26.87 -27.62 40.03
CA GLY D 148 -26.40 -26.69 41.05
C GLY D 148 -27.15 -26.84 42.36
N ASN D 149 -27.52 -28.09 42.69
CA ASN D 149 -28.26 -28.48 43.89
C ASN D 149 -27.32 -28.94 45.00
N GLY D 150 -26.35 -29.78 44.64
CA GLY D 150 -25.36 -30.34 45.55
C GLY D 150 -25.20 -31.84 45.40
N THR D 151 -25.59 -32.37 44.22
CA THR D 151 -25.52 -33.80 43.90
C THR D 151 -25.24 -34.05 42.40
N VAL D 152 -24.31 -35.00 42.12
CA VAL D 152 -23.90 -35.40 40.76
C VAL D 152 -24.43 -36.83 40.49
N MET D 153 -24.99 -37.06 39.28
CA MET D 153 -25.55 -38.36 38.86
C MET D 153 -24.50 -39.47 38.87
N GLY D 154 -24.91 -40.64 39.33
CA GLY D 154 -24.08 -41.85 39.49
C GLY D 154 -23.23 -42.23 38.31
N ALA D 155 -23.86 -42.47 37.15
CA ALA D 155 -23.21 -42.87 35.90
C ALA D 155 -22.14 -41.88 35.43
N GLU D 156 -22.35 -40.56 35.69
CA GLU D 156 -21.43 -39.47 35.35
C GLU D 156 -20.12 -39.59 36.14
N LEU D 157 -20.20 -39.73 37.48
CA LEU D 157 -19.04 -39.89 38.37
C LEU D 157 -18.24 -41.15 38.04
N ARG D 158 -18.93 -42.23 37.62
CA ARG D 158 -18.34 -43.50 37.20
C ARG D 158 -17.48 -43.28 35.97
N HIS D 159 -17.98 -42.47 35.01
CA HIS D 159 -17.31 -42.14 33.75
C HIS D 159 -16.15 -41.16 33.94
N VAL D 160 -16.35 -40.12 34.79
CA VAL D 160 -15.35 -39.08 35.08
C VAL D 160 -14.06 -39.68 35.64
N LEU D 161 -14.17 -40.50 36.70
CA LEU D 161 -13.02 -41.13 37.36
C LEU D 161 -12.34 -42.23 36.51
N ALA D 162 -13.03 -42.73 35.47
CA ALA D 162 -12.52 -43.77 34.59
C ALA D 162 -11.98 -43.26 33.24
N THR D 163 -12.23 -41.97 32.88
CA THR D 163 -11.77 -41.36 31.61
C THR D 163 -10.81 -40.18 31.84
N LEU D 164 -11.21 -39.23 32.70
CA LEU D 164 -10.42 -38.03 33.02
C LEU D 164 -9.26 -38.36 33.97
N GLY D 165 -8.12 -37.68 33.76
CA GLY D 165 -6.91 -37.85 34.56
C GLY D 165 -6.33 -39.25 34.53
N GLU D 166 -5.69 -39.67 35.64
CA GLU D 166 -5.11 -41.01 35.80
C GLU D 166 -6.25 -42.01 36.07
N LYS D 167 -6.91 -42.44 34.98
CA LYS D 167 -8.06 -43.36 34.90
C LYS D 167 -8.07 -44.51 35.91
N LEU D 168 -9.26 -44.81 36.48
CA LEU D 168 -9.47 -45.92 37.42
C LEU D 168 -10.18 -47.05 36.68
N THR D 169 -9.77 -48.31 36.96
CA THR D 169 -10.31 -49.54 36.39
C THR D 169 -11.80 -49.68 36.72
N GLU D 170 -12.58 -50.38 35.85
CA GLU D 170 -14.02 -50.62 36.05
C GLU D 170 -14.30 -51.23 37.43
N ASP D 171 -13.36 -52.07 37.93
CA ASP D 171 -13.42 -52.71 39.24
C ASP D 171 -13.04 -51.70 40.33
N GLU D 172 -12.06 -50.81 40.07
CA GLU D 172 -11.60 -49.76 40.98
C GLU D 172 -12.73 -48.74 41.22
N VAL D 173 -13.53 -48.48 40.17
CA VAL D 173 -14.69 -47.58 40.18
C VAL D 173 -15.82 -48.19 41.03
N GLU D 174 -16.19 -49.45 40.77
CA GLU D 174 -17.23 -50.21 41.48
C GLU D 174 -16.91 -50.36 42.98
N LYS D 175 -15.64 -50.64 43.32
CA LYS D 175 -15.15 -50.79 44.69
C LYS D 175 -15.20 -49.46 45.46
N LEU D 176 -15.01 -48.33 44.75
CA LEU D 176 -15.08 -46.98 45.32
C LEU D 176 -16.55 -46.63 45.66
N MET D 177 -17.49 -47.19 44.86
CA MET D 177 -18.93 -47.07 45.03
C MET D 177 -19.45 -48.22 45.90
N ALA D 178 -18.83 -48.41 47.06
CA ALA D 178 -19.15 -49.45 48.05
C ALA D 178 -20.45 -49.12 48.78
N GLY D 179 -20.60 -47.86 49.22
CA GLY D 179 -21.81 -47.38 49.88
C GLY D 179 -22.94 -47.11 48.89
N GLN D 180 -22.60 -47.21 47.58
CA GLN D 180 -23.42 -47.02 46.38
C GLN D 180 -24.08 -45.62 46.33
N GLU D 181 -25.26 -45.51 45.67
CA GLU D 181 -25.99 -44.27 45.42
C GLU D 181 -27.42 -44.23 46.02
N ASP D 182 -28.09 -43.05 45.92
CA ASP D 182 -29.45 -42.82 46.44
C ASP D 182 -30.55 -43.51 45.59
N SER D 183 -31.84 -43.29 45.96
CA SER D 183 -33.04 -43.84 45.30
C SER D 183 -33.12 -43.49 43.80
N ASN D 184 -32.66 -42.28 43.44
CA ASN D 184 -32.62 -41.79 42.06
C ASN D 184 -31.23 -42.08 41.45
N GLY D 185 -30.29 -42.50 42.29
CA GLY D 185 -28.92 -42.78 41.88
C GLY D 185 -28.06 -41.55 41.97
N CYS D 186 -28.37 -40.70 42.98
CA CYS D 186 -27.70 -39.42 43.23
C CYS D 186 -26.59 -39.53 44.27
N ILE D 187 -25.38 -39.08 43.89
CA ILE D 187 -24.20 -39.09 44.76
C ILE D 187 -23.99 -37.69 45.33
N ASN D 188 -24.11 -37.54 46.66
CA ASN D 188 -23.90 -36.28 47.34
C ASN D 188 -22.39 -36.03 47.44
N TYR D 189 -21.84 -35.19 46.51
CA TYR D 189 -20.43 -34.81 46.54
C TYR D 189 -20.24 -33.88 47.75
N GLU D 190 -18.99 -33.62 48.19
CA GLU D 190 -18.69 -32.84 49.41
C GLU D 190 -18.82 -33.80 50.62
N ALA D 191 -19.82 -34.72 50.59
CA ALA D 191 -20.03 -35.78 51.57
C ALA D 191 -19.19 -36.98 51.12
N PHE D 192 -19.00 -37.11 49.79
CA PHE D 192 -18.17 -38.14 49.15
C PHE D 192 -16.69 -37.78 49.35
N VAL D 193 -16.37 -36.48 49.48
CA VAL D 193 -15.02 -35.97 49.70
C VAL D 193 -14.60 -36.32 51.13
N LYS D 194 -15.56 -36.26 52.08
CA LYS D 194 -15.36 -36.61 53.49
C LYS D 194 -15.07 -38.12 53.61
N HIS D 195 -15.77 -38.93 52.79
CA HIS D 195 -15.68 -40.38 52.70
C HIS D 195 -14.31 -40.88 52.21
N ILE D 196 -13.77 -40.28 51.12
CA ILE D 196 -12.49 -40.66 50.50
C ILE D 196 -11.25 -40.04 51.19
N MET D 197 -11.44 -39.03 52.07
CA MET D 197 -10.32 -38.40 52.77
C MET D 197 -10.19 -38.88 54.24
N ALA D 198 -11.08 -39.80 54.66
CA ALA D 198 -11.11 -40.40 56.00
C ALA D 198 -10.91 -41.93 55.96
N GLY D 199 -11.22 -42.54 54.81
CA GLY D 199 -11.09 -43.99 54.60
C GLY D 199 -9.66 -44.47 54.49
#